data_1VTQ
# 
_entry.id   1VTQ 
# 
_audit_conform.dict_name       mmcif_pdbx.dic 
_audit_conform.dict_version    5.383 
_audit_conform.dict_location   http://mmcif.pdb.org/dictionaries/ascii/mmcif_pdbx.dic 
# 
loop_
_database_2.database_id 
_database_2.database_code 
_database_2.pdbx_database_accession 
_database_2.pdbx_DOI 
PDB   1VTQ         pdb_00001vtq 10.2210/pdb1vtq/pdb 
NDB   TRNA05       ?            ?                   
RCSB  RCSB003047   ?            ?                   
WWPDB D_1000003047 ?            ?                   
# 
loop_
_pdbx_audit_revision_history.ordinal 
_pdbx_audit_revision_history.data_content_type 
_pdbx_audit_revision_history.major_revision 
_pdbx_audit_revision_history.minor_revision 
_pdbx_audit_revision_history.revision_date 
1 'Structure model' 1 0 2011-07-13 
2 'Structure model' 1 1 2018-05-30 
3 'Structure model' 1 2 2023-12-27 
# 
_pdbx_audit_revision_details.ordinal             1 
_pdbx_audit_revision_details.revision_ordinal    1 
_pdbx_audit_revision_details.data_content_type   'Structure model' 
_pdbx_audit_revision_details.provider            repository 
_pdbx_audit_revision_details.type                'Initial release' 
_pdbx_audit_revision_details.description         ? 
_pdbx_audit_revision_details.details             ? 
# 
loop_
_pdbx_audit_revision_group.ordinal 
_pdbx_audit_revision_group.revision_ordinal 
_pdbx_audit_revision_group.data_content_type 
_pdbx_audit_revision_group.group 
1 2 'Structure model' 'Data collection'      
2 2 'Structure model' 'Source and taxonomy'  
3 2 'Structure model' 'Structure summary'    
4 3 'Structure model' 'Data collection'      
5 3 'Structure model' 'Database references'  
6 3 'Structure model' 'Derived calculations' 
# 
loop_
_pdbx_audit_revision_category.ordinal 
_pdbx_audit_revision_category.revision_ordinal 
_pdbx_audit_revision_category.data_content_type 
_pdbx_audit_revision_category.category 
1 2 'Structure model' entity              
2 2 'Structure model' pdbx_entity_src_syn 
3 3 'Structure model' chem_comp_atom      
4 3 'Structure model' chem_comp_bond      
5 3 'Structure model' database_2          
6 3 'Structure model' struct_conn         
# 
loop_
_pdbx_audit_revision_item.ordinal 
_pdbx_audit_revision_item.revision_ordinal 
_pdbx_audit_revision_item.data_content_type 
_pdbx_audit_revision_item.item 
1  2 'Structure model' '_entity.pdbx_description'            
2  2 'Structure model' '_entity.src_method'                  
3  3 'Structure model' '_database_2.pdbx_DOI'                
4  3 'Structure model' '_database_2.pdbx_database_accession' 
5  3 'Structure model' '_struct_conn.pdbx_leaving_atom_flag' 
6  3 'Structure model' '_struct_conn.ptnr1_auth_comp_id'     
7  3 'Structure model' '_struct_conn.ptnr1_auth_seq_id'      
8  3 'Structure model' '_struct_conn.ptnr1_label_atom_id'    
9  3 'Structure model' '_struct_conn.ptnr1_label_comp_id'    
10 3 'Structure model' '_struct_conn.ptnr1_label_seq_id'     
11 3 'Structure model' '_struct_conn.ptnr2_auth_comp_id'     
12 3 'Structure model' '_struct_conn.ptnr2_auth_seq_id'      
13 3 'Structure model' '_struct_conn.ptnr2_label_atom_id'    
14 3 'Structure model' '_struct_conn.ptnr2_label_comp_id'    
15 3 'Structure model' '_struct_conn.ptnr2_label_seq_id'     
# 
_pdbx_database_status.status_code                     REL 
_pdbx_database_status.entry_id                        1VTQ 
_pdbx_database_status.recvd_initial_deposition_date   1985-06-11 
_pdbx_database_status.deposit_site                    RCSB 
_pdbx_database_status.process_site                    RCSB 
_pdbx_database_status.SG_entry                        . 
_pdbx_database_status.status_code_sf                  ? 
_pdbx_database_status.status_code_mr                  ? 
_pdbx_database_status.status_code_cs                  ? 
_pdbx_database_status.pdb_format_compatible           Y 
_pdbx_database_status.methods_development_category    ? 
_pdbx_database_status.status_code_nmr_data            ? 
# 
loop_
_audit_author.name 
_audit_author.pdbx_ordinal 
'Comarmond, M.B.' 1 
'Giege, R.'       2 
'Thierry, J.C.'   3 
'Moras, D.'       4 
'Fischer, J.'     5 
# 
loop_
_citation.id 
_citation.title 
_citation.journal_abbrev 
_citation.journal_volume 
_citation.page_first 
_citation.page_last 
_citation.year 
_citation.journal_id_ASTM 
_citation.country 
_citation.journal_id_ISSN 
_citation.journal_id_CSD 
_citation.book_publisher 
_citation.pdbx_database_id_PubMed 
_citation.pdbx_database_id_DOI 
primary 'Three-Dimensional Structure of Yeast T-RNA-ASP. I. Structure Determination' 'Acta Crystallogr.,Sect.B' 42  272 280 1986 
ASBSDK DK 0108-7681 0622 ? ? ? 
1       
'Anticodon-Anticodon Interaction Induces Conformational Changes in T-RNA. Yeast T-RNA-ASP II, a Model for T-RNA-M-RNA Recognition' 
Proc.Natl.Acad.Sci.USA     83  932 936 1986 PNASA6 US 0027-8424 0040 ? ? ? 
2       'Crystallographic Refinement of Yeast Aspartic Acid Transfer RNA' J.Mol.Biol.                184 119 145 1985 JMOBAK UK 
0022-2836 0070 ? ? ? 
3       'Crystal Structure of Yeast T-RNA-ASP. Atomic Coordinates' Biochimie                  67  597 ?   1985 BICMBE FR 0300-9084 
0466 ? ? ? 
4       'Loop Stereochemistry and Dynamics in Transfer RNA' J.Biomol.Struct.Dyn.       1   337 355 1983 JBSDD6 US 0739-1102 0646 ? 
? ? 
5       'Crystal Structure of Yeast T-RNA-ASP' Nature                     288 669 674 1980 NATUAS UK 0028-0836 0006 ? ? ? 
6       'Yeast Transfer RNA-ASP. A New High-Resolution X-Ray Diffracting Crystal Form of a Transfer RNA' J.Mol.Biol. 115 91  96  
1977 JMOBAK UK 0022-2836 0070 ? ? ? 
# 
loop_
_citation_author.citation_id 
_citation_author.name 
_citation_author.ordinal 
_citation_author.identifier_ORCID 
primary 'Comarmond, M.B.' 1  ? 
primary 'Giege, R.'       2  ? 
primary 'Thierry, J.C.'   3  ? 
primary 'Moras, D.'       4  ? 
primary 'Fischer, J.'     5  ? 
1       'Moras, D.'       6  ? 
1       'Dock, A.-C.'     7  ? 
1       'Dumas, P.'       8  ? 
1       'Westhof, E.'     9  ? 
1       'Romby, P.'       10 ? 
1       'Ebel, J.-P.'     11 ? 
1       'Giege, R.'       12 ? 
2       'Westhof, E.'     13 ? 
2       'Dumas, P.'       14 ? 
2       'Moras, D.'       15 ? 
3       'Dumas, P.'       16 ? 
3       'Ebel, J.P.'      17 ? 
3       'Giege, R.'       18 ? 
3       'Moras, D.'       19 ? 
3       'Thierry, J.C.'   20 ? 
3       'Westhof, E.'     21 ? 
4       'Westhof, E.'     22 ? 
4       'Dumas, P.'       23 ? 
4       'Moras, D.'       24 ? 
5       'Moras, D.'       25 ? 
5       'Comarmond, M.B.' 26 ? 
5       'Fischer, J.'     27 ? 
5       'Weiss, R.'       28 ? 
5       'Thierry, J.C.'   29 ? 
5       'Ebel, J.P.'      30 ? 
5       'Giege, R.'       31 ? 
6       'Giege, R.'       32 ? 
6       'Moras, D.'       33 ? 
6       'Thierry, J.C.'   34 ? 
# 
_entity.id                         1 
_entity.type                       polymer 
_entity.src_method                 syn 
_entity.pdbx_description           T-RNA-ASP 
_entity.formula_weight             24181.369 
_entity.pdbx_number_of_molecules   1 
_entity.pdbx_ec                    ? 
_entity.pdbx_mutation              ? 
_entity.pdbx_fragment              ? 
_entity.details                    ? 
# 
_entity_poly.entity_id                      1 
_entity_poly.type                           polyribonucleotide 
_entity_poly.nstd_linkage                   no 
_entity_poly.nstd_monomer                   yes 
_entity_poly.pdbx_seq_one_letter_code       
;UCCGUGAUAGUU(PSU)AA(H2U)GG(H2U)CAGAAUGGGCGC(PSU)UGUC(1MG)CGUGCCAGAU(5MC)GGGG
(5MU)(PSU)CAAUUCCCCGUCGCGGAGCCA
;
_entity_poly.pdbx_seq_one_letter_code_can   UCCGUGAUAGUUUAAUGGUCAGAAUGGGCGCUUGUCGCGUGCCAGAUCGGGGUUCAAUUCCCCGUCGCGGAGCCA 
_entity_poly.pdbx_strand_id                 A 
_entity_poly.pdbx_target_identifier         ? 
# 
loop_
_entity_poly_seq.entity_id 
_entity_poly_seq.num 
_entity_poly_seq.mon_id 
_entity_poly_seq.hetero 
1 1  U   n 
1 2  C   n 
1 3  C   n 
1 4  G   n 
1 5  U   n 
1 6  G   n 
1 7  A   n 
1 8  U   n 
1 9  A   n 
1 10 G   n 
1 11 U   n 
1 12 U   n 
1 13 PSU n 
1 14 A   n 
1 15 A   n 
1 16 H2U n 
1 17 G   n 
1 18 G   n 
1 19 H2U n 
1 20 C   n 
1 21 A   n 
1 22 G   n 
1 23 A   n 
1 24 A   n 
1 25 U   n 
1 26 G   n 
1 27 G   n 
1 28 G   n 
1 29 C   n 
1 30 G   n 
1 31 C   n 
1 32 PSU n 
1 33 U   n 
1 34 G   n 
1 35 U   n 
1 36 C   n 
1 37 1MG n 
1 38 C   n 
1 39 G   n 
1 40 U   n 
1 41 G   n 
1 42 C   n 
1 43 C   n 
1 44 A   n 
1 45 G   n 
1 46 A   n 
1 47 U   n 
1 48 5MC n 
1 49 G   n 
1 50 G   n 
1 51 G   n 
1 52 G   n 
1 53 5MU n 
1 54 PSU n 
1 55 C   n 
1 56 A   n 
1 57 A   n 
1 58 U   n 
1 59 U   n 
1 60 C   n 
1 61 C   n 
1 62 C   n 
1 63 C   n 
1 64 G   n 
1 65 U   n 
1 66 C   n 
1 67 G   n 
1 68 C   n 
1 69 G   n 
1 70 G   n 
1 71 A   n 
1 72 G   n 
1 73 C   n 
1 74 C   n 
1 75 A   n 
# 
_pdbx_entity_src_syn.entity_id              1 
_pdbx_entity_src_syn.pdbx_src_id            1 
_pdbx_entity_src_syn.pdbx_alt_source_flag   sample 
_pdbx_entity_src_syn.pdbx_beg_seq_num       ? 
_pdbx_entity_src_syn.pdbx_end_seq_num       ? 
_pdbx_entity_src_syn.organism_scientific    'synthetic construct' 
_pdbx_entity_src_syn.organism_common_name   ? 
_pdbx_entity_src_syn.ncbi_taxonomy_id       32630 
_pdbx_entity_src_syn.details                ? 
# 
loop_
_chem_comp.id 
_chem_comp.type 
_chem_comp.mon_nstd_flag 
_chem_comp.name 
_chem_comp.pdbx_synonyms 
_chem_comp.formula 
_chem_comp.formula_weight 
1MG 'RNA linking' n "1N-METHYLGUANOSINE-5'-MONOPHOSPHATE" ? 'C11 H16 N5 O8 P' 377.247 
5MC 'RNA linking' n "5-METHYLCYTIDINE-5'-MONOPHOSPHATE"   ? 'C10 H16 N3 O8 P' 337.223 
5MU 'RNA linking' n 
;5-METHYLURIDINE 5'-MONOPHOSPHATE
;
? 'C10 H15 N2 O9 P' 338.208 
A   'RNA linking' y "ADENOSINE-5'-MONOPHOSPHATE"          ? 'C10 H14 N5 O7 P' 347.221 
C   'RNA linking' y "CYTIDINE-5'-MONOPHOSPHATE"           ? 'C9 H14 N3 O8 P'  323.197 
G   'RNA linking' y "GUANOSINE-5'-MONOPHOSPHATE"          ? 'C10 H14 N5 O8 P' 363.221 
H2U 'RNA linking' n "5,6-DIHYDROURIDINE-5'-MONOPHOSPHATE" ? 'C9 H15 N2 O9 P'  326.197 
PSU 'RNA linking' n "PSEUDOURIDINE-5'-MONOPHOSPHATE"      ? 'C9 H13 N2 O9 P'  324.181 
U   'RNA linking' y "URIDINE-5'-MONOPHOSPHATE"            ? 'C9 H13 N2 O9 P'  324.181 
# 
loop_
_pdbx_poly_seq_scheme.asym_id 
_pdbx_poly_seq_scheme.entity_id 
_pdbx_poly_seq_scheme.seq_id 
_pdbx_poly_seq_scheme.mon_id 
_pdbx_poly_seq_scheme.ndb_seq_num 
_pdbx_poly_seq_scheme.pdb_seq_num 
_pdbx_poly_seq_scheme.auth_seq_num 
_pdbx_poly_seq_scheme.pdb_mon_id 
_pdbx_poly_seq_scheme.auth_mon_id 
_pdbx_poly_seq_scheme.pdb_strand_id 
_pdbx_poly_seq_scheme.pdb_ins_code 
_pdbx_poly_seq_scheme.hetero 
A 1 1  U   1  1  1  U   U   A . n 
A 1 2  C   2  2  2  C   C   A . n 
A 1 3  C   3  3  3  C   C   A . n 
A 1 4  G   4  4  4  G   G   A . n 
A 1 5  U   5  5  5  U   U   A . n 
A 1 6  G   6  6  6  G   G   A . n 
A 1 7  A   7  7  7  A   A   A . n 
A 1 8  U   8  8  8  U   U   A . n 
A 1 9  A   9  9  9  A   A   A . n 
A 1 10 G   10 10 10 G   G   A . n 
A 1 11 U   11 11 11 U   U   A . n 
A 1 12 U   12 12 12 U   U   A . n 
A 1 13 PSU 13 13 13 PSU PSU A . n 
A 1 14 A   14 14 14 A   A   A . n 
A 1 15 A   15 15 15 A   A   A . n 
A 1 16 H2U 16 16 16 H2U H2U A . n 
A 1 17 G   17 17 17 G   G   A . n 
A 1 18 G   18 18 18 G   G   A . n 
A 1 19 H2U 19 19 19 H2U H2U A . n 
A 1 20 C   20 20 20 C   C   A . n 
A 1 21 A   21 21 21 A   A   A . n 
A 1 22 G   22 22 22 G   G   A . n 
A 1 23 A   23 23 23 A   A   A . n 
A 1 24 A   24 24 24 A   A   A . n 
A 1 25 U   25 25 25 U   U   A . n 
A 1 26 G   26 26 26 G   G   A . n 
A 1 27 G   27 27 27 G   G   A . n 
A 1 28 G   28 28 28 G   G   A . n 
A 1 29 C   29 29 29 C   C   A . n 
A 1 30 G   30 30 30 G   G   A . n 
A 1 31 C   31 31 31 C   C   A . n 
A 1 32 PSU 32 32 32 PSU PSU A . n 
A 1 33 U   33 33 33 U   U   A . n 
A 1 34 G   34 34 34 G   G   A . n 
A 1 35 U   35 35 35 U   U   A . n 
A 1 36 C   36 36 36 C   C   A . n 
A 1 37 1MG 37 37 37 1MG 1MG A . n 
A 1 38 C   38 38 38 C   C   A . n 
A 1 39 G   39 39 39 G   G   A . n 
A 1 40 U   40 40 40 U   U   A . n 
A 1 41 G   41 41 41 G   G   A . n 
A 1 42 C   42 42 42 C   C   A . n 
A 1 43 C   43 43 43 C   C   A . n 
A 1 44 A   44 44 44 A   A   A . n 
A 1 45 G   45 45 45 G   G   A . n 
A 1 46 A   46 46 46 A   A   A . n 
A 1 47 U   47 47 47 U   U   A . n 
A 1 48 5MC 48 48 48 5MC 5MC A . n 
A 1 49 G   49 49 49 G   G   A . n 
A 1 50 G   50 50 50 G   G   A . n 
A 1 51 G   51 51 51 G   G   A . n 
A 1 52 G   52 52 52 G   G   A . n 
A 1 53 5MU 53 53 53 5MU 5MU A . n 
A 1 54 PSU 54 54 54 PSU PSU A . n 
A 1 55 C   55 55 55 C   C   A . n 
A 1 56 A   56 56 56 A   A   A . n 
A 1 57 A   57 57 57 A   A   A . n 
A 1 58 U   58 58 58 U   U   A . n 
A 1 59 U   59 59 59 U   U   A . n 
A 1 60 C   60 60 60 C   C   A . n 
A 1 61 C   61 61 61 C   C   A . n 
A 1 62 C   62 62 62 C   C   A . n 
A 1 63 C   63 63 63 C   C   A . n 
A 1 64 G   64 64 64 G   G   A . n 
A 1 65 U   65 65 65 U   U   A . n 
A 1 66 C   66 66 66 C   C   A . n 
A 1 67 G   67 67 67 G   G   A . n 
A 1 68 C   68 68 68 C   C   A . n 
A 1 69 G   69 69 69 G   G   A . n 
A 1 70 G   70 70 70 G   G   A . n 
A 1 71 A   71 71 71 A   A   A . n 
A 1 72 G   72 72 72 G   G   A . n 
A 1 73 C   73 73 73 C   C   A . n 
A 1 74 C   74 74 74 C   C   A . n 
A 1 75 A   75 75 75 A   A   A . n 
# 
_software.name             NUCLSQ 
_software.classification   refinement 
_software.version          . 
_software.citation_id      ? 
_software.pdbx_ordinal     1 
_software.date             ? 
_software.type             ? 
_software.location         ? 
_software.language         ? 
# 
_cell.entry_id           1VTQ 
_cell.length_a           60.300 
_cell.length_b           68.000 
_cell.length_c           149.500 
_cell.angle_alpha        90.00 
_cell.angle_beta         90.00 
_cell.angle_gamma        90.00 
_cell.Z_PDB              8 
_cell.pdbx_unique_axis   ? 
_cell.length_a_esd       ? 
_cell.length_b_esd       ? 
_cell.length_c_esd       ? 
_cell.angle_alpha_esd    ? 
_cell.angle_beta_esd     ? 
_cell.angle_gamma_esd    ? 
# 
_symmetry.entry_id                         1VTQ 
_symmetry.space_group_name_H-M             'C 2 2 21' 
_symmetry.pdbx_full_space_group_name_H-M   ? 
_symmetry.cell_setting                     ? 
_symmetry.Int_Tables_number                20 
_symmetry.space_group_name_Hall            ? 
# 
_exptl.entry_id          1VTQ 
_exptl.method            'X-RAY DIFFRACTION' 
_exptl.crystals_number   ? 
# 
_exptl_crystal.id                    1 
_exptl_crystal.density_meas          ? 
_exptl_crystal.density_percent_sol   61.18 
_exptl_crystal.density_Matthews      3.17 
_exptl_crystal.description           ? 
_exptl_crystal.F_000                 ? 
_exptl_crystal.preparation           ? 
# 
_diffrn.id                     1 
_diffrn.ambient_temp           ? 
_diffrn.ambient_temp_details   ? 
_diffrn.crystal_id             1 
# 
_diffrn_radiation.diffrn_id                        1 
_diffrn_radiation.wavelength_id                    1 
_diffrn_radiation.monochromator                    ? 
_diffrn_radiation.pdbx_monochromatic_or_laue_m_l   M 
_diffrn_radiation.pdbx_diffrn_protocol             'SINGLE WAVELENGTH' 
_diffrn_radiation.pdbx_scattering_type             x-ray 
# 
_diffrn_radiation_wavelength.id           1 
_diffrn_radiation_wavelength.wavelength   . 
_diffrn_radiation_wavelength.wt           1.0 
# 
_refine.entry_id                                 1VTQ 
_refine.ls_number_reflns_obs                     4585 
_refine.ls_number_reflns_all                     ? 
_refine.pdbx_ls_sigma_I                          ? 
_refine.pdbx_ls_sigma_F                          2.000 
_refine.pdbx_data_cutoff_high_absF               ? 
_refine.pdbx_data_cutoff_low_absF                ? 
_refine.pdbx_data_cutoff_high_rms_absF           ? 
_refine.ls_d_res_low                             10.000 
_refine.ls_d_res_high                            3.000 
_refine.ls_percent_reflns_obs                    ? 
_refine.ls_R_factor_obs                          0.2350000 
_refine.ls_R_factor_all                          ? 
_refine.ls_R_factor_R_work                       ? 
_refine.ls_R_factor_R_free                       ? 
_refine.ls_R_factor_R_free_error                 ? 
_refine.ls_R_factor_R_free_error_details         ? 
_refine.ls_percent_reflns_R_free                 ? 
_refine.ls_number_reflns_R_free                  ? 
_refine.ls_number_parameters                     ? 
_refine.ls_number_restraints                     ? 
_refine.occupancy_min                            ? 
_refine.occupancy_max                            ? 
_refine.B_iso_mean                               ? 
_refine.aniso_B[1][1]                            ? 
_refine.aniso_B[2][2]                            ? 
_refine.aniso_B[3][3]                            ? 
_refine.aniso_B[1][2]                            ? 
_refine.aniso_B[1][3]                            ? 
_refine.aniso_B[2][3]                            ? 
_refine.solvent_model_details                    ? 
_refine.solvent_model_param_ksol                 ? 
_refine.solvent_model_param_bsol                 ? 
_refine.pdbx_ls_cross_valid_method               ? 
_refine.details                                  
;TWO NON-ISOMORPHOUS INDEPENDENT CRYSTAL FORMS, REFERRED TO  
AS A FORM AND B FORM, HAVE BEEN GROWN AND SOLVED            
INDEPENDENTLY.  THE COORDINATES PRESENTED IN THIS ENTRY ARE 
FOR THE B FORM.
;
_refine.pdbx_starting_model                      ? 
_refine.pdbx_method_to_determine_struct          ? 
_refine.pdbx_isotropic_thermal_model             ? 
_refine.pdbx_stereochemistry_target_values       ? 
_refine.pdbx_stereochem_target_val_spec_case     ? 
_refine.pdbx_R_Free_selection_details            ? 
_refine.pdbx_overall_ESU_R_Free                  ? 
_refine.overall_SU_ML                            ? 
_refine.overall_SU_B                             ? 
_refine.ls_redundancy_reflns_obs                 ? 
_refine.correlation_coeff_Fo_to_Fc               ? 
_refine.correlation_coeff_Fo_to_Fc_free          ? 
_refine.overall_SU_R_Cruickshank_DPI             ? 
_refine.overall_SU_R_free                        ? 
_refine.pdbx_refine_id                           'X-RAY DIFFRACTION' 
_refine.pdbx_diffrn_id                           1 
_refine.pdbx_overall_phase_error                 ? 
_refine.pdbx_solvent_vdw_probe_radii             ? 
_refine.pdbx_solvent_ion_probe_radii             ? 
_refine.pdbx_solvent_shrinkage_radii             ? 
_refine.ls_wR_factor_R_free                      ? 
_refine.ls_wR_factor_R_work                      ? 
_refine.overall_FOM_free_R_set                   ? 
_refine.overall_FOM_work_R_set                   ? 
_refine.pdbx_overall_ESU_R                       ? 
_refine.pdbx_TLS_residual_ADP_flag               ? 
_refine.pdbx_overall_SU_R_free_Cruickshank_DPI   ? 
_refine.pdbx_overall_SU_R_Blow_DPI               ? 
_refine.pdbx_overall_SU_R_free_Blow_DPI          ? 
# 
_refine_hist.pdbx_refine_id                   'X-RAY DIFFRACTION' 
_refine_hist.cycle_id                         LAST 
_refine_hist.pdbx_number_atoms_protein        0 
_refine_hist.pdbx_number_atoms_nucleic_acid   1602 
_refine_hist.pdbx_number_atoms_ligand         0 
_refine_hist.number_atoms_solvent             0 
_refine_hist.number_atoms_total               1602 
_refine_hist.d_res_high                       3.000 
_refine_hist.d_res_low                        10.000 
# 
_struct.entry_id                  1VTQ 
_struct.title                     'THREE-DIMENSIONAL STRUCTURE OF YEAST T-RNA-ASP. I. STRUCTURE DETERMINATION' 
_struct.pdbx_model_details        ? 
_struct.pdbx_CASP_flag            ? 
_struct.pdbx_model_type_details   ? 
# 
_struct_keywords.entry_id        1VTQ 
_struct_keywords.pdbx_keywords   RNA 
_struct_keywords.text            'T-RNA, SINGLE STRAND, LOOPS, RNA' 
# 
_struct_asym.id                            A 
_struct_asym.pdbx_blank_PDB_chainid_flag   N 
_struct_asym.pdbx_modified                 N 
_struct_asym.entity_id                     1 
_struct_asym.details                       ? 
# 
_struct_ref.id                         1 
_struct_ref.db_name                    PDB 
_struct_ref.db_code                    1VTQ 
_struct_ref.pdbx_db_accession          1VTQ 
_struct_ref.entity_id                  1 
_struct_ref.pdbx_align_begin           ? 
_struct_ref.pdbx_seq_one_letter_code   ? 
_struct_ref.pdbx_db_isoform            ? 
# 
_struct_ref_seq.align_id                      1 
_struct_ref_seq.ref_id                        1 
_struct_ref_seq.pdbx_PDB_id_code              1VTQ 
_struct_ref_seq.pdbx_strand_id                A 
_struct_ref_seq.seq_align_beg                 1 
_struct_ref_seq.pdbx_seq_align_beg_ins_code   ? 
_struct_ref_seq.seq_align_end                 75 
_struct_ref_seq.pdbx_seq_align_end_ins_code   ? 
_struct_ref_seq.pdbx_db_accession             1VTQ 
_struct_ref_seq.db_align_beg                  1 
_struct_ref_seq.pdbx_db_align_beg_ins_code    ? 
_struct_ref_seq.db_align_end                  75 
_struct_ref_seq.pdbx_db_align_end_ins_code    ? 
_struct_ref_seq.pdbx_auth_seq_align_beg       1 
_struct_ref_seq.pdbx_auth_seq_align_end       75 
# 
_pdbx_struct_assembly.id                   1 
_pdbx_struct_assembly.details              author_defined_assembly 
_pdbx_struct_assembly.method_details       ? 
_pdbx_struct_assembly.oligomeric_details   monomeric 
_pdbx_struct_assembly.oligomeric_count     1 
# 
_pdbx_struct_assembly_gen.assembly_id       1 
_pdbx_struct_assembly_gen.oper_expression   1 
_pdbx_struct_assembly_gen.asym_id_list      A 
# 
_pdbx_struct_oper_list.id                   1 
_pdbx_struct_oper_list.type                 'identity operation' 
_pdbx_struct_oper_list.name                 1_555 
_pdbx_struct_oper_list.symmetry_operation   x,y,z 
_pdbx_struct_oper_list.matrix[1][1]         1.0000000000 
_pdbx_struct_oper_list.matrix[1][2]         0.0000000000 
_pdbx_struct_oper_list.matrix[1][3]         0.0000000000 
_pdbx_struct_oper_list.vector[1]            0.0000000000 
_pdbx_struct_oper_list.matrix[2][1]         0.0000000000 
_pdbx_struct_oper_list.matrix[2][2]         1.0000000000 
_pdbx_struct_oper_list.matrix[2][3]         0.0000000000 
_pdbx_struct_oper_list.vector[2]            0.0000000000 
_pdbx_struct_oper_list.matrix[3][1]         0.0000000000 
_pdbx_struct_oper_list.matrix[3][2]         0.0000000000 
_pdbx_struct_oper_list.matrix[3][3]         1.0000000000 
_pdbx_struct_oper_list.vector[3]            0.0000000000 
# 
loop_
_struct_conn.id 
_struct_conn.conn_type_id 
_struct_conn.pdbx_leaving_atom_flag 
_struct_conn.pdbx_PDB_id 
_struct_conn.ptnr1_label_asym_id 
_struct_conn.ptnr1_label_comp_id 
_struct_conn.ptnr1_label_seq_id 
_struct_conn.ptnr1_label_atom_id 
_struct_conn.pdbx_ptnr1_label_alt_id 
_struct_conn.pdbx_ptnr1_PDB_ins_code 
_struct_conn.pdbx_ptnr1_standard_comp_id 
_struct_conn.ptnr1_symmetry 
_struct_conn.ptnr2_label_asym_id 
_struct_conn.ptnr2_label_comp_id 
_struct_conn.ptnr2_label_seq_id 
_struct_conn.ptnr2_label_atom_id 
_struct_conn.pdbx_ptnr2_label_alt_id 
_struct_conn.pdbx_ptnr2_PDB_ins_code 
_struct_conn.ptnr1_auth_asym_id 
_struct_conn.ptnr1_auth_comp_id 
_struct_conn.ptnr1_auth_seq_id 
_struct_conn.ptnr2_auth_asym_id 
_struct_conn.ptnr2_auth_comp_id 
_struct_conn.ptnr2_auth_seq_id 
_struct_conn.ptnr2_symmetry 
_struct_conn.pdbx_ptnr3_label_atom_id 
_struct_conn.pdbx_ptnr3_label_seq_id 
_struct_conn.pdbx_ptnr3_label_comp_id 
_struct_conn.pdbx_ptnr3_label_asym_id 
_struct_conn.pdbx_ptnr3_label_alt_id 
_struct_conn.pdbx_ptnr3_PDB_ins_code 
_struct_conn.details 
_struct_conn.pdbx_dist_value 
_struct_conn.pdbx_value_order 
_struct_conn.pdbx_role 
covale1  covale both ? A U   12 "O3'" ? ? ? 1_555 A PSU 13 P  ? ? A U   12 A PSU 13 1_555 ? ? ? ? ? ? ?                       
1.594 ? ? 
covale2  covale both ? A PSU 13 "O3'" ? ? ? 1_555 A A   14 P  ? ? A PSU 13 A A   14 1_555 ? ? ? ? ? ? ?                       
1.592 ? ? 
covale3  covale both ? A A   15 "O3'" ? ? ? 1_555 A H2U 16 P  ? ? A A   15 A H2U 16 1_555 ? ? ? ? ? ? ?                       
1.603 ? ? 
covale4  covale both ? A H2U 16 "O3'" ? ? ? 1_555 A G   17 P  ? ? A H2U 16 A G   17 1_555 ? ? ? ? ? ? ?                       
1.634 ? ? 
covale5  covale both ? A G   18 "O3'" ? ? ? 1_555 A H2U 19 P  ? ? A G   18 A H2U 19 1_555 ? ? ? ? ? ? ?                       
1.591 ? ? 
covale6  covale both ? A H2U 19 "O3'" ? ? ? 1_555 A C   20 P  ? ? A H2U 19 A C   20 1_555 ? ? ? ? ? ? ?                       
1.641 ? ? 
covale7  covale both ? A C   31 "O3'" ? ? ? 1_555 A PSU 32 P  ? ? A C   31 A PSU 32 1_555 ? ? ? ? ? ? ?                       
1.606 ? ? 
covale8  covale both ? A PSU 32 "O3'" ? ? ? 1_555 A U   33 P  ? ? A PSU 32 A U   33 1_555 ? ? ? ? ? ? ?                       
1.592 ? ? 
covale9  covale both ? A C   36 "O3'" ? ? ? 1_555 A 1MG 37 P  ? ? A C   36 A 1MG 37 1_555 ? ? ? ? ? ? ?                       
1.631 ? ? 
covale10 covale both ? A 1MG 37 "O3'" ? ? ? 1_555 A C   38 P  ? ? A 1MG 37 A C   38 1_555 ? ? ? ? ? ? ?                       
1.622 ? ? 
covale11 covale both ? A U   47 "O3'" ? ? ? 1_555 A 5MC 48 P  ? ? A U   47 A 5MC 48 1_555 ? ? ? ? ? ? ?                       
1.632 ? ? 
covale12 covale both ? A 5MC 48 "O3'" ? ? ? 1_555 A G   49 P  ? ? A 5MC 48 A G   49 1_555 ? ? ? ? ? ? ?                       
1.586 ? ? 
covale13 covale both ? A G   52 "O3'" ? ? ? 1_555 A 5MU 53 P  ? ? A G   52 A 5MU 53 1_555 ? ? ? ? ? ? ?                       
1.619 ? ? 
covale14 covale both ? A 5MU 53 "O3'" ? ? ? 1_555 A PSU 54 P  ? ? A 5MU 53 A PSU 54 1_555 ? ? ? ? ? ? ?                       
1.616 ? ? 
covale15 covale both ? A PSU 54 "O3'" ? ? ? 1_555 A C   55 P  ? ? A PSU 54 A C   55 1_555 ? ? ? ? ? ? ?                       
1.613 ? ? 
hydrog1  hydrog ?    ? A U   1  N3    ? ? ? 1_555 A A   71 N1 ? ? A U   1  A A   71 1_555 ? ? ? ? ? ? WATSON-CRICK            ? ? 
? 
hydrog2  hydrog ?    ? A U   1  O4    ? ? ? 1_555 A A   71 N6 ? ? A U   1  A A   71 1_555 ? ? ? ? ? ? WATSON-CRICK            ? ? 
? 
hydrog3  hydrog ?    ? A C   2  N3    ? ? ? 1_555 A G   70 N1 ? ? A C   2  A G   70 1_555 ? ? ? ? ? ? WATSON-CRICK            ? ? 
? 
hydrog4  hydrog ?    ? A C   2  N4    ? ? ? 1_555 A G   70 O6 ? ? A C   2  A G   70 1_555 ? ? ? ? ? ? WATSON-CRICK            ? ? 
? 
hydrog5  hydrog ?    ? A C   2  O2    ? ? ? 1_555 A G   70 N2 ? ? A C   2  A G   70 1_555 ? ? ? ? ? ? WATSON-CRICK            ? ? 
? 
hydrog6  hydrog ?    ? A C   3  N3    ? ? ? 1_555 A G   69 N1 ? ? A C   3  A G   69 1_555 ? ? ? ? ? ? WATSON-CRICK            ? ? 
? 
hydrog7  hydrog ?    ? A C   3  N4    ? ? ? 1_555 A G   69 O6 ? ? A C   3  A G   69 1_555 ? ? ? ? ? ? WATSON-CRICK            ? ? 
? 
hydrog8  hydrog ?    ? A C   3  O2    ? ? ? 1_555 A G   69 N2 ? ? A C   3  A G   69 1_555 ? ? ? ? ? ? WATSON-CRICK            ? ? 
? 
hydrog9  hydrog ?    ? A G   4  N1    ? ? ? 1_555 A C   68 N3 ? ? A G   4  A C   68 1_555 ? ? ? ? ? ? WATSON-CRICK            ? ? 
? 
hydrog10 hydrog ?    ? A G   4  N2    ? ? ? 1_555 A C   68 O2 ? ? A G   4  A C   68 1_555 ? ? ? ? ? ? WATSON-CRICK            ? ? 
? 
hydrog11 hydrog ?    ? A G   4  O6    ? ? ? 1_555 A C   68 N4 ? ? A G   4  A C   68 1_555 ? ? ? ? ? ? WATSON-CRICK            ? ? 
? 
hydrog12 hydrog ?    ? A U   5  N3    ? ? ? 1_555 A G   67 O6 ? ? A U   5  A G   67 1_555 ? ? ? ? ? ? TYPE_28_PAIR            ? ? 
? 
hydrog13 hydrog ?    ? A U   5  O2    ? ? ? 1_555 A G   67 N1 ? ? A U   5  A G   67 1_555 ? ? ? ? ? ? TYPE_28_PAIR            ? ? 
? 
hydrog14 hydrog ?    ? A G   6  N1    ? ? ? 1_555 A C   66 N3 ? ? A G   6  A C   66 1_555 ? ? ? ? ? ? WATSON-CRICK            ? ? 
? 
hydrog15 hydrog ?    ? A G   6  N2    ? ? ? 1_555 A C   66 O2 ? ? A G   6  A C   66 1_555 ? ? ? ? ? ? WATSON-CRICK            ? ? 
? 
hydrog16 hydrog ?    ? A G   6  O6    ? ? ? 1_555 A C   66 N4 ? ? A G   6  A C   66 1_555 ? ? ? ? ? ? WATSON-CRICK            ? ? 
? 
hydrog17 hydrog ?    ? A A   7  N1    ? ? ? 1_555 A U   65 N3 ? ? A A   7  A U   65 1_555 ? ? ? ? ? ? WATSON-CRICK            ? ? 
? 
hydrog18 hydrog ?    ? A A   7  N6    ? ? ? 1_555 A U   65 O4 ? ? A A   7  A U   65 1_555 ? ? ? ? ? ? WATSON-CRICK            ? ? 
? 
hydrog19 hydrog ?    ? A U   8  N3    ? ? ? 1_555 A A   14 N7 ? ? A U   8  A A   14 1_555 ? ? ? ? ? ? 'REVERSED HOOGSTEEN'    ? ? 
? 
hydrog20 hydrog ?    ? A U   8  O2    ? ? ? 1_555 A A   14 N6 ? ? A U   8  A A   14 1_555 ? ? ? ? ? ? 'REVERSED HOOGSTEEN'    ? ? 
? 
hydrog21 hydrog ?    ? A A   9  N6    ? ? ? 1_555 A A   23 N7 ? ? A A   9  A A   23 1_555 ? ? ? ? ? ? TYPE_2_PAIR             ? ? 
? 
hydrog22 hydrog ?    ? A A   9  N7    ? ? ? 1_555 A A   23 N6 ? ? A A   9  A A   23 1_555 ? ? ? ? ? ? TYPE_2_PAIR             ? ? 
? 
hydrog23 hydrog ?    ? A G   10 N1    ? ? ? 1_555 A U   25 O2 ? ? A G   10 A U   25 1_555 ? ? ? ? ? ? TYPE_28_PAIR            ? ? 
? 
hydrog24 hydrog ?    ? A G   10 O6    ? ? ? 1_555 A U   25 N3 ? ? A G   10 A U   25 1_555 ? ? ? ? ? ? TYPE_28_PAIR            ? ? 
? 
hydrog25 hydrog ?    ? A G   10 O6    ? ? ? 1_555 A G   45 N2 ? ? A G   10 A G   45 1_555 ? ? ? ? ? ? 'G-G MISPAIR'           ? ? 
? 
hydrog26 hydrog ?    ? A U   11 N3    ? ? ? 1_555 A A   24 N1 ? ? A U   11 A A   24 1_555 ? ? ? ? ? ? WATSON-CRICK            ? ? 
? 
hydrog27 hydrog ?    ? A U   11 O4    ? ? ? 1_555 A A   24 N6 ? ? A U   11 A A   24 1_555 ? ? ? ? ? ? WATSON-CRICK            ? ? 
? 
hydrog28 hydrog ?    ? A U   12 N3    ? ? ? 1_555 A A   23 N1 ? ? A U   12 A A   23 1_555 ? ? ? ? ? ? WATSON-CRICK            ? ? 
? 
hydrog29 hydrog ?    ? A U   12 O4    ? ? ? 1_555 A A   23 N6 ? ? A U   12 A A   23 1_555 ? ? ? ? ? ? WATSON-CRICK            ? ? 
? 
hydrog30 hydrog ?    ? A PSU 13 N3    ? ? ? 1_555 A G   22 O6 ? ? A PSU 13 A G   22 1_555 ? ? ? ? ? ? TYPE_27_PAIR            ? ? 
? 
hydrog31 hydrog ?    ? A PSU 13 O4    ? ? ? 1_555 A G   22 N1 ? ? A PSU 13 A G   22 1_555 ? ? ? ? ? ? TYPE_27_PAIR            ? ? 
? 
hydrog32 hydrog ?    ? A A   14 N6    ? ? ? 1_555 A A   21 N3 ? ? A A   14 A A   21 1_555 ? ? ? ? ? ? 'A-A MISPAIR'           ? ? 
? 
hydrog33 hydrog ?    ? A A   15 N1    ? ? ? 1_555 A U   47 N3 ? ? A A   15 A U   47 1_555 ? ? ? ? ? ? 'REVERSED WATSON-CRICK' ? ? 
? 
hydrog34 hydrog ?    ? A A   15 N6    ? ? ? 1_555 A U   47 O2 ? ? A A   15 A U   47 1_555 ? ? ? ? ? ? 'REVERSED WATSON-CRICK' ? ? 
? 
hydrog35 hydrog ?    ? A G   17 N2    ? ? ? 1_555 A PSU 54 O4 ? ? A G   17 A PSU 54 1_555 ? ? ? ? ? ? 'G-PSU MISPAIR'         ? ? 
? 
hydrog36 hydrog ?    ? A G   22 N7    ? ? ? 1_555 A A   46 N6 ? ? A G   22 A A   46 1_555 ? ? ? ? ? ? 'G-A MISPAIR'           ? ? 
? 
hydrog37 hydrog ?    ? A G   26 N1    ? ? ? 1_555 A A   44 N1 ? ? A G   26 A A   44 1_555 ? ? ? ? ? ? TYPE_8_PAIR             ? ? 
? 
hydrog38 hydrog ?    ? A G   26 O6    ? ? ? 1_555 A A   44 N6 ? ? A G   26 A A   44 1_555 ? ? ? ? ? ? TYPE_8_PAIR             ? ? 
? 
hydrog39 hydrog ?    ? A G   27 N1    ? ? ? 1_555 A C   43 N3 ? ? A G   27 A C   43 1_555 ? ? ? ? ? ? WATSON-CRICK            ? ? 
? 
hydrog40 hydrog ?    ? A G   27 N2    ? ? ? 1_555 A C   43 O2 ? ? A G   27 A C   43 1_555 ? ? ? ? ? ? WATSON-CRICK            ? ? 
? 
hydrog41 hydrog ?    ? A G   27 O6    ? ? ? 1_555 A C   43 N4 ? ? A G   27 A C   43 1_555 ? ? ? ? ? ? WATSON-CRICK            ? ? 
? 
hydrog42 hydrog ?    ? A G   28 N1    ? ? ? 1_555 A C   42 N3 ? ? A G   28 A C   42 1_555 ? ? ? ? ? ? WATSON-CRICK            ? ? 
? 
hydrog43 hydrog ?    ? A G   28 N2    ? ? ? 1_555 A C   42 O2 ? ? A G   28 A C   42 1_555 ? ? ? ? ? ? WATSON-CRICK            ? ? 
? 
hydrog44 hydrog ?    ? A G   28 O6    ? ? ? 1_555 A C   42 N4 ? ? A G   28 A C   42 1_555 ? ? ? ? ? ? WATSON-CRICK            ? ? 
? 
hydrog45 hydrog ?    ? A C   29 N3    ? ? ? 1_555 A G   41 N1 ? ? A C   29 A G   41 1_555 ? ? ? ? ? ? WATSON-CRICK            ? ? 
? 
hydrog46 hydrog ?    ? A C   29 N4    ? ? ? 1_555 A G   41 O6 ? ? A C   29 A G   41 1_555 ? ? ? ? ? ? WATSON-CRICK            ? ? 
? 
hydrog47 hydrog ?    ? A C   29 O2    ? ? ? 1_555 A G   41 N2 ? ? A C   29 A G   41 1_555 ? ? ? ? ? ? WATSON-CRICK            ? ? 
? 
hydrog48 hydrog ?    ? A G   30 N1    ? ? ? 1_555 A U   40 O2 ? ? A G   30 A U   40 1_555 ? ? ? ? ? ? TYPE_28_PAIR            ? ? 
? 
hydrog49 hydrog ?    ? A G   30 O6    ? ? ? 1_555 A U   40 N3 ? ? A G   30 A U   40 1_555 ? ? ? ? ? ? TYPE_28_PAIR            ? ? 
? 
hydrog50 hydrog ?    ? A C   31 N3    ? ? ? 1_555 A G   39 N1 ? ? A C   31 A G   39 1_555 ? ? ? ? ? ? WATSON-CRICK            ? ? 
? 
hydrog51 hydrog ?    ? A C   31 N4    ? ? ? 1_555 A G   39 O6 ? ? A C   31 A G   39 1_555 ? ? ? ? ? ? WATSON-CRICK            ? ? 
? 
hydrog52 hydrog ?    ? A C   31 O2    ? ? ? 1_555 A G   39 N2 ? ? A C   31 A G   39 1_555 ? ? ? ? ? ? WATSON-CRICK            ? ? 
? 
hydrog53 hydrog ?    ? A PSU 32 O4    ? ? ? 1_555 A C   38 N4 ? ? A PSU 32 A C   38 1_555 ? ? ? ? ? ? 'PSU-C MISPAIR'         ? ? 
? 
hydrog54 hydrog ?    ? A 5MC 48 N3    ? ? ? 1_555 A G   64 N1 ? ? A 5MC 48 A G   64 1_555 ? ? ? ? ? ? WATSON-CRICK            ? ? 
? 
hydrog55 hydrog ?    ? A 5MC 48 N4    ? ? ? 1_555 A G   64 O6 ? ? A 5MC 48 A G   64 1_555 ? ? ? ? ? ? WATSON-CRICK            ? ? 
? 
hydrog56 hydrog ?    ? A 5MC 48 O2    ? ? ? 1_555 A G   64 N2 ? ? A 5MC 48 A G   64 1_555 ? ? ? ? ? ? WATSON-CRICK            ? ? 
? 
hydrog57 hydrog ?    ? A G   49 N1    ? ? ? 1_555 A C   63 N3 ? ? A G   49 A C   63 1_555 ? ? ? ? ? ? WATSON-CRICK            ? ? 
? 
hydrog58 hydrog ?    ? A G   49 N2    ? ? ? 1_555 A C   63 O2 ? ? A G   49 A C   63 1_555 ? ? ? ? ? ? WATSON-CRICK            ? ? 
? 
hydrog59 hydrog ?    ? A G   49 O6    ? ? ? 1_555 A C   63 N4 ? ? A G   49 A C   63 1_555 ? ? ? ? ? ? WATSON-CRICK            ? ? 
? 
hydrog60 hydrog ?    ? A G   50 N1    ? ? ? 1_555 A C   62 N3 ? ? A G   50 A C   62 1_555 ? ? ? ? ? ? WATSON-CRICK            ? ? 
? 
hydrog61 hydrog ?    ? A G   50 N2    ? ? ? 1_555 A C   62 O2 ? ? A G   50 A C   62 1_555 ? ? ? ? ? ? WATSON-CRICK            ? ? 
? 
hydrog62 hydrog ?    ? A G   50 O6    ? ? ? 1_555 A C   62 N4 ? ? A G   50 A C   62 1_555 ? ? ? ? ? ? WATSON-CRICK            ? ? 
? 
hydrog63 hydrog ?    ? A G   51 N1    ? ? ? 1_555 A C   61 N3 ? ? A G   51 A C   61 1_555 ? ? ? ? ? ? WATSON-CRICK            ? ? 
? 
hydrog64 hydrog ?    ? A G   51 N2    ? ? ? 1_555 A C   61 O2 ? ? A G   51 A C   61 1_555 ? ? ? ? ? ? WATSON-CRICK            ? ? 
? 
hydrog65 hydrog ?    ? A G   51 O6    ? ? ? 1_555 A C   61 N4 ? ? A G   51 A C   61 1_555 ? ? ? ? ? ? WATSON-CRICK            ? ? 
? 
hydrog66 hydrog ?    ? A G   52 N1    ? ? ? 1_555 A C   60 N3 ? ? A G   52 A C   60 1_555 ? ? ? ? ? ? WATSON-CRICK            ? ? 
? 
hydrog67 hydrog ?    ? A G   52 N2    ? ? ? 1_555 A C   60 O2 ? ? A G   52 A C   60 1_555 ? ? ? ? ? ? WATSON-CRICK            ? ? 
? 
hydrog68 hydrog ?    ? A G   52 O6    ? ? ? 1_555 A C   60 N4 ? ? A G   52 A C   60 1_555 ? ? ? ? ? ? WATSON-CRICK            ? ? 
? 
hydrog69 hydrog ?    ? A 5MU 53 N3    ? ? ? 1_555 A A   57 N7 ? ? A 5MU 53 A A   57 1_555 ? ? ? ? ? ? 'REVERSED HOOGSTEEN'    ? ? 
? 
hydrog70 hydrog ?    ? A 5MU 53 O2    ? ? ? 1_555 A A   57 N6 ? ? A 5MU 53 A A   57 1_555 ? ? ? ? ? ? 'REVERSED HOOGSTEEN'    ? ? 
? 
# 
loop_
_struct_conn_type.id 
_struct_conn_type.criteria 
_struct_conn_type.reference 
covale ? ? 
hydrog ? ? 
# 
loop_
_pdbx_validate_symm_contact.id 
_pdbx_validate_symm_contact.PDB_model_num 
_pdbx_validate_symm_contact.auth_atom_id_1 
_pdbx_validate_symm_contact.auth_asym_id_1 
_pdbx_validate_symm_contact.auth_comp_id_1 
_pdbx_validate_symm_contact.auth_seq_id_1 
_pdbx_validate_symm_contact.PDB_ins_code_1 
_pdbx_validate_symm_contact.label_alt_id_1 
_pdbx_validate_symm_contact.site_symmetry_1 
_pdbx_validate_symm_contact.auth_atom_id_2 
_pdbx_validate_symm_contact.auth_asym_id_2 
_pdbx_validate_symm_contact.auth_comp_id_2 
_pdbx_validate_symm_contact.auth_seq_id_2 
_pdbx_validate_symm_contact.PDB_ins_code_2 
_pdbx_validate_symm_contact.label_alt_id_2 
_pdbx_validate_symm_contact.site_symmetry_2 
_pdbx_validate_symm_contact.dist 
1  1 N7    A G   17 ? ? 1_555 "O4'" A C 74 ? ? 5_455 0.94 
2  1 "O5'" A G   17 ? ? 1_555 O2    A C 74 ? ? 5_455 1.00 
3  1 OP2   A G   17 ? ? 1_555 "O4'" A A 75 ? ? 5_455 1.06 
4  1 C8    A G   17 ? ? 1_555 "C1'" A C 74 ? ? 5_455 1.22 
5  1 "O4'" A C   60 ? ? 1_555 OP1   A A 75 ? ? 5_455 1.34 
6  1 "C4'" A C   60 ? ? 1_555 OP1   A A 75 ? ? 5_455 1.53 
7  1 P     A G   17 ? ? 1_555 O2    A C 74 ? ? 5_455 1.54 
8  1 N7    A G   17 ? ? 1_555 "C1'" A C 74 ? ? 5_455 1.66 
9  1 C8    A G   17 ? ? 1_555 "O4'" A C 74 ? ? 5_455 1.70 
10 1 OP2   A G   17 ? ? 1_555 "C1'" A A 75 ? ? 5_455 1.75 
11 1 OP1   A G   17 ? ? 1_555 "C2'" A C 74 ? ? 5_455 1.78 
12 1 N7    A G   17 ? ? 1_555 "C4'" A C 74 ? ? 5_455 1.81 
13 1 "C4'" A H2U 16 ? ? 1_555 N3    A A 75 ? ? 5_455 1.89 
14 1 P     A G   17 ? ? 1_555 "O4'" A A 75 ? ? 5_455 2.00 
15 1 "O3'" A H2U 16 ? ? 1_555 N9    A A 75 ? ? 5_455 2.07 
16 1 OP1   A G   17 ? ? 1_555 C2    A C 74 ? ? 5_455 2.07 
17 1 OP1   A G   17 ? ? 1_555 O2    A C 74 ? ? 5_455 2.12 
18 1 OP1   A G   17 ? ? 1_555 N1    A C 74 ? ? 5_455 2.13 
19 1 "O4'" A H2U 16 ? ? 1_555 N3    A A 75 ? ? 5_455 2.13 
20 1 "C5'" A C   60 ? ? 1_555 OP1   A A 75 ? ? 5_455 2.18 
21 1 "O5'" A G   17 ? ? 1_555 C2    A C 74 ? ? 5_455 2.19 
# 
loop_
_pdbx_validate_rmsd_bond.id 
_pdbx_validate_rmsd_bond.PDB_model_num 
_pdbx_validate_rmsd_bond.auth_atom_id_1 
_pdbx_validate_rmsd_bond.auth_asym_id_1 
_pdbx_validate_rmsd_bond.auth_comp_id_1 
_pdbx_validate_rmsd_bond.auth_seq_id_1 
_pdbx_validate_rmsd_bond.PDB_ins_code_1 
_pdbx_validate_rmsd_bond.label_alt_id_1 
_pdbx_validate_rmsd_bond.auth_atom_id_2 
_pdbx_validate_rmsd_bond.auth_asym_id_2 
_pdbx_validate_rmsd_bond.auth_comp_id_2 
_pdbx_validate_rmsd_bond.auth_seq_id_2 
_pdbx_validate_rmsd_bond.PDB_ins_code_2 
_pdbx_validate_rmsd_bond.label_alt_id_2 
_pdbx_validate_rmsd_bond.bond_value 
_pdbx_validate_rmsd_bond.bond_target_value 
_pdbx_validate_rmsd_bond.bond_deviation 
_pdbx_validate_rmsd_bond.bond_standard_deviation 
_pdbx_validate_rmsd_bond.linker_flag 
1  1 "C5'" A C 73 ? ? "C4'" A C 73 ? ? 1.452 1.508 -0.056 0.007 N 
2  1 C2    A C 73 ? ? O2    A C 73 ? ? 1.184 1.240 -0.056 0.009 N 
3  1 C4    A C 73 ? ? N4    A C 73 ? ? 1.276 1.335 -0.059 0.009 N 
4  1 C2    A C 73 ? ? N3    A C 73 ? ? 1.408 1.353 0.055  0.008 N 
5  1 N3    A C 73 ? ? C4    A C 73 ? ? 1.268 1.335 -0.067 0.007 N 
6  1 C4    A C 73 ? ? C5    A C 73 ? ? 1.514 1.425 0.089  0.008 N 
7  1 C5    A C 73 ? ? C6    A C 73 ? ? 1.426 1.339 0.087  0.008 N 
8  1 "O3'" A C 73 ? ? P     A C 74 ? ? 1.521 1.607 -0.086 0.012 Y 
9  1 "C5'" A C 74 ? ? "C4'" A C 74 ? ? 1.463 1.508 -0.045 0.007 N 
10 1 "O4'" A C 74 ? ? "C4'" A C 74 ? ? 1.529 1.454 0.075  0.010 N 
11 1 C4    A C 74 ? ? N4    A C 74 ? ? 1.397 1.335 0.062  0.009 N 
12 1 N1    A C 74 ? ? C6    A C 74 ? ? 1.304 1.367 -0.063 0.006 N 
13 1 "O3'" A C 74 ? ? P     A A 75 ? ? 1.522 1.607 -0.085 0.012 Y 
14 1 "O5'" A A 75 ? ? "C5'" A A 75 ? ? 1.364 1.420 -0.056 0.009 N 
15 1 "C2'" A A 75 ? ? "C1'" A A 75 ? ? 1.446 1.526 -0.080 0.008 N 
16 1 "O4'" A A 75 ? ? "C4'" A A 75 ? ? 1.529 1.454 0.075  0.010 N 
17 1 "C2'" A A 75 ? ? "O2'" A A 75 ? ? 1.506 1.420 0.086  0.010 N 
18 1 N3    A A 75 ? ? C4    A A 75 ? ? 1.436 1.344 0.092  0.006 N 
19 1 N7    A A 75 ? ? C8    A A 75 ? ? 1.242 1.311 -0.069 0.007 N 
20 1 N9    A A 75 ? ? C4    A A 75 ? ? 1.313 1.374 -0.061 0.006 N 
# 
loop_
_pdbx_validate_rmsd_angle.id 
_pdbx_validate_rmsd_angle.PDB_model_num 
_pdbx_validate_rmsd_angle.auth_atom_id_1 
_pdbx_validate_rmsd_angle.auth_asym_id_1 
_pdbx_validate_rmsd_angle.auth_comp_id_1 
_pdbx_validate_rmsd_angle.auth_seq_id_1 
_pdbx_validate_rmsd_angle.PDB_ins_code_1 
_pdbx_validate_rmsd_angle.label_alt_id_1 
_pdbx_validate_rmsd_angle.auth_atom_id_2 
_pdbx_validate_rmsd_angle.auth_asym_id_2 
_pdbx_validate_rmsd_angle.auth_comp_id_2 
_pdbx_validate_rmsd_angle.auth_seq_id_2 
_pdbx_validate_rmsd_angle.PDB_ins_code_2 
_pdbx_validate_rmsd_angle.label_alt_id_2 
_pdbx_validate_rmsd_angle.auth_atom_id_3 
_pdbx_validate_rmsd_angle.auth_asym_id_3 
_pdbx_validate_rmsd_angle.auth_comp_id_3 
_pdbx_validate_rmsd_angle.auth_seq_id_3 
_pdbx_validate_rmsd_angle.PDB_ins_code_3 
_pdbx_validate_rmsd_angle.label_alt_id_3 
_pdbx_validate_rmsd_angle.angle_value 
_pdbx_validate_rmsd_angle.angle_target_value 
_pdbx_validate_rmsd_angle.angle_deviation 
_pdbx_validate_rmsd_angle.angle_standard_deviation 
_pdbx_validate_rmsd_angle.linker_flag 
1   1 N1    A U   1  ? ? C2    A U   1  ? ? N3    A U   1  ? ? 118.52 114.90 3.62   0.60 N 
2   1 C2    A U   1  ? ? N3    A U   1  ? ? C4    A U   1  ? ? 122.23 127.00 -4.77  0.60 N 
3   1 N3    A U   1  ? ? C4    A U   1  ? ? C5    A U   1  ? ? 118.96 114.60 4.36   0.60 N 
4   1 "C3'" A U   1  ? ? "O3'" A U   1  ? ? P     A C   2  ? ? 137.86 119.70 18.16  1.20 Y 
5   1 OP1   A C   2  ? ? P     A C   2  ? ? OP2   A C   2  ? ? 109.09 119.60 -10.51 1.50 N 
6   1 "O5'" A C   3  ? ? "C5'" A C   3  ? ? "C4'" A C   3  ? ? 104.52 109.40 -4.88  0.80 N 
7   1 OP1   A G   4  ? ? P     A G   4  ? ? OP2   A G   4  ? ? 109.52 119.60 -10.08 1.50 N 
8   1 C5    A G   4  ? ? C6    A G   4  ? ? N1    A G   4  ? ? 114.70 111.50 3.20   0.50 N 
9   1 N1    A U   5  ? ? C2    A U   5  ? ? N3    A U   5  ? ? 119.73 114.90 4.83   0.60 N 
10  1 C2    A U   5  ? ? N3    A U   5  ? ? C4    A U   5  ? ? 120.25 127.00 -6.75  0.60 N 
11  1 N3    A U   5  ? ? C4    A U   5  ? ? C5    A U   5  ? ? 120.14 114.60 5.54   0.60 N 
12  1 C5    A G   6  ? ? C6    A G   6  ? ? N1    A G   6  ? ? 114.55 111.50 3.05   0.50 N 
13  1 "O4'" A A   7  ? ? "C1'" A A   7  ? ? N9    A A   7  ? ? 114.80 108.50 6.30   0.70 N 
14  1 "O5'" A U   8  ? ? "C5'" A U   8  ? ? "C4'" A U   8  ? ? 104.33 109.40 -5.07  0.80 N 
15  1 P     A U   8  ? ? "O5'" A U   8  ? ? "C5'" A U   8  ? ? 110.13 120.90 -10.77 1.60 N 
16  1 C2    A U   8  ? ? N3    A U   8  ? ? C4    A U   8  ? ? 122.50 127.00 -4.50  0.60 N 
17  1 N3    A U   8  ? ? C4    A U   8  ? ? C5    A U   8  ? ? 118.96 114.60 4.36   0.60 N 
18  1 "O5'" A A   9  ? ? "C5'" A A   9  ? ? "C4'" A A   9  ? ? 103.65 109.40 -5.75  0.80 N 
19  1 N1    A A   9  ? ? C2    A A   9  ? ? N3    A A   9  ? ? 126.15 129.30 -3.15  0.50 N 
20  1 "O5'" A G   10 ? ? "C5'" A G   10 ? ? "C4'" A G   10 ? ? 101.00 109.40 -8.40  0.80 N 
21  1 "O5'" A U   11 ? ? "C5'" A U   11 ? ? "C4'" A U   11 ? ? 97.40  109.40 -12.00 0.80 N 
22  1 C2    A U   11 ? ? N3    A U   11 ? ? C4    A U   11 ? ? 123.06 127.00 -3.94  0.60 N 
23  1 N3    A U   11 ? ? C4    A U   11 ? ? C5    A U   11 ? ? 118.88 114.60 4.28   0.60 N 
24  1 C2    A U   12 ? ? N3    A U   12 ? ? C4    A U   12 ? ? 122.66 127.00 -4.34  0.60 N 
25  1 N3    A U   12 ? ? C4    A U   12 ? ? C5    A U   12 ? ? 119.16 114.60 4.56   0.60 N 
26  1 N1    A A   15 ? ? C2    A A   15 ? ? N3    A A   15 ? ? 125.98 129.30 -3.32  0.50 N 
27  1 "C3'" A H2U 16 ? ? "O3'" A H2U 16 ? ? P     A G   17 ? ? 110.02 119.70 -9.68  1.20 Y 
28  1 "O5'" A G   17 ? ? "C5'" A G   17 ? ? "C4'" A G   17 ? ? 102.32 109.40 -7.08  0.80 N 
29  1 OP1   A G   18 ? ? P     A G   18 ? ? OP2   A G   18 ? ? 110.46 119.60 -9.14  1.50 N 
30  1 "C3'" A G   18 ? ? "O3'" A G   18 ? ? P     A H2U 19 ? ? 132.50 119.70 12.80  1.20 Y 
31  1 N3    A C   20 ? ? C4    A C   20 ? ? C5    A C   20 ? ? 119.45 121.90 -2.45  0.40 N 
32  1 "C3'" A A   21 ? ? "O3'" A A   21 ? ? P     A G   22 ? ? 127.74 119.70 8.04   1.20 Y 
33  1 OP1   A G   22 ? ? P     A G   22 ? ? OP2   A G   22 ? ? 109.63 119.60 -9.97  1.50 N 
34  1 "O5'" A G   22 ? ? "C5'" A G   22 ? ? "C4'" A G   22 ? ? 103.94 109.40 -5.46  0.80 N 
35  1 C6    A A   23 ? ? N1    A A   23 ? ? C2    A A   23 ? ? 122.34 118.60 3.74   0.60 N 
36  1 N1    A A   23 ? ? C2    A A   23 ? ? N3    A A   23 ? ? 125.88 129.30 -3.42  0.50 N 
37  1 C5    A A   23 ? ? C6    A A   23 ? ? N1    A A   23 ? ? 114.60 117.70 -3.10  0.50 N 
38  1 "O4'" A A   24 ? ? "C1'" A A   24 ? ? N9    A A   24 ? ? 112.94 108.50 4.44   0.70 N 
39  1 C6    A A   24 ? ? N1    A A   24 ? ? C2    A A   24 ? ? 122.74 118.60 4.14   0.60 N 
40  1 N1    A A   24 ? ? C2    A A   24 ? ? N3    A A   24 ? ? 126.06 129.30 -3.24  0.50 N 
41  1 C5    A A   24 ? ? C6    A A   24 ? ? N1    A A   24 ? ? 114.47 117.70 -3.23  0.50 N 
42  1 "O5'" A U   25 ? ? "C5'" A U   25 ? ? "C4'" A U   25 ? ? 104.28 109.40 -5.12  0.80 N 
43  1 C2    A U   25 ? ? N3    A U   25 ? ? C4    A U   25 ? ? 123.06 127.00 -3.94  0.60 N 
44  1 N3    A U   25 ? ? C4    A U   25 ? ? C5    A U   25 ? ? 118.60 114.60 4.00   0.60 N 
45  1 "O4'" A G   26 ? ? "C1'" A G   26 ? ? N9    A G   26 ? ? 113.35 108.50 4.85   0.70 N 
46  1 C5    A G   26 ? ? C6    A G   26 ? ? N1    A G   26 ? ? 114.52 111.50 3.02   0.50 N 
47  1 "C3'" A G   27 ? ? "O3'" A G   27 ? ? P     A G   28 ? ? 112.23 119.70 -7.47  1.20 Y 
48  1 "O5'" A G   28 ? ? P     A G   28 ? ? OP2   A G   28 ? ? 118.70 110.70 8.00   1.20 N 
49  1 "O5'" A G   28 ? ? "C5'" A G   28 ? ? "C4'" A G   28 ? ? 102.26 109.40 -7.14  0.80 N 
50  1 "O4'" A G   28 ? ? "C1'" A G   28 ? ? N9    A G   28 ? ? 102.91 108.20 -5.29  0.80 N 
51  1 "O5'" A C   29 ? ? "C5'" A C   29 ? ? "C4'" A C   29 ? ? 104.07 109.40 -5.33  0.80 N 
52  1 N3    A C   29 ? ? C4    A C   29 ? ? C5    A C   29 ? ? 119.20 121.90 -2.70  0.40 N 
53  1 "O4'" A C   31 ? ? "C1'" A C   31 ? ? N1    A C   31 ? ? 114.64 108.50 6.14   0.70 N 
54  1 "C3'" A PSU 32 ? ? "O3'" A PSU 32 ? ? P     A U   33 ? ? 133.02 119.70 13.32  1.20 Y 
55  1 C2    A U   33 ? ? N3    A U   33 ? ? C4    A U   33 ? ? 122.33 127.00 -4.67  0.60 N 
56  1 N3    A U   33 ? ? C4    A U   33 ? ? C5    A U   33 ? ? 118.91 114.60 4.31   0.60 N 
57  1 "C3'" A U   33 ? ? "O3'" A U   33 ? ? P     A G   34 ? ? 129.34 119.70 9.64   1.20 Y 
58  1 OP1   A G   34 ? ? P     A G   34 ? ? OP2   A G   34 ? ? 110.57 119.60 -9.03  1.50 N 
59  1 "O4'" A G   34 ? ? "C1'" A G   34 ? ? N9    A G   34 ? ? 114.86 108.50 6.36   0.70 N 
60  1 C5    A G   34 ? ? C6    A G   34 ? ? N1    A G   34 ? ? 114.79 111.50 3.29   0.50 N 
61  1 "O4'" A U   35 ? ? "C1'" A U   35 ? ? N1    A U   35 ? ? 113.26 108.50 4.76   0.70 N 
62  1 C2    A U   35 ? ? N3    A U   35 ? ? C4    A U   35 ? ? 121.73 127.00 -5.27  0.60 N 
63  1 N3    A U   35 ? ? C4    A U   35 ? ? C5    A U   35 ? ? 119.33 114.60 4.73   0.60 N 
64  1 "C3'" A U   35 ? ? "O3'" A U   35 ? ? P     A C   36 ? ? 128.13 119.70 8.43   1.20 Y 
65  1 "O5'" A C   36 ? ? "C5'" A C   36 ? ? "C4'" A C   36 ? ? 103.31 109.40 -6.09  0.80 N 
66  1 "C3'" A C   36 ? ? "O3'" A C   36 ? ? P     A 1MG 37 ? ? 111.93 119.70 -7.77  1.20 Y 
67  1 "O5'" A C   38 ? ? "C5'" A C   38 ? ? "C4'" A C   38 ? ? 101.84 109.40 -7.56  0.80 N 
68  1 "O4'" A U   40 ? ? "C1'" A U   40 ? ? N1    A U   40 ? ? 113.13 108.50 4.63   0.70 N 
69  1 C2    A U   40 ? ? N3    A U   40 ? ? C4    A U   40 ? ? 122.10 127.00 -4.90  0.60 N 
70  1 N3    A U   40 ? ? C4    A U   40 ? ? C5    A U   40 ? ? 119.24 114.60 4.64   0.60 N 
71  1 C5    A G   41 ? ? C6    A G   41 ? ? N1    A G   41 ? ? 114.74 111.50 3.24   0.50 N 
72  1 "O5'" A C   42 ? ? "C5'" A C   42 ? ? "C4'" A C   42 ? ? 102.62 109.40 -6.78  0.80 N 
73  1 N1    A C   42 ? ? "C1'" A C   42 ? ? "C2'" A C   42 ? ? 105.17 112.00 -6.83  1.10 N 
74  1 "O5'" A C   43 ? ? "C5'" A C   43 ? ? "C4'" A C   43 ? ? 104.06 109.40 -5.34  0.80 N 
75  1 N9    A G   45 ? ? "C1'" A G   45 ? ? "C2'" A G   45 ? ? 105.08 112.00 -6.92  1.10 N 
76  1 "O4'" A G   45 ? ? "C1'" A G   45 ? ? N9    A G   45 ? ? 118.38 108.50 9.88   0.70 N 
77  1 C5    A G   45 ? ? C6    A G   45 ? ? N1    A G   45 ? ? 114.99 111.50 3.49   0.50 N 
78  1 N1    A A   46 ? ? C2    A A   46 ? ? N3    A A   46 ? ? 126.19 129.30 -3.11  0.50 N 
79  1 OP1   A U   47 ? ? P     A U   47 ? ? OP2   A U   47 ? ? 107.51 119.60 -12.09 1.50 N 
80  1 C2    A U   47 ? ? N3    A U   47 ? ? C4    A U   47 ? ? 121.62 127.00 -5.38  0.60 N 
81  1 N3    A U   47 ? ? C4    A U   47 ? ? C5    A U   47 ? ? 119.56 114.60 4.96   0.60 N 
82  1 "C3'" A U   47 ? ? "O3'" A U   47 ? ? P     A 5MC 48 ? ? 112.36 119.70 -7.34  1.20 Y 
83  1 "O5'" A G   49 ? ? "C5'" A G   49 ? ? "C4'" A G   49 ? ? 102.51 109.40 -6.89  0.80 N 
84  1 "O5'" A G   50 ? ? "C5'" A G   50 ? ? "C4'" A G   50 ? ? 103.52 109.40 -5.88  0.80 N 
85  1 C5    A G   50 ? ? C6    A G   50 ? ? N1    A G   50 ? ? 114.57 111.50 3.07   0.50 N 
86  1 "O5'" A G   51 ? ? P     A G   51 ? ? OP2   A G   51 ? ? 119.52 110.70 8.82   1.20 N 
87  1 N1    A C   55 ? ? "C1'" A C   55 ? ? "C2'" A C   55 ? ? 105.25 112.00 -6.75  1.10 N 
88  1 "O4'" A C   55 ? ? "C1'" A C   55 ? ? N1    A C   55 ? ? 115.35 108.50 6.85   0.70 N 
89  1 N1    A A   56 ? ? C2    A A   56 ? ? N3    A A   56 ? ? 126.17 129.30 -3.13  0.50 N 
90  1 "C3'" A A   56 ? ? "O3'" A A   56 ? ? P     A A   57 ? ? 134.32 119.70 14.62  1.20 Y 
91  1 N1    A A   57 ? ? C2    A A   57 ? ? N3    A A   57 ? ? 126.21 129.30 -3.09  0.50 N 
92  1 C5    A A   57 ? ? C6    A A   57 ? ? N1    A A   57 ? ? 114.40 117.70 -3.30  0.50 N 
93  1 C2    A U   58 ? ? N3    A U   58 ? ? C4    A U   58 ? ? 121.45 127.00 -5.55  0.60 N 
94  1 N3    A U   58 ? ? C4    A U   58 ? ? C5    A U   58 ? ? 119.88 114.60 5.28   0.60 N 
95  1 "O4'" A U   59 ? ? "C1'" A U   59 ? ? N1    A U   59 ? ? 113.44 108.50 4.94   0.70 N 
96  1 N1    A U   59 ? ? C2    A U   59 ? ? N3    A U   59 ? ? 118.63 114.90 3.73   0.60 N 
97  1 C2    A U   59 ? ? N3    A U   59 ? ? C4    A U   59 ? ? 122.15 127.00 -4.85  0.60 N 
98  1 N3    A U   59 ? ? C4    A U   59 ? ? C5    A U   59 ? ? 118.77 114.60 4.17   0.60 N 
99  1 "C3'" A U   59 ? ? "O3'" A U   59 ? ? P     A C   60 ? ? 107.84 119.70 -11.86 1.20 Y 
100 1 OP1   A C   61 ? ? P     A C   61 ? ? OP2   A C   61 ? ? 110.36 119.60 -9.24  1.50 N 
101 1 "O4'" A C   61 ? ? "C1'" A C   61 ? ? N1    A C   61 ? ? 113.37 108.50 4.87   0.70 N 
102 1 OP1   A C   62 ? ? P     A C   62 ? ? OP2   A C   62 ? ? 109.51 119.60 -10.09 1.50 N 
103 1 "O5'" A C   62 ? ? P     A C   62 ? ? OP2   A C   62 ? ? 119.26 110.70 8.56   1.20 N 
104 1 N3    A C   62 ? ? C4    A C   62 ? ? C5    A C   62 ? ? 118.91 121.90 -2.99  0.40 N 
105 1 OP1   A C   63 ? ? P     A C   63 ? ? OP2   A C   63 ? ? 109.13 119.60 -10.47 1.50 N 
106 1 "O5'" A C   63 ? ? "C5'" A C   63 ? ? "C4'" A C   63 ? ? 103.09 109.40 -6.31  0.80 N 
107 1 "C3'" A C   63 ? ? "O3'" A C   63 ? ? P     A G   64 ? ? 110.96 119.70 -8.74  1.20 Y 
108 1 OP1   A U   65 ? ? P     A U   65 ? ? OP2   A U   65 ? ? 109.20 119.60 -10.40 1.50 N 
109 1 "O5'" A U   65 ? ? "C5'" A U   65 ? ? "C4'" A U   65 ? ? 102.59 109.40 -6.81  0.80 N 
110 1 C2    A U   65 ? ? N3    A U   65 ? ? C4    A U   65 ? ? 122.39 127.00 -4.61  0.60 N 
111 1 N3    A U   65 ? ? C4    A U   65 ? ? C5    A U   65 ? ? 118.96 114.60 4.36   0.60 N 
112 1 C2    A C   66 ? ? N3    A C   66 ? ? C4    A C   66 ? ? 123.15 119.90 3.25   0.50 N 
113 1 N3    A C   66 ? ? C4    A C   66 ? ? C5    A C   66 ? ? 119.15 121.90 -2.75  0.40 N 
114 1 "O5'" A G   67 ? ? "C5'" A G   67 ? ? "C4'" A G   67 ? ? 102.72 109.40 -6.68  0.80 N 
115 1 "C3'" A G   67 ? ? "O3'" A G   67 ? ? P     A C   68 ? ? 131.03 119.70 11.33  1.20 Y 
116 1 "O5'" A G   69 ? ? "C5'" A G   69 ? ? "C4'" A G   69 ? ? 103.84 109.40 -5.56  0.80 N 
117 1 "O5'" A A   71 ? ? "C5'" A A   71 ? ? "C4'" A A   71 ? ? 104.27 109.40 -5.13  0.80 N 
118 1 N1    A A   71 ? ? C2    A A   71 ? ? N3    A A   71 ? ? 126.07 129.30 -3.23  0.50 N 
119 1 C5    A G   72 ? ? C6    A G   72 ? ? N1    A G   72 ? ? 114.54 111.50 3.04   0.50 N 
120 1 OP1   A C   73 ? ? P     A C   73 ? ? OP2   A C   73 ? ? 109.77 119.60 -9.83  1.50 N 
121 1 C4    A C   73 ? ? C5    A C   73 ? ? C6    A C   73 ? ? 112.69 117.40 -4.71  0.50 N 
122 1 "O4'" A C   74 ? ? "C1'" A C   74 ? ? N1    A C   74 ? ? 103.05 108.20 -5.15  0.80 N 
123 1 C2    A C   74 ? ? N3    A C   74 ? ? C4    A C   74 ? ? 123.50 119.90 3.60   0.50 N 
124 1 N1    A A   75 ? ? C2    A A   75 ? ? N3    A A   75 ? ? 132.95 129.30 3.65   0.50 N 
125 1 N9    A A   75 ? ? C4    A A   75 ? ? C5    A A   75 ? ? 109.00 105.80 3.20   0.40 N 
# 
loop_
_pdbx_struct_mod_residue.id 
_pdbx_struct_mod_residue.label_asym_id 
_pdbx_struct_mod_residue.label_comp_id 
_pdbx_struct_mod_residue.label_seq_id 
_pdbx_struct_mod_residue.auth_asym_id 
_pdbx_struct_mod_residue.auth_comp_id 
_pdbx_struct_mod_residue.auth_seq_id 
_pdbx_struct_mod_residue.PDB_ins_code 
_pdbx_struct_mod_residue.parent_comp_id 
_pdbx_struct_mod_residue.details 
1 A PSU 13 A PSU 13 ? U "PSEUDOURIDINE-5'-MONOPHOSPHATE"      
2 A H2U 16 A H2U 16 ? U "5,6-DIHYDROURIDINE-5'-MONOPHOSPHATE" 
3 A H2U 19 A H2U 19 ? U "5,6-DIHYDROURIDINE-5'-MONOPHOSPHATE" 
4 A PSU 32 A PSU 32 ? U "PSEUDOURIDINE-5'-MONOPHOSPHATE"      
5 A 1MG 37 A 1MG 37 ? G "1N-METHYLGUANOSINE-5'-MONOPHOSPHATE" 
6 A 5MC 48 A 5MC 48 ? C "5-METHYLCYTIDINE-5'-MONOPHOSPHATE"   
7 A 5MU 53 A 5MU 53 ? U 
;5-METHYLURIDINE 5'-MONOPHOSPHATE
;
8 A PSU 54 A PSU 54 ? U "PSEUDOURIDINE-5'-MONOPHOSPHATE"      
# 
loop_
_chem_comp_atom.comp_id 
_chem_comp_atom.atom_id 
_chem_comp_atom.type_symbol 
_chem_comp_atom.pdbx_aromatic_flag 
_chem_comp_atom.pdbx_stereo_config 
_chem_comp_atom.pdbx_ordinal 
1MG P      P N N 1   
1MG OP1    O N N 2   
1MG OP2    O N N 3   
1MG OP3    O N N 4   
1MG "O5'"  O N N 5   
1MG "C5'"  C N N 6   
1MG "C4'"  C N R 7   
1MG "O4'"  O N N 8   
1MG "C3'"  C N S 9   
1MG "O3'"  O N N 10  
1MG "C2'"  C N R 11  
1MG "O2'"  O N N 12  
1MG "C1'"  C N R 13  
1MG N9     N Y N 14  
1MG C8     C Y N 15  
1MG N7     N Y N 16  
1MG C5     C Y N 17  
1MG C6     C N N 18  
1MG O6     O N N 19  
1MG N1     N N N 20  
1MG CM1    C N N 21  
1MG C2     C N N 22  
1MG N2     N N N 23  
1MG N3     N N N 24  
1MG C4     C Y N 25  
1MG HOP2   H N N 26  
1MG HOP3   H N N 27  
1MG "H5'"  H N N 28  
1MG "H5''" H N N 29  
1MG "H4'"  H N N 30  
1MG "H3'"  H N N 31  
1MG "HO3'" H N N 32  
1MG "H2'"  H N N 33  
1MG "HO2'" H N N 34  
1MG "H1'"  H N N 35  
1MG H8     H N N 36  
1MG HM11   H N N 37  
1MG HM12   H N N 38  
1MG HM13   H N N 39  
1MG HN21   H N N 40  
1MG HN22   H N N 41  
5MC P      P N N 42  
5MC OP1    O N N 43  
5MC OP2    O N N 44  
5MC OP3    O N N 45  
5MC "O5'"  O N N 46  
5MC "C5'"  C N N 47  
5MC "C4'"  C N R 48  
5MC "O4'"  O N N 49  
5MC "C3'"  C N S 50  
5MC "O3'"  O N N 51  
5MC "C2'"  C N R 52  
5MC "O2'"  O N N 53  
5MC "C1'"  C N R 54  
5MC N1     N N N 55  
5MC C2     C N N 56  
5MC O2     O N N 57  
5MC N3     N N N 58  
5MC C4     C N N 59  
5MC N4     N N N 60  
5MC C5     C N N 61  
5MC C6     C N N 62  
5MC CM5    C N N 63  
5MC HOP2   H N N 64  
5MC HOP3   H N N 65  
5MC "H5'"  H N N 66  
5MC "H5''" H N N 67  
5MC "H4'"  H N N 68  
5MC "H3'"  H N N 69  
5MC "HO3'" H N N 70  
5MC "H2'"  H N N 71  
5MC "HO2'" H N N 72  
5MC "H1'"  H N N 73  
5MC HN41   H N N 74  
5MC HN42   H N N 75  
5MC H6     H N N 76  
5MC HM51   H N N 77  
5MC HM52   H N N 78  
5MC HM53   H N N 79  
5MU N1     N N N 80  
5MU C2     C N N 81  
5MU N3     N N N 82  
5MU C4     C N N 83  
5MU C5     C N N 84  
5MU C5M    C N N 85  
5MU C6     C N N 86  
5MU O2     O N N 87  
5MU O4     O N N 88  
5MU "C1'"  C N R 89  
5MU "C2'"  C N R 90  
5MU "O2'"  O N N 91  
5MU "C3'"  C N S 92  
5MU "C4'"  C N R 93  
5MU "O3'"  O N N 94  
5MU "O4'"  O N N 95  
5MU "C5'"  C N N 96  
5MU "O5'"  O N N 97  
5MU P      P N N 98  
5MU OP1    O N N 99  
5MU OP2    O N N 100 
5MU OP3    O N N 101 
5MU HN3    H N N 102 
5MU H71    H N N 103 
5MU H72    H N N 104 
5MU H73    H N N 105 
5MU H6     H N N 106 
5MU "H1'"  H N N 107 
5MU "H2'"  H N N 108 
5MU "HO2'" H N N 109 
5MU "H3'"  H N N 110 
5MU "H4'"  H N N 111 
5MU "HO3'" H N N 112 
5MU "H5'"  H N N 113 
5MU "H5''" H N N 114 
5MU HOP2   H N N 115 
5MU HOP3   H N N 116 
A   OP3    O N N 117 
A   P      P N N 118 
A   OP1    O N N 119 
A   OP2    O N N 120 
A   "O5'"  O N N 121 
A   "C5'"  C N N 122 
A   "C4'"  C N R 123 
A   "O4'"  O N N 124 
A   "C3'"  C N S 125 
A   "O3'"  O N N 126 
A   "C2'"  C N R 127 
A   "O2'"  O N N 128 
A   "C1'"  C N R 129 
A   N9     N Y N 130 
A   C8     C Y N 131 
A   N7     N Y N 132 
A   C5     C Y N 133 
A   C6     C Y N 134 
A   N6     N N N 135 
A   N1     N Y N 136 
A   C2     C Y N 137 
A   N3     N Y N 138 
A   C4     C Y N 139 
A   HOP3   H N N 140 
A   HOP2   H N N 141 
A   "H5'"  H N N 142 
A   "H5''" H N N 143 
A   "H4'"  H N N 144 
A   "H3'"  H N N 145 
A   "HO3'" H N N 146 
A   "H2'"  H N N 147 
A   "HO2'" H N N 148 
A   "H1'"  H N N 149 
A   H8     H N N 150 
A   H61    H N N 151 
A   H62    H N N 152 
A   H2     H N N 153 
C   OP3    O N N 154 
C   P      P N N 155 
C   OP1    O N N 156 
C   OP2    O N N 157 
C   "O5'"  O N N 158 
C   "C5'"  C N N 159 
C   "C4'"  C N R 160 
C   "O4'"  O N N 161 
C   "C3'"  C N S 162 
C   "O3'"  O N N 163 
C   "C2'"  C N R 164 
C   "O2'"  O N N 165 
C   "C1'"  C N R 166 
C   N1     N N N 167 
C   C2     C N N 168 
C   O2     O N N 169 
C   N3     N N N 170 
C   C4     C N N 171 
C   N4     N N N 172 
C   C5     C N N 173 
C   C6     C N N 174 
C   HOP3   H N N 175 
C   HOP2   H N N 176 
C   "H5'"  H N N 177 
C   "H5''" H N N 178 
C   "H4'"  H N N 179 
C   "H3'"  H N N 180 
C   "HO3'" H N N 181 
C   "H2'"  H N N 182 
C   "HO2'" H N N 183 
C   "H1'"  H N N 184 
C   H41    H N N 185 
C   H42    H N N 186 
C   H5     H N N 187 
C   H6     H N N 188 
G   OP3    O N N 189 
G   P      P N N 190 
G   OP1    O N N 191 
G   OP2    O N N 192 
G   "O5'"  O N N 193 
G   "C5'"  C N N 194 
G   "C4'"  C N R 195 
G   "O4'"  O N N 196 
G   "C3'"  C N S 197 
G   "O3'"  O N N 198 
G   "C2'"  C N R 199 
G   "O2'"  O N N 200 
G   "C1'"  C N R 201 
G   N9     N Y N 202 
G   C8     C Y N 203 
G   N7     N Y N 204 
G   C5     C Y N 205 
G   C6     C N N 206 
G   O6     O N N 207 
G   N1     N N N 208 
G   C2     C N N 209 
G   N2     N N N 210 
G   N3     N N N 211 
G   C4     C Y N 212 
G   HOP3   H N N 213 
G   HOP2   H N N 214 
G   "H5'"  H N N 215 
G   "H5''" H N N 216 
G   "H4'"  H N N 217 
G   "H3'"  H N N 218 
G   "HO3'" H N N 219 
G   "H2'"  H N N 220 
G   "HO2'" H N N 221 
G   "H1'"  H N N 222 
G   H8     H N N 223 
G   H1     H N N 224 
G   H21    H N N 225 
G   H22    H N N 226 
H2U P      P N N 227 
H2U OP1    O N N 228 
H2U OP2    O N N 229 
H2U OP3    O N N 230 
H2U "O5'"  O N N 231 
H2U "C5'"  C N N 232 
H2U "C4'"  C N R 233 
H2U "O4'"  O N N 234 
H2U "C3'"  C N S 235 
H2U "O3'"  O N N 236 
H2U "C1'"  C N R 237 
H2U "C2'"  C N R 238 
H2U "O2'"  O N N 239 
H2U N1     N N N 240 
H2U C2     C N N 241 
H2U O2     O N N 242 
H2U N3     N N N 243 
H2U C4     C N N 244 
H2U O4     O N N 245 
H2U C5     C N N 246 
H2U C6     C N N 247 
H2U HOP2   H N N 248 
H2U HOP3   H N N 249 
H2U "H5'"  H N N 250 
H2U "H5''" H N N 251 
H2U "H4'"  H N N 252 
H2U "H3'"  H N N 253 
H2U "HO3'" H N N 254 
H2U "H1'"  H N N 255 
H2U "H2'"  H N N 256 
H2U "HO2'" H N N 257 
H2U HN3    H N N 258 
H2U H51    H N N 259 
H2U H52    H N N 260 
H2U H61    H N N 261 
H2U H62    H N N 262 
PSU N1     N N N 263 
PSU C2     C N N 264 
PSU N3     N N N 265 
PSU C4     C N N 266 
PSU C5     C N N 267 
PSU C6     C N N 268 
PSU O2     O N N 269 
PSU O4     O N N 270 
PSU "C1'"  C N S 271 
PSU "C2'"  C N R 272 
PSU "O2'"  O N N 273 
PSU "C3'"  C N S 274 
PSU "C4'"  C N R 275 
PSU "O3'"  O N N 276 
PSU "O4'"  O N N 277 
PSU "C5'"  C N N 278 
PSU "O5'"  O N N 279 
PSU P      P N N 280 
PSU OP1    O N N 281 
PSU OP2    O N N 282 
PSU OP3    O N N 283 
PSU HN1    H N N 284 
PSU HN3    H N N 285 
PSU H6     H N N 286 
PSU "H1'"  H N N 287 
PSU "H2'"  H N N 288 
PSU "HO2'" H N N 289 
PSU "H3'"  H N N 290 
PSU "H4'"  H N N 291 
PSU "HO3'" H N N 292 
PSU "H5'"  H N N 293 
PSU "H5''" H N N 294 
PSU HOP2   H N N 295 
PSU HOP3   H N N 296 
U   OP3    O N N 297 
U   P      P N N 298 
U   OP1    O N N 299 
U   OP2    O N N 300 
U   "O5'"  O N N 301 
U   "C5'"  C N N 302 
U   "C4'"  C N R 303 
U   "O4'"  O N N 304 
U   "C3'"  C N S 305 
U   "O3'"  O N N 306 
U   "C2'"  C N R 307 
U   "O2'"  O N N 308 
U   "C1'"  C N R 309 
U   N1     N N N 310 
U   C2     C N N 311 
U   O2     O N N 312 
U   N3     N N N 313 
U   C4     C N N 314 
U   O4     O N N 315 
U   C5     C N N 316 
U   C6     C N N 317 
U   HOP3   H N N 318 
U   HOP2   H N N 319 
U   "H5'"  H N N 320 
U   "H5''" H N N 321 
U   "H4'"  H N N 322 
U   "H3'"  H N N 323 
U   "HO3'" H N N 324 
U   "H2'"  H N N 325 
U   "HO2'" H N N 326 
U   "H1'"  H N N 327 
U   H3     H N N 328 
U   H5     H N N 329 
U   H6     H N N 330 
# 
loop_
_chem_comp_bond.comp_id 
_chem_comp_bond.atom_id_1 
_chem_comp_bond.atom_id_2 
_chem_comp_bond.value_order 
_chem_comp_bond.pdbx_aromatic_flag 
_chem_comp_bond.pdbx_stereo_config 
_chem_comp_bond.pdbx_ordinal 
1MG P     OP1    doub N N 1   
1MG P     OP2    sing N N 2   
1MG P     OP3    sing N N 3   
1MG P     "O5'"  sing N N 4   
1MG OP2   HOP2   sing N N 5   
1MG OP3   HOP3   sing N N 6   
1MG "O5'" "C5'"  sing N N 7   
1MG "C5'" "C4'"  sing N N 8   
1MG "C5'" "H5'"  sing N N 9   
1MG "C5'" "H5''" sing N N 10  
1MG "C4'" "O4'"  sing N N 11  
1MG "C4'" "C3'"  sing N N 12  
1MG "C4'" "H4'"  sing N N 13  
1MG "O4'" "C1'"  sing N N 14  
1MG "C3'" "O3'"  sing N N 15  
1MG "C3'" "C2'"  sing N N 16  
1MG "C3'" "H3'"  sing N N 17  
1MG "O3'" "HO3'" sing N N 18  
1MG "C2'" "O2'"  sing N N 19  
1MG "C2'" "C1'"  sing N N 20  
1MG "C2'" "H2'"  sing N N 21  
1MG "O2'" "HO2'" sing N N 22  
1MG "C1'" N9     sing N N 23  
1MG "C1'" "H1'"  sing N N 24  
1MG N9    C8     sing Y N 25  
1MG N9    C4     sing Y N 26  
1MG C8    N7     doub Y N 27  
1MG C8    H8     sing N N 28  
1MG N7    C5     sing Y N 29  
1MG C5    C6     sing N N 30  
1MG C5    C4     doub Y N 31  
1MG C6    O6     doub N N 32  
1MG C6    N1     sing N N 33  
1MG N1    CM1    sing N N 34  
1MG N1    C2     sing N N 35  
1MG CM1   HM11   sing N N 36  
1MG CM1   HM12   sing N N 37  
1MG CM1   HM13   sing N N 38  
1MG C2    N2     sing N N 39  
1MG C2    N3     doub N N 40  
1MG N2    HN21   sing N N 41  
1MG N2    HN22   sing N N 42  
1MG N3    C4     sing N N 43  
5MC P     OP1    doub N N 44  
5MC P     OP2    sing N N 45  
5MC P     OP3    sing N N 46  
5MC P     "O5'"  sing N N 47  
5MC OP2   HOP2   sing N N 48  
5MC OP3   HOP3   sing N N 49  
5MC "O5'" "C5'"  sing N N 50  
5MC "C5'" "C4'"  sing N N 51  
5MC "C5'" "H5'"  sing N N 52  
5MC "C5'" "H5''" sing N N 53  
5MC "C4'" "O4'"  sing N N 54  
5MC "C4'" "C3'"  sing N N 55  
5MC "C4'" "H4'"  sing N N 56  
5MC "O4'" "C1'"  sing N N 57  
5MC "C3'" "O3'"  sing N N 58  
5MC "C3'" "C2'"  sing N N 59  
5MC "C3'" "H3'"  sing N N 60  
5MC "O3'" "HO3'" sing N N 61  
5MC "C2'" "O2'"  sing N N 62  
5MC "C2'" "C1'"  sing N N 63  
5MC "C2'" "H2'"  sing N N 64  
5MC "O2'" "HO2'" sing N N 65  
5MC "C1'" N1     sing N N 66  
5MC "C1'" "H1'"  sing N N 67  
5MC N1    C2     sing N N 68  
5MC N1    C6     sing N N 69  
5MC C2    O2     doub N N 70  
5MC C2    N3     sing N N 71  
5MC N3    C4     doub N N 72  
5MC C4    N4     sing N N 73  
5MC C4    C5     sing N N 74  
5MC N4    HN41   sing N N 75  
5MC N4    HN42   sing N N 76  
5MC C5    C6     doub N N 77  
5MC C5    CM5    sing N N 78  
5MC C6    H6     sing N N 79  
5MC CM5   HM51   sing N N 80  
5MC CM5   HM52   sing N N 81  
5MC CM5   HM53   sing N N 82  
5MU N1    C2     sing N N 83  
5MU N1    C6     sing N N 84  
5MU N1    "C1'"  sing N N 85  
5MU C2    N3     sing N N 86  
5MU C2    O2     doub N N 87  
5MU N3    C4     sing N N 88  
5MU N3    HN3    sing N N 89  
5MU C4    C5     sing N N 90  
5MU C4    O4     doub N N 91  
5MU C5    C5M    sing N N 92  
5MU C5    C6     doub N N 93  
5MU C5M   H71    sing N N 94  
5MU C5M   H72    sing N N 95  
5MU C5M   H73    sing N N 96  
5MU C6    H6     sing N N 97  
5MU "C1'" "C2'"  sing N N 98  
5MU "C1'" "O4'"  sing N N 99  
5MU "C1'" "H1'"  sing N N 100 
5MU "C2'" "O2'"  sing N N 101 
5MU "C2'" "C3'"  sing N N 102 
5MU "C2'" "H2'"  sing N N 103 
5MU "O2'" "HO2'" sing N N 104 
5MU "C3'" "C4'"  sing N N 105 
5MU "C3'" "O3'"  sing N N 106 
5MU "C3'" "H3'"  sing N N 107 
5MU "C4'" "O4'"  sing N N 108 
5MU "C4'" "C5'"  sing N N 109 
5MU "C4'" "H4'"  sing N N 110 
5MU "O3'" "HO3'" sing N N 111 
5MU "C5'" "O5'"  sing N N 112 
5MU "C5'" "H5'"  sing N N 113 
5MU "C5'" "H5''" sing N N 114 
5MU "O5'" P      sing N N 115 
5MU P     OP1    doub N N 116 
5MU P     OP2    sing N N 117 
5MU P     OP3    sing N N 118 
5MU OP2   HOP2   sing N N 119 
5MU OP3   HOP3   sing N N 120 
A   OP3   P      sing N N 121 
A   OP3   HOP3   sing N N 122 
A   P     OP1    doub N N 123 
A   P     OP2    sing N N 124 
A   P     "O5'"  sing N N 125 
A   OP2   HOP2   sing N N 126 
A   "O5'" "C5'"  sing N N 127 
A   "C5'" "C4'"  sing N N 128 
A   "C5'" "H5'"  sing N N 129 
A   "C5'" "H5''" sing N N 130 
A   "C4'" "O4'"  sing N N 131 
A   "C4'" "C3'"  sing N N 132 
A   "C4'" "H4'"  sing N N 133 
A   "O4'" "C1'"  sing N N 134 
A   "C3'" "O3'"  sing N N 135 
A   "C3'" "C2'"  sing N N 136 
A   "C3'" "H3'"  sing N N 137 
A   "O3'" "HO3'" sing N N 138 
A   "C2'" "O2'"  sing N N 139 
A   "C2'" "C1'"  sing N N 140 
A   "C2'" "H2'"  sing N N 141 
A   "O2'" "HO2'" sing N N 142 
A   "C1'" N9     sing N N 143 
A   "C1'" "H1'"  sing N N 144 
A   N9    C8     sing Y N 145 
A   N9    C4     sing Y N 146 
A   C8    N7     doub Y N 147 
A   C8    H8     sing N N 148 
A   N7    C5     sing Y N 149 
A   C5    C6     sing Y N 150 
A   C5    C4     doub Y N 151 
A   C6    N6     sing N N 152 
A   C6    N1     doub Y N 153 
A   N6    H61    sing N N 154 
A   N6    H62    sing N N 155 
A   N1    C2     sing Y N 156 
A   C2    N3     doub Y N 157 
A   C2    H2     sing N N 158 
A   N3    C4     sing Y N 159 
C   OP3   P      sing N N 160 
C   OP3   HOP3   sing N N 161 
C   P     OP1    doub N N 162 
C   P     OP2    sing N N 163 
C   P     "O5'"  sing N N 164 
C   OP2   HOP2   sing N N 165 
C   "O5'" "C5'"  sing N N 166 
C   "C5'" "C4'"  sing N N 167 
C   "C5'" "H5'"  sing N N 168 
C   "C5'" "H5''" sing N N 169 
C   "C4'" "O4'"  sing N N 170 
C   "C4'" "C3'"  sing N N 171 
C   "C4'" "H4'"  sing N N 172 
C   "O4'" "C1'"  sing N N 173 
C   "C3'" "O3'"  sing N N 174 
C   "C3'" "C2'"  sing N N 175 
C   "C3'" "H3'"  sing N N 176 
C   "O3'" "HO3'" sing N N 177 
C   "C2'" "O2'"  sing N N 178 
C   "C2'" "C1'"  sing N N 179 
C   "C2'" "H2'"  sing N N 180 
C   "O2'" "HO2'" sing N N 181 
C   "C1'" N1     sing N N 182 
C   "C1'" "H1'"  sing N N 183 
C   N1    C2     sing N N 184 
C   N1    C6     sing N N 185 
C   C2    O2     doub N N 186 
C   C2    N3     sing N N 187 
C   N3    C4     doub N N 188 
C   C4    N4     sing N N 189 
C   C4    C5     sing N N 190 
C   N4    H41    sing N N 191 
C   N4    H42    sing N N 192 
C   C5    C6     doub N N 193 
C   C5    H5     sing N N 194 
C   C6    H6     sing N N 195 
G   OP3   P      sing N N 196 
G   OP3   HOP3   sing N N 197 
G   P     OP1    doub N N 198 
G   P     OP2    sing N N 199 
G   P     "O5'"  sing N N 200 
G   OP2   HOP2   sing N N 201 
G   "O5'" "C5'"  sing N N 202 
G   "C5'" "C4'"  sing N N 203 
G   "C5'" "H5'"  sing N N 204 
G   "C5'" "H5''" sing N N 205 
G   "C4'" "O4'"  sing N N 206 
G   "C4'" "C3'"  sing N N 207 
G   "C4'" "H4'"  sing N N 208 
G   "O4'" "C1'"  sing N N 209 
G   "C3'" "O3'"  sing N N 210 
G   "C3'" "C2'"  sing N N 211 
G   "C3'" "H3'"  sing N N 212 
G   "O3'" "HO3'" sing N N 213 
G   "C2'" "O2'"  sing N N 214 
G   "C2'" "C1'"  sing N N 215 
G   "C2'" "H2'"  sing N N 216 
G   "O2'" "HO2'" sing N N 217 
G   "C1'" N9     sing N N 218 
G   "C1'" "H1'"  sing N N 219 
G   N9    C8     sing Y N 220 
G   N9    C4     sing Y N 221 
G   C8    N7     doub Y N 222 
G   C8    H8     sing N N 223 
G   N7    C5     sing Y N 224 
G   C5    C6     sing N N 225 
G   C5    C4     doub Y N 226 
G   C6    O6     doub N N 227 
G   C6    N1     sing N N 228 
G   N1    C2     sing N N 229 
G   N1    H1     sing N N 230 
G   C2    N2     sing N N 231 
G   C2    N3     doub N N 232 
G   N2    H21    sing N N 233 
G   N2    H22    sing N N 234 
G   N3    C4     sing N N 235 
H2U P     OP1    doub N N 236 
H2U P     OP2    sing N N 237 
H2U P     OP3    sing N N 238 
H2U P     "O5'"  sing N N 239 
H2U OP2   HOP2   sing N N 240 
H2U OP3   HOP3   sing N N 241 
H2U "O5'" "C5'"  sing N N 242 
H2U "C5'" "C4'"  sing N N 243 
H2U "C5'" "H5'"  sing N N 244 
H2U "C5'" "H5''" sing N N 245 
H2U "C4'" "O4'"  sing N N 246 
H2U "C4'" "C3'"  sing N N 247 
H2U "C4'" "H4'"  sing N N 248 
H2U "O4'" "C1'"  sing N N 249 
H2U "C3'" "O3'"  sing N N 250 
H2U "C3'" "C2'"  sing N N 251 
H2U "C3'" "H3'"  sing N N 252 
H2U "O3'" "HO3'" sing N N 253 
H2U "C1'" "C2'"  sing N N 254 
H2U "C1'" N1     sing N N 255 
H2U "C1'" "H1'"  sing N N 256 
H2U "C2'" "O2'"  sing N N 257 
H2U "C2'" "H2'"  sing N N 258 
H2U "O2'" "HO2'" sing N N 259 
H2U N1    C2     sing N N 260 
H2U N1    C6     sing N N 261 
H2U C2    O2     doub N N 262 
H2U C2    N3     sing N N 263 
H2U N3    C4     sing N N 264 
H2U N3    HN3    sing N N 265 
H2U C4    O4     doub N N 266 
H2U C4    C5     sing N N 267 
H2U C5    C6     sing N N 268 
H2U C5    H51    sing N N 269 
H2U C5    H52    sing N N 270 
H2U C6    H61    sing N N 271 
H2U C6    H62    sing N N 272 
PSU N1    C2     sing N N 273 
PSU N1    C6     sing N N 274 
PSU N1    HN1    sing N N 275 
PSU C2    N3     sing N N 276 
PSU C2    O2     doub N N 277 
PSU N3    C4     sing N N 278 
PSU N3    HN3    sing N N 279 
PSU C4    C5     sing N N 280 
PSU C4    O4     doub N N 281 
PSU C5    C6     doub N N 282 
PSU C5    "C1'"  sing N N 283 
PSU C6    H6     sing N N 284 
PSU "C1'" "C2'"  sing N N 285 
PSU "C1'" "O4'"  sing N N 286 
PSU "C1'" "H1'"  sing N N 287 
PSU "C2'" "O2'"  sing N N 288 
PSU "C2'" "C3'"  sing N N 289 
PSU "C2'" "H2'"  sing N N 290 
PSU "O2'" "HO2'" sing N N 291 
PSU "C3'" "C4'"  sing N N 292 
PSU "C3'" "O3'"  sing N N 293 
PSU "C3'" "H3'"  sing N N 294 
PSU "C4'" "O4'"  sing N N 295 
PSU "C4'" "C5'"  sing N N 296 
PSU "C4'" "H4'"  sing N N 297 
PSU "O3'" "HO3'" sing N N 298 
PSU "C5'" "O5'"  sing N N 299 
PSU "C5'" "H5'"  sing N N 300 
PSU "C5'" "H5''" sing N N 301 
PSU "O5'" P      sing N N 302 
PSU P     OP1    doub N N 303 
PSU P     OP2    sing N N 304 
PSU P     OP3    sing N N 305 
PSU OP2   HOP2   sing N N 306 
PSU OP3   HOP3   sing N N 307 
U   OP3   P      sing N N 308 
U   OP3   HOP3   sing N N 309 
U   P     OP1    doub N N 310 
U   P     OP2    sing N N 311 
U   P     "O5'"  sing N N 312 
U   OP2   HOP2   sing N N 313 
U   "O5'" "C5'"  sing N N 314 
U   "C5'" "C4'"  sing N N 315 
U   "C5'" "H5'"  sing N N 316 
U   "C5'" "H5''" sing N N 317 
U   "C4'" "O4'"  sing N N 318 
U   "C4'" "C3'"  sing N N 319 
U   "C4'" "H4'"  sing N N 320 
U   "O4'" "C1'"  sing N N 321 
U   "C3'" "O3'"  sing N N 322 
U   "C3'" "C2'"  sing N N 323 
U   "C3'" "H3'"  sing N N 324 
U   "O3'" "HO3'" sing N N 325 
U   "C2'" "O2'"  sing N N 326 
U   "C2'" "C1'"  sing N N 327 
U   "C2'" "H2'"  sing N N 328 
U   "O2'" "HO2'" sing N N 329 
U   "C1'" N1     sing N N 330 
U   "C1'" "H1'"  sing N N 331 
U   N1    C2     sing N N 332 
U   N1    C6     sing N N 333 
U   C2    O2     doub N N 334 
U   C2    N3     sing N N 335 
U   N3    C4     sing N N 336 
U   N3    H3     sing N N 337 
U   C4    O4     doub N N 338 
U   C4    C5     sing N N 339 
U   C5    C6     doub N N 340 
U   C5    H5     sing N N 341 
U   C6    H6     sing N N 342 
# 
loop_
_ndb_struct_conf_na.entry_id 
_ndb_struct_conf_na.feature 
1VTQ 'double helix'         
1VTQ 'a-form double helix'  
1VTQ 'hairpin loop'         
1VTQ 'mismatched base pair' 
1VTQ 'four-way junction'    
# 
loop_
_ndb_struct_na_base_pair.model_number 
_ndb_struct_na_base_pair.i_label_asym_id 
_ndb_struct_na_base_pair.i_label_comp_id 
_ndb_struct_na_base_pair.i_label_seq_id 
_ndb_struct_na_base_pair.i_symmetry 
_ndb_struct_na_base_pair.j_label_asym_id 
_ndb_struct_na_base_pair.j_label_comp_id 
_ndb_struct_na_base_pair.j_label_seq_id 
_ndb_struct_na_base_pair.j_symmetry 
_ndb_struct_na_base_pair.shear 
_ndb_struct_na_base_pair.stretch 
_ndb_struct_na_base_pair.stagger 
_ndb_struct_na_base_pair.buckle 
_ndb_struct_na_base_pair.propeller 
_ndb_struct_na_base_pair.opening 
_ndb_struct_na_base_pair.pair_number 
_ndb_struct_na_base_pair.pair_name 
_ndb_struct_na_base_pair.i_auth_asym_id 
_ndb_struct_na_base_pair.i_auth_seq_id 
_ndb_struct_na_base_pair.i_PDB_ins_code 
_ndb_struct_na_base_pair.j_auth_asym_id 
_ndb_struct_na_base_pair.j_auth_seq_id 
_ndb_struct_na_base_pair.j_PDB_ins_code 
_ndb_struct_na_base_pair.hbond_type_28 
_ndb_struct_na_base_pair.hbond_type_12 
1 A U   1  1_555 A A   71 1_555 -0.118 -0.023 -1.105 27.868  -5.116  -3.134   1  A_U1:A71_A    A 1  ? A 71 ? 20 1 
1 A C   2  1_555 A G   70 1_555 0.101  -0.115 0.229  3.772   -1.729  -2.178   2  A_C2:G70_A    A 2  ? A 70 ? 19 1 
1 A C   3  1_555 A G   69 1_555 -0.486 -0.057 -0.070 -0.797  10.508  -0.514   3  A_C3:G69_A    A 3  ? A 69 ? 19 1 
1 A G   4  1_555 A C   68 1_555 -0.752 -0.332 0.359  -0.563  -11.232 -3.618   4  A_G4:C68_A    A 4  ? A 68 ? 19 1 
1 A U   5  1_555 A G   67 1_555 1.865  -0.337 -0.534 1.337   4.321   2.734    5  A_U5:G67_A    A 5  ? A 67 ? 28 1 
1 A G   6  1_555 A C   66 1_555 -1.106 -0.625 0.516  -4.963  -15.083 -4.143   6  A_G6:C66_A    A 6  ? A 66 ? 19 1 
1 A A   7  1_555 A U   65 1_555 -0.033 -0.030 0.264  -3.457  -3.198  -2.847   7  A_A7:U65_A    A 7  ? A 65 ? 20 1 
1 A 5MC 48 1_555 A G   64 1_555 -0.529 -0.112 -0.288 2.981   -6.129  -0.576   8  A_5MC48:G64_A A 48 ? A 64 ? 19 1 
1 A G   49 1_555 A C   63 1_555 -0.981 -0.393 0.128  9.785   -4.586  -0.787   9  A_G49:C63_A   A 49 ? A 63 ? 19 1 
1 A G   50 1_555 A C   62 1_555 -1.436 -0.711 -0.096 9.313   -1.948  -2.638   10 A_G50:C62_A   A 50 ? A 62 ? 19 1 
1 A G   51 1_555 A C   61 1_555 1.144  -0.199 -0.199 4.334   -11.090 0.067    11 A_G51:C61_A   A 51 ? A 61 ? 19 1 
1 A G   52 1_555 A C   60 1_555 -0.210 -0.145 0.035  -6.830  2.227   -2.717   12 A_G52:C60_A   A 52 ? A 60 ? 19 1 
1 A 5MU 53 1_555 A A   57 1_555 4.080  -1.957 0.039  7.886   0.091   -95.299  13 A_5MU53:A57_A A 53 ? A 57 ? 24 4 
1 A PSU 54 1_555 A G   17 1_555 -0.281 -6.554 0.629  31.830  1.172   -113.774 14 A_PSU54:G17_A A 54 ? A 17 ? ?  ? 
1 A C   38 1_555 A PSU 32 1_555 -6.122 -2.139 -0.734 6.110   13.194  -6.407   15 A_C38:PSU32_A A 38 ? A 32 ? ?  ? 
1 A G   39 1_555 A C   31 1_555 -0.454 -0.248 0.523  1.791   -8.632  -3.564   16 A_G39:C31_A   A 39 ? A 31 ? 19 1 
1 A U   40 1_555 A G   30 1_555 1.927  -0.382 0.128  -8.865  -13.835 -2.438   17 A_U40:G30_A   A 40 ? A 30 ? 28 1 
1 A G   41 1_555 A C   29 1_555 -0.804 -0.364 0.397  3.761   -8.786  -2.440   18 A_G41:C29_A   A 41 ? A 29 ? 19 1 
1 A C   42 1_555 A G   28 1_555 -0.247 -0.114 -0.049 5.296   -14.119 -1.708   19 A_C42:G28_A   A 42 ? A 28 ? 19 1 
1 A C   43 1_555 A G   27 1_555 -0.471 -0.130 0.168  -0.682  -13.170 -2.086   20 A_C43:G27_A   A 43 ? A 27 ? 19 1 
1 A A   44 1_555 A G   26 1_555 -0.072 1.289  -0.419 -17.805 -20.845 -18.957  21 A_A44:G26_A   A 44 ? A 26 ? 8  1 
1 A G   10 1_555 A U   25 1_555 -2.092 -0.447 0.147  3.079   0.715   -1.936   22 A_G10:U25_A   A 10 ? A 25 ? 28 1 
1 A U   11 1_555 A A   24 1_555 -0.031 -0.146 0.346  2.045   -14.731 -1.765   23 A_U11:A24_A   A 11 ? A 24 ? 20 1 
1 A U   12 1_555 A A   23 1_555 0.156  -0.121 -0.040 -2.522  -0.670  -2.229   24 A_U12:A23_A   A 12 ? A 23 ? 20 1 
1 A PSU 13 1_555 A G   22 1_555 1.673  -0.365 0.525  2.054   -6.985  -0.639   25 A_PSU13:G22_A A 13 ? A 22 ? 27 1 
1 A A   14 1_555 A A   21 1_555 -5.733 -0.715 0.096  -3.945  -14.780 47.965   26 A_A14:A21_A   A 14 ? A 21 ? ?  5 
1 A A   15 1_555 A U   47 1_555 0.192  1.107  -0.409 0.178   4.823   165.785  27 A_A15:U47_A   A 15 ? A 47 ? 21 2 
# 
loop_
_ndb_struct_na_base_pair_step.model_number 
_ndb_struct_na_base_pair_step.i_label_asym_id_1 
_ndb_struct_na_base_pair_step.i_label_comp_id_1 
_ndb_struct_na_base_pair_step.i_label_seq_id_1 
_ndb_struct_na_base_pair_step.i_symmetry_1 
_ndb_struct_na_base_pair_step.j_label_asym_id_1 
_ndb_struct_na_base_pair_step.j_label_comp_id_1 
_ndb_struct_na_base_pair_step.j_label_seq_id_1 
_ndb_struct_na_base_pair_step.j_symmetry_1 
_ndb_struct_na_base_pair_step.i_label_asym_id_2 
_ndb_struct_na_base_pair_step.i_label_comp_id_2 
_ndb_struct_na_base_pair_step.i_label_seq_id_2 
_ndb_struct_na_base_pair_step.i_symmetry_2 
_ndb_struct_na_base_pair_step.j_label_asym_id_2 
_ndb_struct_na_base_pair_step.j_label_comp_id_2 
_ndb_struct_na_base_pair_step.j_label_seq_id_2 
_ndb_struct_na_base_pair_step.j_symmetry_2 
_ndb_struct_na_base_pair_step.shift 
_ndb_struct_na_base_pair_step.slide 
_ndb_struct_na_base_pair_step.rise 
_ndb_struct_na_base_pair_step.tilt 
_ndb_struct_na_base_pair_step.roll 
_ndb_struct_na_base_pair_step.twist 
_ndb_struct_na_base_pair_step.x_displacement 
_ndb_struct_na_base_pair_step.y_displacement 
_ndb_struct_na_base_pair_step.helical_rise 
_ndb_struct_na_base_pair_step.inclination 
_ndb_struct_na_base_pair_step.tip 
_ndb_struct_na_base_pair_step.helical_twist 
_ndb_struct_na_base_pair_step.step_number 
_ndb_struct_na_base_pair_step.step_name 
_ndb_struct_na_base_pair_step.i_auth_asym_id_1 
_ndb_struct_na_base_pair_step.i_auth_seq_id_1 
_ndb_struct_na_base_pair_step.i_PDB_ins_code_1 
_ndb_struct_na_base_pair_step.j_auth_asym_id_1 
_ndb_struct_na_base_pair_step.j_auth_seq_id_1 
_ndb_struct_na_base_pair_step.j_PDB_ins_code_1 
_ndb_struct_na_base_pair_step.i_auth_asym_id_2 
_ndb_struct_na_base_pair_step.i_auth_seq_id_2 
_ndb_struct_na_base_pair_step.i_PDB_ins_code_2 
_ndb_struct_na_base_pair_step.j_auth_asym_id_2 
_ndb_struct_na_base_pair_step.j_auth_seq_id_2 
_ndb_struct_na_base_pair_step.j_PDB_ins_code_2 
1 A U   1  1_555 A A   71 1_555 A C   2  1_555 A G 70 1_555 0.431  -1.400 3.922 -8.028  7.769  36.110  -3.313  -1.853 3.391 12.179 
12.585  37.744  1  AA_U1C2:G70A71_AA       A 1  ? A 71 ? A 2  ? A 70 ? 
1 A C   2  1_555 A G   70 1_555 A C   3  1_555 A G 69 1_555 -0.029 -2.134 3.591 3.780   10.672 30.829  -5.602  0.696  2.700 19.279 
-6.828  32.794  2  AA_C2C3:G69G70_AA       A 2  ? A 70 ? A 3  ? A 69 ? 
1 A C   3  1_555 A G   69 1_555 A G   4  1_555 A C 68 1_555 0.246  -1.467 2.782 -1.281  14.917 26.508  -5.007  -0.659 1.717 29.709 
2.551   30.378  3  AA_C3G4:C68G69_AA       A 3  ? A 69 ? A 4  ? A 68 ? 
1 A G   4  1_555 A C   68 1_555 A U   5  1_555 A G 67 1_555 0.401  -1.775 3.600 2.783   -2.486 42.592  -2.156  -0.238 3.710 -3.414 
-3.822  42.747  4  AA_G4U5:G67C68_AA       A 4  ? A 68 ? A 5  ? A 67 ? 
1 A U   5  1_555 A G   67 1_555 A G   6  1_555 A C 66 1_555 0.121  -1.884 3.191 1.620   10.039 21.021  -7.578  0.173  2.086 25.670 
-4.143  23.327  5  AA_U5G6:C66G67_AA       A 5  ? A 67 ? A 6  ? A 66 ? 
1 A G   6  1_555 A C   66 1_555 A A   7  1_555 A U 65 1_555 0.299  -0.930 3.295 7.929   16.532 36.068  -3.149  0.430  2.648 24.825 
-11.906 40.322  6  AA_G6A7:U65C66_AA       A 6  ? A 66 ? A 7  ? A 65 ? 
1 A A   7  1_555 A U   65 1_555 A 5MC 48 1_555 A G 64 1_555 0.216  -1.225 3.072 2.770   12.900 31.784  -3.839  0.014  2.418 22.387 
-4.807  34.348  7  AA_A75MC48:G64U65_AA    A 7  ? A 65 ? A 48 ? A 64 ? 
1 A 5MC 48 1_555 A G   64 1_555 A G   49 1_555 A C 63 1_555 -0.398 -2.077 2.604 -6.994  15.666 31.571  -4.882  -0.026 1.494 26.489 
11.826  35.827  8  AA_5MC48G49:C63G64_AA   A 48 ? A 64 ? A 49 ? A 63 ? 
1 A G   49 1_555 A C   63 1_555 A G   50 1_555 A C 62 1_555 0.161  -1.782 3.358 -3.729  8.332  29.650  -4.864  -0.986 2.729 15.816 
7.079   30.994  9  AA_G49G50:C62C63_AA     A 49 ? A 63 ? A 50 ? A 62 ? 
1 A G   50 1_555 A C   62 1_555 A G   51 1_555 A C 61 1_555 -0.093 -1.613 3.554 -1.681  7.692  47.713  -2.599  -0.023 3.273 9.434 
2.061   48.321  10 AA_G50G51:C61C62_AA     A 50 ? A 62 ? A 51 ? A 61 ? 
1 A G   51 1_555 A C   61 1_555 A G   52 1_555 A C 60 1_555 0.072  -2.714 3.420 0.270   -4.965 20.775  -5.005  -0.067 3.953 
-13.519 -0.736  21.355  11 AA_G51G52:C60C61_AA     A 51 ? A 61 ? A 52 ? A 60 ? 
1 A G   52 1_555 A C   60 1_555 A 5MU 53 1_555 A A 57 1_555 -2.032 -2.521 3.130 3.406   -5.858 87.420  -1.698  1.538  3.195 -4.233 
-2.462  87.630  12 AA_G525MU53:A57C60_AA   A 52 ? A 60 ? A 53 ? A 57 ? 
1 A 5MU 53 1_555 A A   57 1_555 A PSU 54 1_555 A G 17 1_555 0.884  -2.145 3.537 6.566   6.815  52.482  -2.851  -0.544 3.335 7.636 
-7.357  53.268  13 AA_5MU53PSU54:G17A57_AA A 53 ? A 57 ? A 54 ? A 17 ? 
1 A C   38 1_555 A PSU 32 1_555 A G   39 1_555 A C 31 1_555 0.781  -1.287 3.557 -12.917 -1.630 46.193  -1.447  -2.054 3.280 -2.030 
16.091  47.895  14 AA_C38G39:C31PSU32_AA   A 38 ? A 32 ? A 39 ? A 31 ? 
1 A G   39 1_555 A C   31 1_555 A U   40 1_555 A G 30 1_555 -0.168 -1.380 3.593 6.574   -0.730 42.843  -1.791  0.931  3.553 -0.992 
-8.936  43.327  15 AA_G39U40:G30C31_AA     A 39 ? A 31 ? A 40 ? A 30 ? 
1 A U   40 1_555 A G   30 1_555 A G   41 1_555 A C 29 1_555 -0.251 -2.555 2.846 -3.346  6.552  16.957  -10.591 -0.563 1.759 20.980 
10.714  18.474  16 AA_U40G41:C29G30_AA     A 40 ? A 30 ? A 41 ? A 29 ? 
1 A G   41 1_555 A C   29 1_555 A C   42 1_555 A G 28 1_555 -0.606 -1.524 3.087 2.722   0.587  34.592  -2.639  1.405  3.007 0.985 
-4.568  34.701  17 AA_G41C42:G28C29_AA     A 41 ? A 29 ? A 42 ? A 28 ? 
1 A C   42 1_555 A G   28 1_555 A C   43 1_555 A G 27 1_555 0.417  -1.581 3.515 1.807   3.881  37.325  -2.988  -0.399 3.355 6.039 
-2.813  37.561  18 AA_C42C43:G27G28_AA     A 42 ? A 28 ? A 43 ? A 27 ? 
1 A C   43 1_555 A G   27 1_555 A A   44 1_555 A G 26 1_555 -0.566 -1.693 3.365 9.386   14.527 33.756  -4.316  1.974  2.247 23.222 
-15.004 37.814  19 AA_C43A44:G26G27_AA     A 43 ? A 27 ? A 44 ? A 26 ? 
1 A A   44 1_555 A G   26 1_555 A G   10 1_555 A U 25 1_555 -3.053 -2.844 2.926 4.926   18.324 55.228  -3.637  3.333  1.727 19.147 
-5.147  58.153  20 AA_A44G10:U25G26_AA     A 44 ? A 26 ? A 10 ? A 25 ? 
1 A G   10 1_555 A U   25 1_555 A U   11 1_555 A A 24 1_555 -0.494 -1.551 3.480 -0.646  3.133  44.632  -2.338  0.587  3.376 4.119 
0.849   44.740  21 AA_G10U11:A24U25_AA     A 10 ? A 25 ? A 11 ? A 24 ? 
1 A U   11 1_555 A A   24 1_555 A U   12 1_555 A A 23 1_555 -0.386 -1.366 3.263 -1.964  13.701 34.765  -3.812  0.363  2.579 21.886 
3.137   37.340  22 AA_U11U12:A23A24_AA     A 11 ? A 24 ? A 12 ? A 23 ? 
1 A U   12 1_555 A A   23 1_555 A PSU 13 1_555 A G 22 1_555 0.607  -2.365 3.156 -5.620  -1.549 22.061  -5.443  -3.480 3.065 -3.960 
14.367  22.809  23 AA_U12PSU13:G22A23_AA   A 12 ? A 23 ? A 13 ? A 22 ? 
1 A PSU 13 1_555 A G   22 1_555 A A   14 1_555 A A 21 1_555 3.206  -3.539 3.465 10.768  -0.820 3.155   -15.801 13.240 4.299 -5.604 
-73.548 11.249  24 AA_PSU13A14:A21G22_AA   A 13 ? A 22 ? A 14 ? A 21 ? 
1 A A   14 1_555 A A   21 1_555 A A   15 1_555 A U 47 1_555 -1.539 0.247  3.196 -6.232  10.576 -16.261 -4.884  -6.823 1.963 
-32.090 -18.911 -20.350 25 AA_A14A15:U47A21_AA     A 14 ? A 21 ? A 15 ? A 47 ? 
# 
_atom_sites.entry_id                    1VTQ 
_atom_sites.fract_transf_matrix[1][1]   0.00582780 
_atom_sites.fract_transf_matrix[1][2]   0.00902252 
_atom_sites.fract_transf_matrix[1][3]   -0.01263566 
_atom_sites.fract_transf_matrix[2][1]   0.00556355 
_atom_sites.fract_transf_matrix[2][2]   -0.01216096 
_atom_sites.fract_transf_matrix[2][3]   -0.00611755 
_atom_sites.fract_transf_matrix[3][1]   -0.00570372 
_atom_sites.fract_transf_matrix[3][2]   -0.00091219 
_atom_sites.fract_transf_matrix[3][3]   -0.00337388 
_atom_sites.fract_transf_vector[1]      0.201962 
_atom_sites.fract_transf_vector[2]      0.133833 
_atom_sites.fract_transf_vector[3]      0.017111 
# 
loop_
_atom_type.symbol 
C 
N 
O 
P 
# 
loop_
_atom_site.group_PDB 
_atom_site.id 
_atom_site.type_symbol 
_atom_site.label_atom_id 
_atom_site.label_alt_id 
_atom_site.label_comp_id 
_atom_site.label_asym_id 
_atom_site.label_entity_id 
_atom_site.label_seq_id 
_atom_site.pdbx_PDB_ins_code 
_atom_site.Cartn_x 
_atom_site.Cartn_y 
_atom_site.Cartn_z 
_atom_site.occupancy 
_atom_site.B_iso_or_equiv 
_atom_site.pdbx_formal_charge 
_atom_site.auth_seq_id 
_atom_site.auth_comp_id 
_atom_site.auth_asym_id 
_atom_site.auth_atom_id 
_atom_site.pdbx_PDB_model_num 
ATOM   1    O OP3   . U   A 1 1  ? -18.237 21.589  -12.404 1.00 1.00 ? 1  U   A OP3   1 
ATOM   2    P P     . U   A 1 1  ? -18.368 21.465  -14.010 1.00 1.00 ? 1  U   A P     1 
ATOM   3    O OP1   . U   A 1 1  ? -19.469 20.479  -14.177 1.00 1.00 ? 1  U   A OP1   1 
ATOM   4    O OP2   . U   A 1 1  ? -18.675 22.785  -14.641 1.00 1.00 ? 1  U   A OP2   1 
ATOM   5    O "O5'" . U   A 1 1  ? -16.923 20.955  -14.460 1.00 1.00 ? 1  U   A "O5'" 1 
ATOM   6    C "C5'" . U   A 1 1  ? -16.056 21.921  -15.118 1.00 1.00 ? 1  U   A "C5'" 1 
ATOM   7    C "C4'" . U   A 1 1  ? -15.919 21.453  -16.546 1.00 1.00 ? 1  U   A "C4'" 1 
ATOM   8    O "O4'" . U   A 1 1  ? -15.031 22.305  -17.237 1.00 1.00 ? 1  U   A "O4'" 1 
ATOM   9    C "C3'" . U   A 1 1  ? -15.256 20.060  -16.689 1.00 1.00 ? 1  U   A "C3'" 1 
ATOM   10   O "O3'" . U   A 1 1  ? -16.152 19.027  -16.382 1.00 1.00 ? 1  U   A "O3'" 1 
ATOM   11   C "C2'" . U   A 1 1  ? -14.788 20.137  -18.150 1.00 1.00 ? 1  U   A "C2'" 1 
ATOM   12   O "O2'" . U   A 1 1  ? -15.942 19.935  -18.962 1.00 1.00 ? 1  U   A "O2'" 1 
ATOM   13   C "C1'" . U   A 1 1  ? -14.311 21.559  -18.236 1.00 1.00 ? 1  U   A "C1'" 1 
ATOM   14   N N1    . U   A 1 1  ? -12.885 21.774  -17.956 1.00 1.00 ? 1  U   A N1    1 
ATOM   15   C C2    . U   A 1 1  ? -12.016 22.011  -19.010 1.00 1.00 ? 1  U   A C2    1 
ATOM   16   O O2    . U   A 1 1  ? -12.434 22.029  -20.162 1.00 1.00 ? 1  U   A O2    1 
ATOM   17   N N3    . U   A 1 1  ? -10.694 22.220  -18.732 1.00 1.00 ? 1  U   A N3    1 
ATOM   18   C C4    . U   A 1 1  ? -10.208 22.205  -17.458 1.00 1.00 ? 1  U   A C4    1 
ATOM   19   O O4    . U   A 1 1  ? -8.980  22.408  -17.284 1.00 1.00 ? 1  U   A O4    1 
ATOM   20   C C5    . U   A 1 1  ? -11.109 21.964  -16.376 1.00 1.00 ? 1  U   A C5    1 
ATOM   21   C C6    . U   A 1 1  ? -12.406 21.757  -16.670 1.00 1.00 ? 1  U   A C6    1 
ATOM   22   P P     . C   A 1 2  ? -16.619 17.643  -17.017 1.00 1.00 ? 2  C   A P     1 
ATOM   23   O OP1   . C   A 1 2  ? -18.035 17.736  -17.524 1.00 1.00 ? 2  C   A OP1   1 
ATOM   24   O OP2   . C   A 1 2  ? -16.577 16.701  -15.857 1.00 1.00 ? 2  C   A OP2   1 
ATOM   25   O "O5'" . C   A 1 2  ? -15.620 17.329  -18.229 1.00 1.00 ? 2  C   A "O5'" 1 
ATOM   26   C "C5'" . C   A 1 2  ? -16.217 17.228  -19.550 1.00 1.00 ? 2  C   A "C5'" 1 
ATOM   27   C "C4'" . C   A 1 2  ? -15.166 17.016  -20.609 1.00 1.00 ? 2  C   A "C4'" 1 
ATOM   28   O "O4'" . C   A 1 2  ? -14.282 18.140  -20.650 1.00 1.00 ? 2  C   A "O4'" 1 
ATOM   29   C "C3'" . C   A 1 2  ? -14.208 15.848  -20.393 1.00 1.00 ? 2  C   A "C3'" 1 
ATOM   30   O "O3'" . C   A 1 2  ? -14.753 14.567  -20.711 1.00 1.00 ? 2  C   A "O3'" 1 
ATOM   31   C "C2'" . C   A 1 2  ? -13.041 16.226  -21.309 1.00 1.00 ? 2  C   A "C2'" 1 
ATOM   32   O "O2'" . C   A 1 2  ? -13.441 15.913  -22.636 1.00 1.00 ? 2  C   A "O2'" 1 
ATOM   33   C "C1'" . C   A 1 2  ? -12.991 17.724  -21.071 1.00 1.00 ? 2  C   A "C1'" 1 
ATOM   34   N N1    . C   A 1 2  ? -11.985 18.005  -20.027 1.00 1.00 ? 2  C   A N1    1 
ATOM   35   C C2    . C   A 1 2  ? -10.649 17.883  -20.368 1.00 1.00 ? 2  C   A C2    1 
ATOM   36   O O2    . C   A 1 2  ? -10.333 17.542  -21.510 1.00 1.00 ? 2  C   A O2    1 
ATOM   37   N N3    . C   A 1 2  ? -9.713  18.140  -19.405 1.00 1.00 ? 2  C   A N3    1 
ATOM   38   C C4    . C   A 1 2  ? -10.069 18.512  -18.147 1.00 1.00 ? 2  C   A C4    1 
ATOM   39   N N4    . C   A 1 2  ? -9.115  18.756  -17.241 1.00 1.00 ? 2  C   A N4    1 
ATOM   40   C C5    . C   A 1 2  ? -11.441 18.640  -17.803 1.00 1.00 ? 2  C   A C5    1 
ATOM   41   C C6    . C   A 1 2  ? -12.344 18.380  -18.761 1.00 1.00 ? 2  C   A C6    1 
ATOM   42   P P     . C   A 1 3  ? -13.979 13.313  -20.032 1.00 1.00 ? 3  C   A P     1 
ATOM   43   O OP1   . C   A 1 3  ? -14.756 12.039  -20.104 1.00 1.00 ? 3  C   A OP1   1 
ATOM   44   O OP2   . C   A 1 3  ? -13.833 13.772  -18.639 1.00 1.00 ? 3  C   A OP2   1 
ATOM   45   O "O5'" . C   A 1 3  ? -12.659 13.245  -20.903 1.00 1.00 ? 3  C   A "O5'" 1 
ATOM   46   C "C5'" . C   A 1 3  ? -12.712 12.368  -22.068 1.00 1.00 ? 3  C   A "C5'" 1 
ATOM   47   C "C4'" . C   A 1 3  ? -11.292 11.878  -22.238 1.00 1.00 ? 3  C   A "C4'" 1 
ATOM   48   O "O4'" . C   A 1 3  ? -10.430 13.013  -22.273 1.00 1.00 ? 3  C   A "O4'" 1 
ATOM   49   C "C3'" . C   A 1 3  ? -10.734 11.038  -21.093 1.00 1.00 ? 3  C   A "C3'" 1 
ATOM   50   O "O3'" . C   A 1 3  ? -11.126 9.660   -21.079 1.00 1.00 ? 3  C   A "O3'" 1 
ATOM   51   C "C2'" . C   A 1 3  ? -9.233  11.196  -21.348 1.00 1.00 ? 3  C   A "C2'" 1 
ATOM   52   O "O2'" . C   A 1 3  ? -8.933  10.343  -22.436 1.00 1.00 ? 3  C   A "O2'" 1 
ATOM   53   C "C1'" . C   A 1 3  ? -9.174  12.658  -21.749 1.00 1.00 ? 3  C   A "C1'" 1 
ATOM   54   N N1    . C   A 1 3  ? -8.865  13.439  -20.519 1.00 1.00 ? 3  C   A N1    1 
ATOM   55   C C2    . C   A 1 3  ? -7.535  13.567  -20.169 1.00 1.00 ? 3  C   A C2    1 
ATOM   56   O O2    . C   A 1 3  ? -6.654  13.055  -20.849 1.00 1.00 ? 3  C   A O2    1 
ATOM   57   N N3    . C   A 1 3  ? -7.248  14.286  -19.033 1.00 1.00 ? 3  C   A N3    1 
ATOM   58   C C4    . C   A 1 3  ? -8.234  14.843  -18.275 1.00 1.00 ? 3  C   A C4    1 
ATOM   59   N N4    . C   A 1 3  ? -7.880  15.524  -17.182 1.00 1.00 ? 3  C   A N4    1 
ATOM   60   C C5    . C   A 1 3  ? -9.594  14.701  -18.656 1.00 1.00 ? 3  C   A C5    1 
ATOM   61   C C6    . C   A 1 3  ? -9.851  13.996  -19.761 1.00 1.00 ? 3  C   A C6    1 
ATOM   62   P P     . G   A 1 4  ? -10.950 8.831   -19.698 1.00 1.00 ? 4  G   A P     1 
ATOM   63   O OP1   . G   A 1 4  ? -12.068 7.860   -19.450 1.00 1.00 ? 4  G   A OP1   1 
ATOM   64   O OP2   . G   A 1 4  ? -10.991 9.908   -18.671 1.00 1.00 ? 4  G   A OP2   1 
ATOM   65   O "O5'" . G   A 1 4  ? -9.540  8.129   -19.881 1.00 1.00 ? 4  G   A "O5'" 1 
ATOM   66   C "C5'" . G   A 1 4  ? -8.873  8.080   -21.168 1.00 1.00 ? 4  G   A "C5'" 1 
ATOM   67   C "C4'" . G   A 1 4  ? -7.396  8.233   -20.900 1.00 1.00 ? 4  G   A "C4'" 1 
ATOM   68   O "O4'" . G   A 1 4  ? -7.087  9.613   -20.744 1.00 1.00 ? 4  G   A "O4'" 1 
ATOM   69   C "C3'" . G   A 1 4  ? -6.897  7.627   -19.598 1.00 1.00 ? 4  G   A "C3'" 1 
ATOM   70   O "O3'" . G   A 1 4  ? -6.669  6.229   -19.653 1.00 1.00 ? 4  G   A "O3'" 1 
ATOM   71   C "C2'" . G   A 1 4  ? -5.573  8.391   -19.392 1.00 1.00 ? 4  G   A "C2'" 1 
ATOM   72   O "O2'" . G   A 1 4  ? -4.662  7.764   -20.274 1.00 1.00 ? 4  G   A "O2'" 1 
ATOM   73   C "C1'" . G   A 1 4  ? -5.978  9.773   -19.841 1.00 1.00 ? 4  G   A "C1'" 1 
ATOM   74   N N9    . G   A 1 4  ? -6.344  10.629  -18.704 1.00 1.00 ? 4  G   A N9    1 
ATOM   75   C C8    . G   A 1 4  ? -7.579  11.085  -18.329 1.00 1.00 ? 4  G   A C8    1 
ATOM   76   N N7    . G   A 1 4  ? -7.569  11.845  -17.268 1.00 1.00 ? 4  G   A N7    1 
ATOM   77   C C5    . G   A 1 4  ? -6.231  11.900  -16.912 1.00 1.00 ? 4  G   A C5    1 
ATOM   78   C C6    . G   A 1 4  ? -5.564  12.565  -15.844 1.00 1.00 ? 4  G   A C6    1 
ATOM   79   O O6    . G   A 1 4  ? -6.082  13.270  -14.971 1.00 1.00 ? 4  G   A O6    1 
ATOM   80   N N1    . G   A 1 4  ? -4.205  12.383  -15.815 1.00 1.00 ? 4  G   A N1    1 
ATOM   81   C C2    . G   A 1 4  ? -3.558  11.626  -16.746 1.00 1.00 ? 4  G   A C2    1 
ATOM   82   N N2    . G   A 1 4  ? -2.240  11.540  -16.586 1.00 1.00 ? 4  G   A N2    1 
ATOM   83   N N3    . G   A 1 4  ? -4.134  10.979  -17.766 1.00 1.00 ? 4  G   A N3    1 
ATOM   84   C C4    . G   A 1 4  ? -5.464  11.160  -17.783 1.00 1.00 ? 4  G   A C4    1 
ATOM   85   P P     . U   A 1 5  ? -6.124  5.507   -18.310 1.00 1.00 ? 5  U   A P     1 
ATOM   86   O OP1   . U   A 1 5  ? -5.759  4.089   -18.592 1.00 1.00 ? 5  U   A OP1   1 
ATOM   87   O OP2   . U   A 1 5  ? -7.322  5.630   -17.422 1.00 1.00 ? 5  U   A OP2   1 
ATOM   88   O "O5'" . U   A 1 5  ? -4.873  6.403   -17.892 1.00 1.00 ? 5  U   A "O5'" 1 
ATOM   89   C "C5'" . U   A 1 5  ? -3.564  5.824   -17.757 1.00 1.00 ? 5  U   A "C5'" 1 
ATOM   90   C "C4'" . U   A 1 5  ? -2.874  6.434   -16.560 1.00 1.00 ? 5  U   A "C4'" 1 
ATOM   91   O "O4'" . U   A 1 5  ? -3.155  7.824   -16.473 1.00 1.00 ? 5  U   A "O4'" 1 
ATOM   92   C "C3'" . U   A 1 5  ? -3.334  5.898   -15.193 1.00 1.00 ? 5  U   A "C3'" 1 
ATOM   93   O "O3'" . U   A 1 5  ? -2.777  4.634   -14.888 1.00 1.00 ? 5  U   A "O3'" 1 
ATOM   94   C "C2'" . U   A 1 5  ? -2.841  7.007   -14.252 1.00 1.00 ? 5  U   A "C2'" 1 
ATOM   95   O "O2'" . U   A 1 5  ? -1.438  6.839   -14.065 1.00 1.00 ? 5  U   A "O2'" 1 
ATOM   96   C "C1'" . U   A 1 5  ? -3.136  8.240   -15.091 1.00 1.00 ? 5  U   A "C1'" 1 
ATOM   97   N N1    . U   A 1 5  ? -4.432  8.865   -14.720 1.00 1.00 ? 5  U   A N1    1 
ATOM   98   C C2    . U   A 1 5  ? -4.376  9.781   -13.692 1.00 1.00 ? 5  U   A C2    1 
ATOM   99   O O2    . U   A 1 5  ? -3.297  10.031  -13.126 1.00 1.00 ? 5  U   A O2    1 
ATOM   100  N N3    . U   A 1 5  ? -5.522  10.416  -13.284 1.00 1.00 ? 5  U   A N3    1 
ATOM   101  C C4    . U   A 1 5  ? -6.712  10.145  -13.892 1.00 1.00 ? 5  U   A C4    1 
ATOM   102  O O4    . U   A 1 5  ? -7.726  10.765  -13.466 1.00 1.00 ? 5  U   A O4    1 
ATOM   103  C C5    . U   A 1 5  ? -6.772  9.202   -14.966 1.00 1.00 ? 5  U   A C5    1 
ATOM   104  C C6    . U   A 1 5  ? -5.623  8.603   -15.330 1.00 1.00 ? 5  U   A C6    1 
ATOM   105  P P     . G   A 1 6  ? -3.125  3.742   -13.612 1.00 1.00 ? 6  G   A P     1 
ATOM   106  O OP1   . G   A 1 6  ? -2.327  2.462   -13.628 1.00 1.00 ? 6  G   A OP1   1 
ATOM   107  O OP2   . G   A 1 6  ? -4.589  3.490   -13.724 1.00 1.00 ? 6  G   A OP2   1 
ATOM   108  O "O5'" . G   A 1 6  ? -2.666  4.617   -12.365 1.00 1.00 ? 6  G   A "O5'" 1 
ATOM   109  C "C5'" . G   A 1 6  ? -1.466  4.146   -11.680 1.00 1.00 ? 6  G   A "C5'" 1 
ATOM   110  C "C4'" . G   A 1 6  ? -1.031  5.268   -10.765 1.00 1.00 ? 6  G   A "C4'" 1 
ATOM   111  O "O4'" . G   A 1 6  ? -1.551  6.504   -11.214 1.00 1.00 ? 6  G   A "O4'" 1 
ATOM   112  C "C3'" . G   A 1 6  ? -1.574  5.159   -9.345  1.00 1.00 ? 6  G   A "C3'" 1 
ATOM   113  O "O3'" . G   A 1 6  ? -0.852  4.204   -8.569  1.00 1.00 ? 6  G   A "O3'" 1 
ATOM   114  C "C2'" . G   A 1 6  ? -1.391  6.589   -8.833  1.00 1.00 ? 6  G   A "C2'" 1 
ATOM   115  O "O2'" . G   A 1 6  ? -0.037  6.757   -8.507  1.00 1.00 ? 6  G   A "O2'" 1 
ATOM   116  C "C1'" . G   A 1 6  ? -1.785  7.354   -10.091 1.00 1.00 ? 6  G   A "C1'" 1 
ATOM   117  N N9    . G   A 1 6  ? -3.206  7.750   -10.012 1.00 1.00 ? 6  G   A N9    1 
ATOM   118  C C8    . G   A 1 6  ? -4.264  7.330   -10.776 1.00 1.00 ? 6  G   A C8    1 
ATOM   119  N N7    . G   A 1 6  ? -5.403  7.884   -10.446 1.00 1.00 ? 6  G   A N7    1 
ATOM   120  C C5    . G   A 1 6  ? -5.073  8.737   -9.392  1.00 1.00 ? 6  G   A C5    1 
ATOM   121  C C6    . G   A 1 6  ? -5.853  9.619   -8.599  1.00 1.00 ? 6  G   A C6    1 
ATOM   122  O O6    . G   A 1 6  ? -7.072  9.823   -8.693  1.00 1.00 ? 6  G   A O6    1 
ATOM   123  N N1    . G   A 1 6  ? -5.154  10.290  -7.648  1.00 1.00 ? 6  G   A N1    1 
ATOM   124  C C2    . G   A 1 6  ? -3.819  10.136  -7.467  1.00 1.00 ? 6  G   A C2    1 
ATOM   125  N N2    . G   A 1 6  ? -3.272  10.870  -6.484  1.00 1.00 ? 6  G   A N2    1 
ATOM   126  N N3    . G   A 1 6  ? -3.031  9.332   -8.176  1.00 1.00 ? 6  G   A N3    1 
ATOM   127  C C4    . G   A 1 6  ? -3.718  8.659   -9.116  1.00 1.00 ? 6  G   A C4    1 
ATOM   128  P P     . A   A 1 7  ? -1.789  3.052   -7.949  1.00 1.00 ? 7  A   A P     1 
ATOM   129  O OP1   . A   A 1 7  ? -1.063  1.751   -7.925  1.00 1.00 ? 7  A   A OP1   1 
ATOM   130  O OP2   . A   A 1 7  ? -2.945  3.064   -8.878  1.00 1.00 ? 7  A   A OP2   1 
ATOM   131  O "O5'" . A   A 1 7  ? -2.071  3.642   -6.487  1.00 1.00 ? 7  A   A "O5'" 1 
ATOM   132  C "C5'" . A   A 1 7  ? -0.970  4.284   -5.798  1.00 1.00 ? 7  A   A "C5'" 1 
ATOM   133  C "C4'" . A   A 1 7  ? -1.534  5.066   -4.628  1.00 1.00 ? 7  A   A "C4'" 1 
ATOM   134  O "O4'" . A   A 1 7  ? -2.410  6.051   -5.145  1.00 1.00 ? 7  A   A "O4'" 1 
ATOM   135  C "C3'" . A   A 1 7  ? -2.359  4.206   -3.652  1.00 1.00 ? 7  A   A "C3'" 1 
ATOM   136  O "O3'" . A   A 1 7  ? -2.329  4.703   -2.310  1.00 1.00 ? 7  A   A "O3'" 1 
ATOM   137  C "C2'" . A   A 1 7  ? -3.754  4.406   -4.224  1.00 1.00 ? 7  A   A "C2'" 1 
ATOM   138  O "O2'" . A   A 1 7  ? -4.697  4.070   -3.253  1.00 1.00 ? 7  A   A "O2'" 1 
ATOM   139  C "C1'" . A   A 1 7  ? -3.711  5.881   -4.599  1.00 1.00 ? 7  A   A "C1'" 1 
ATOM   140  N N9    . A   A 1 7  ? -4.808  6.109   -5.544  1.00 1.00 ? 7  A   A N9    1 
ATOM   141  C C8    . A   A 1 7  ? -5.061  5.464   -6.730  1.00 1.00 ? 7  A   A C8    1 
ATOM   142  N N7    . A   A 1 7  ? -6.135  5.892   -7.348  1.00 1.00 ? 7  A   A N7    1 
ATOM   143  C C5    . A   A 1 7  ? -6.639  6.880   -6.519  1.00 1.00 ? 7  A   A C5    1 
ATOM   144  C C6    . A   A 1 7  ? -7.770  7.719   -6.615  1.00 1.00 ? 7  A   A C6    1 
ATOM   145  N N6    . A   A 1 7  ? -8.642  7.713   -7.608  1.00 1.00 ? 7  A   A N6    1 
ATOM   146  N N1    . A   A 1 7  ? -7.955  8.595   -5.584  1.00 1.00 ? 7  A   A N1    1 
ATOM   147  C C2    . A   A 1 7  ? -7.071  8.635   -4.530  1.00 1.00 ? 7  A   A C2    1 
ATOM   148  N N3    . A   A 1 7  ? -5.990  7.882   -4.372  1.00 1.00 ? 7  A   A N3    1 
ATOM   149  C C4    . A   A 1 7  ? -5.829  7.025   -5.400  1.00 1.00 ? 7  A   A C4    1 
ATOM   150  P P     . U   A 1 8  ? -0.940  4.722   -1.490  1.00 1.00 ? 8  U   A P     1 
ATOM   151  O OP1   . U   A 1 8  ? -1.026  5.708   -0.358  1.00 1.00 ? 8  U   A OP1   1 
ATOM   152  O OP2   . U   A 1 8  ? 0.080   5.054   -2.499  1.00 1.00 ? 8  U   A OP2   1 
ATOM   153  O "O5'" . U   A 1 8  ? -0.857  3.263   -0.854  1.00 1.00 ? 8  U   A "O5'" 1 
ATOM   154  C "C5'" . U   A 1 8  ? -1.933  3.077   0.123   1.00 1.00 ? 8  U   A "C5'" 1 
ATOM   155  C "C4'" . U   A 1 8  ? -2.039  1.584   0.282   1.00 1.00 ? 8  U   A "C4'" 1 
ATOM   156  O "O4'" . U   A 1 8  ? -1.795  0.942   -0.951  1.00 1.00 ? 8  U   A "O4'" 1 
ATOM   157  C "C3'" . U   A 1 8  ? -0.976  0.978   1.210   1.00 1.00 ? 8  U   A "C3'" 1 
ATOM   158  O "O3'" . U   A 1 8  ? -1.286  1.215   2.582   1.00 1.00 ? 8  U   A "O3'" 1 
ATOM   159  C "C2'" . U   A 1 8  ? -1.038  -0.483  0.772   1.00 1.00 ? 8  U   A "C2'" 1 
ATOM   160  O "O2'" . U   A 1 8  ? -2.209  -1.030  1.353   1.00 1.00 ? 8  U   A "O2'" 1 
ATOM   161  C "C1'" . U   A 1 8  ? -1.204  -0.338  -0.730  1.00 1.00 ? 8  U   A "C1'" 1 
ATOM   162  N N1    . U   A 1 8  ? 0.110   -0.452  -1.399  1.00 1.00 ? 8  U   A N1    1 
ATOM   163  C C2    . U   A 1 8  ? 0.809   -1.634  -1.241  1.00 1.00 ? 8  U   A C2    1 
ATOM   164  O O2    . U   A 1 8  ? 0.353   -2.551  -0.555  1.00 1.00 ? 8  U   A O2    1 
ATOM   165  N N3    . U   A 1 8  ? 2.013   -1.745  -1.872  1.00 1.00 ? 8  U   A N3    1 
ATOM   166  C C4    . U   A 1 8  ? 2.534   -0.745  -2.635  1.00 1.00 ? 8  U   A C4    1 
ATOM   167  O O4    . U   A 1 8  ? 3.667   -0.949  -3.177  1.00 1.00 ? 8  U   A O4    1 
ATOM   168  C C5    . U   A 1 8  ? 1.795   0.459   -2.789  1.00 1.00 ? 8  U   A C5    1 
ATOM   169  C C6    . U   A 1 8  ? 0.614   0.558   -2.164  1.00 1.00 ? 8  U   A C6    1 
ATOM   170  P P     . A   A 1 9  ? -0.772  2.579   3.263   1.00 1.00 ? 9  A   A P     1 
ATOM   171  O OP1   . A   A 1 9  ? -1.734  3.705   3.062   1.00 1.00 ? 9  A   A OP1   1 
ATOM   172  O OP2   . A   A 1 9  ? 0.502   2.825   2.530   1.00 1.00 ? 9  A   A OP2   1 
ATOM   173  O "O5'" . A   A 1 9  ? -0.646  2.226   4.802   1.00 1.00 ? 9  A   A "O5'" 1 
ATOM   174  C "C5'" . A   A 1 9  ? 0.602   1.719   5.324   1.00 1.00 ? 9  A   A "C5'" 1 
ATOM   175  C "C4'" . A   A 1 9  ? 0.194   1.022   6.617   1.00 1.00 ? 9  A   A "C4'" 1 
ATOM   176  O "O4'" . A   A 1 9  ? 0.486   -0.351  6.507   1.00 1.00 ? 9  A   A "O4'" 1 
ATOM   177  C "C3'" . A   A 1 9  ? 0.956   1.531   7.869   1.00 1.00 ? 9  A   A "C3'" 1 
ATOM   178  O "O3'" . A   A 1 9  ? 0.109   1.512   9.033   1.00 1.00 ? 9  A   A "O3'" 1 
ATOM   179  C "C2'" . A   A 1 9  ? 2.081   0.487   7.943   1.00 1.00 ? 9  A   A "C2'" 1 
ATOM   180  O "O2'" . A   A 1 9  ? 2.584   0.510   9.237   1.00 1.00 ? 9  A   A "O2'" 1 
ATOM   181  C "C1'" . A   A 1 9  ? 1.354   -0.767  7.568   1.00 1.00 ? 9  A   A "C1'" 1 
ATOM   182  N N9    . A   A 1 9  ? 2.268   -1.774  7.033   1.00 1.00 ? 9  A   A N9    1 
ATOM   183  C C8    . A   A 1 9  ? 3.449   -1.535  6.372   1.00 1.00 ? 9  A   A C8    1 
ATOM   184  N N7    . A   A 1 9  ? 4.067   -2.625  5.981   1.00 1.00 ? 9  A   A N7    1 
ATOM   185  C C5    . A   A 1 9  ? 3.213   -3.650  6.391   1.00 1.00 ? 9  A   A C5    1 
ATOM   186  C C6    . A   A 1 9  ? 3.313   -5.051  6.259   1.00 1.00 ? 9  A   A C6    1 
ATOM   187  N N6    . A   A 1 9  ? 4.330   -5.664  5.673   1.00 1.00 ? 9  A   A N6    1 
ATOM   188  N N1    . A   A 1 9  ? 2.291   -5.753  6.807   1.00 1.00 ? 9  A   A N1    1 
ATOM   189  C C2    . A   A 1 9  ? 1.242   -5.132  7.415   1.00 1.00 ? 9  A   A C2    1 
ATOM   190  N N3    . A   A 1 9  ? 1.090   -3.817  7.571   1.00 1.00 ? 9  A   A N3    1 
ATOM   191  C C4    . A   A 1 9  ? 2.111   -3.137  7.032   1.00 1.00 ? 9  A   A C4    1 
ATOM   192  P P     . G   A 1 10 ? -0.800  2.848   9.196   1.00 1.00 ? 10 G   A P     1 
ATOM   193  O OP1   . G   A 1 10 ? -1.724  2.679   10.358  1.00 1.00 ? 10 G   A OP1   1 
ATOM   194  O OP2   . G   A 1 10 ? -1.423  3.033   7.869   1.00 1.00 ? 10 G   A OP2   1 
ATOM   195  O "O5'" . G   A 1 10 ? 0.275   3.973   9.489   1.00 1.00 ? 10 G   A "O5'" 1 
ATOM   196  C "C5'" . G   A 1 10 ? -0.217  5.356   9.610   1.00 1.00 ? 10 G   A "C5'" 1 
ATOM   197  C "C4'" . G   A 1 10 ? 1.074   6.099   9.881   1.00 1.00 ? 10 G   A "C4'" 1 
ATOM   198  O "O4'" . G   A 1 10 ? 1.752   5.446   10.945  1.00 1.00 ? 10 G   A "O4'" 1 
ATOM   199  C "C3'" . G   A 1 10 ? 2.063   6.062   8.728   1.00 1.00 ? 10 G   A "C3'" 1 
ATOM   200  O "O3'" . G   A 1 10 ? 1.774   7.024   7.746   1.00 1.00 ? 10 G   A "O3'" 1 
ATOM   201  C "C2'" . G   A 1 10 ? 3.381   6.356   9.473   1.00 1.00 ? 10 G   A "C2'" 1 
ATOM   202  O "O2'" . G   A 1 10 ? 3.404   7.751   9.697   1.00 1.00 ? 10 G   A "O2'" 1 
ATOM   203  C "C1'" . G   A 1 10 ? 3.156   5.561   10.750  1.00 1.00 ? 10 G   A "C1'" 1 
ATOM   204  N N9    . G   A 1 10 ? 3.745   4.223   10.659  1.00 1.00 ? 10 G   A N9    1 
ATOM   205  C C8    . G   A 1 10 ? 3.118   3.020   10.880  1.00 1.00 ? 10 G   A C8    1 
ATOM   206  N N7    . G   A 1 10 ? 3.903   1.985   10.725  1.00 1.00 ? 10 G   A N7    1 
ATOM   207  C C5    . G   A 1 10 ? 5.131   2.542   10.375  1.00 1.00 ? 10 G   A C5    1 
ATOM   208  C C6    . G   A 1 10 ? 6.382   1.951   10.071  1.00 1.00 ? 10 G   A C6    1 
ATOM   209  O O6    . G   A 1 10 ? 6.681   0.760   10.048  1.00 1.00 ? 10 G   A O6    1 
ATOM   210  N N1    . G   A 1 10 ? 7.366   2.857   9.771   1.00 1.00 ? 10 G   A N1    1 
ATOM   211  C C2    . G   A 1 10 ? 7.169   4.195   9.758   1.00 1.00 ? 10 G   A C2    1 
ATOM   212  N N2    . G   A 1 10 ? 8.250   4.910   9.437   1.00 1.00 ? 10 G   A N2    1 
ATOM   213  N N3    . G   A 1 10 ? 6.019   4.796   10.036  1.00 1.00 ? 10 G   A N3    1 
ATOM   214  C C4    . G   A 1 10 ? 5.034   3.917   10.331  1.00 1.00 ? 10 G   A C4    1 
ATOM   215  P P     . U   A 1 11 ? 2.034   6.800   6.187   1.00 1.00 ? 11 U   A P     1 
ATOM   216  O OP1   . U   A 1 11 ? 1.444   7.884   5.327   1.00 1.00 ? 11 U   A OP1   1 
ATOM   217  O OP2   . U   A 1 11 ? 1.432   5.466   5.922   1.00 1.00 ? 11 U   A OP2   1 
ATOM   218  O "O5'" . U   A 1 11 ? 3.602   6.902   6.072   1.00 1.00 ? 11 U   A "O5'" 1 
ATOM   219  C "C5'" . U   A 1 11 ? 4.149   8.261   6.337   1.00 1.00 ? 11 U   A "C5'" 1 
ATOM   220  C "C4'" . U   A 1 11 ? 5.591   7.963   5.982   1.00 1.00 ? 11 U   A "C4'" 1 
ATOM   221  O "O4'" . U   A 1 11 ? 6.083   6.981   6.830   1.00 1.00 ? 11 U   A "O4'" 1 
ATOM   222  C "C3'" . U   A 1 11 ? 5.662   7.337   4.594   1.00 1.00 ? 11 U   A "C3'" 1 
ATOM   223  O "O3'" . U   A 1 11 ? 5.566   8.326   3.603   1.00 1.00 ? 11 U   A "O3'" 1 
ATOM   224  C "C2'" . U   A 1 11 ? 7.044   6.643   4.666   1.00 1.00 ? 11 U   A "C2'" 1 
ATOM   225  O "O2'" . U   A 1 11 ? 8.006   7.663   4.461   1.00 1.00 ? 11 U   A "O2'" 1 
ATOM   226  C "C1'" . U   A 1 11 ? 6.987   6.153   6.079   1.00 1.00 ? 11 U   A "C1'" 1 
ATOM   227  N N1    . U   A 1 11 ? 6.447   4.785   6.197   1.00 1.00 ? 11 U   A N1    1 
ATOM   228  C C2    . U   A 1 11 ? 7.343   3.738   6.036   1.00 1.00 ? 11 U   A C2    1 
ATOM   229  O O2    . U   A 1 11 ? 8.529   3.968   5.791   1.00 1.00 ? 11 U   A O2    1 
ATOM   230  N N3    . U   A 1 11 ? 6.836   2.474   6.158   1.00 1.00 ? 11 U   A N3    1 
ATOM   231  C C4    . U   A 1 11 ? 5.530   2.222   6.437   1.00 1.00 ? 11 U   A C4    1 
ATOM   232  O O4    . U   A 1 11 ? 5.166   1.020   6.534   1.00 1.00 ? 11 U   A O4    1 
ATOM   233  C C5    . U   A 1 11 ? 4.640   3.318   6.603   1.00 1.00 ? 11 U   A C5    1 
ATOM   234  C C6    . U   A 1 11 ? 5.135   4.562   6.478   1.00 1.00 ? 11 U   A C6    1 
ATOM   235  P P     . U   A 1 12 ? 5.790   7.862   2.084   1.00 1.00 ? 12 U   A P     1 
ATOM   236  O OP1   . U   A 1 12 ? 5.912   9.061   1.200   1.00 1.00 ? 12 U   A OP1   1 
ATOM   237  O OP2   . U   A 1 12 ? 4.571   7.020   1.927   1.00 1.00 ? 12 U   A OP2   1 
ATOM   238  O "O5'" . U   A 1 12 ? 7.112   6.995   2.130   1.00 1.00 ? 12 U   A "O5'" 1 
ATOM   239  C "C5'" . U   A 1 12 ? 8.266   7.548   1.427   1.00 1.00 ? 12 U   A "C5'" 1 
ATOM   240  C "C4'" . U   A 1 12 ? 8.990   6.342   0.853   1.00 1.00 ? 12 U   A "C4'" 1 
ATOM   241  O "O4'" . U   A 1 12 ? 9.207   5.391   1.896   1.00 1.00 ? 12 U   A "O4'" 1 
ATOM   242  C "C3'" . U   A 1 12 ? 8.230   5.565   -0.204  1.00 1.00 ? 12 U   A "C3'" 1 
ATOM   243  O "O3'" . U   A 1 12 ? 8.293   6.168   -1.477  1.00 1.00 ? 12 U   A "O3'" 1 
ATOM   244  C "C2'" . U   A 1 12 ? 8.959   4.202   -0.167  1.00 1.00 ? 12 U   A "C2'" 1 
ATOM   245  O "O2'" . U   A 1 12 ? 10.143  4.373   -0.933  1.00 1.00 ? 12 U   A "O2'" 1 
ATOM   246  C "C1'" . U   A 1 12 ? 9.204   4.070   1.315   1.00 1.00 ? 12 U   A "C1'" 1 
ATOM   247  N N1    . U   A 1 12 ? 8.177   3.288   2.017   1.00 1.00 ? 12 U   A N1    1 
ATOM   248  C C2    . U   A 1 12 ? 8.334   1.913   2.048   1.00 1.00 ? 12 U   A C2    1 
ATOM   249  O O2    . U   A 1 12 ? 9.282   1.373   1.499   1.00 1.00 ? 12 U   A O2    1 
ATOM   250  N N3    . U   A 1 12 ? 7.374   1.193   2.706   1.00 1.00 ? 12 U   A N3    1 
ATOM   251  C C4    . U   A 1 12 ? 6.310   1.778   3.321   1.00 1.00 ? 12 U   A C4    1 
ATOM   252  O O4    . U   A 1 12 ? 5.489   1.013   3.901   1.00 1.00 ? 12 U   A O4    1 
ATOM   253  C C5    . U   A 1 12 ? 6.172   3.195   3.272   1.00 1.00 ? 12 U   A C5    1 
ATOM   254  C C6    . U   A 1 12 ? 7.114   3.895   2.623   1.00 1.00 ? 12 U   A C6    1 
HETATM 255  N N1    . PSU A 1 13 ? 4.420   1.097   0.602   1.00 1.00 ? 13 PSU A N1    1 
HETATM 256  C C2    . PSU A 1 13 ? 3.959   -0.139  0.907   1.00 1.00 ? 13 PSU A C2    1 
HETATM 257  N N3    . PSU A 1 13 ? 4.790   -1.158  0.548   1.00 1.00 ? 13 PSU A N3    1 
HETATM 258  C C4    . PSU A 1 13 ? 6.020   -1.021  -0.077  1.00 1.00 ? 13 PSU A C4    1 
HETATM 259  C C5    . PSU A 1 13 ? 6.431   0.340   -0.363  1.00 1.00 ? 13 PSU A C5    1 
HETATM 260  C C6    . PSU A 1 13 ? 5.611   1.327   -0.014  1.00 1.00 ? 13 PSU A C6    1 
HETATM 261  O O2    . PSU A 1 13 ? 2.883   -0.337  1.466   1.00 1.00 ? 13 PSU A O2    1 
HETATM 262  O O4    . PSU A 1 13 ? 6.716   -1.975  -0.374  1.00 1.00 ? 13 PSU A O4    1 
HETATM 263  C "C1'" . PSU A 1 13 ? 7.754   0.530   -1.043  1.00 1.00 ? 13 PSU A "C1'" 1 
HETATM 264  C "C2'" . PSU A 1 13 ? 7.922   -0.411  -2.239  1.00 1.00 ? 13 PSU A "C2'" 1 
HETATM 265  O "O2'" . PSU A 1 13 ? 9.281   -0.796  -2.394  1.00 1.00 ? 13 PSU A "O2'" 1 
HETATM 266  C "C3'" . PSU A 1 13 ? 7.581   0.522   -3.391  1.00 1.00 ? 13 PSU A "C3'" 1 
HETATM 267  C "C4'" . PSU A 1 13 ? 8.231   1.822   -2.899  1.00 1.00 ? 13 PSU A "C4'" 1 
HETATM 268  O "O3'" . PSU A 1 13 ? 8.083   0.092   -4.646  1.00 1.00 ? 13 PSU A "O3'" 1 
HETATM 269  O "O4'" . PSU A 1 13 ? 7.930   1.851   -1.513  1.00 1.00 ? 13 PSU A "O4'" 1 
HETATM 270  C "C5'" . PSU A 1 13 ? 7.728   3.078   -3.565  1.00 1.00 ? 13 PSU A "C5'" 1 
HETATM 271  O "O5'" . PSU A 1 13 ? 8.569   4.160   -3.005  1.00 1.00 ? 13 PSU A "O5'" 1 
HETATM 272  P P     . PSU A 1 13 ? 7.672   5.463   -2.765  1.00 1.00 ? 13 PSU A P     1 
HETATM 273  O OP1   . PSU A 1 13 ? 7.667   6.347   -3.972  1.00 1.00 ? 13 PSU A OP1   1 
HETATM 274  O OP2   . PSU A 1 13 ? 6.280   5.106   -2.308  1.00 1.00 ? 13 PSU A OP2   1 
ATOM   275  P P     . A   A 1 14 ? 7.325   -0.839  -5.692  1.00 1.00 ? 14 A   A P     1 
ATOM   276  O OP1   . A   A 1 14 ? 7.965   -0.693  -7.051  1.00 1.00 ? 14 A   A OP1   1 
ATOM   277  O OP2   . A   A 1 14 ? 5.889   -0.430  -5.652  1.00 1.00 ? 14 A   A OP2   1 
ATOM   278  O "O5'" . A   A 1 14 ? 7.560   -2.330  -5.160  1.00 1.00 ? 14 A   A "O5'" 1 
ATOM   279  C "C5'" . A   A 1 14 ? 6.927   -3.355  -5.972  1.00 1.00 ? 14 A   A "C5'" 1 
ATOM   280  C "C4'" . A   A 1 14 ? 7.058   -4.669  -5.251  1.00 1.00 ? 14 A   A "C4'" 1 
ATOM   281  O "O4'" . A   A 1 14 ? 6.819   -4.516  -3.858  1.00 1.00 ? 14 A   A "O4'" 1 
ATOM   282  C "C3'" . A   A 1 14 ? 6.009   -5.719  -5.670  1.00 1.00 ? 14 A   A "C3'" 1 
ATOM   283  O "O3'" . A   A 1 14 ? 6.313   -6.283  -6.936  1.00 1.00 ? 14 A   A "O3'" 1 
ATOM   284  C "C2'" . A   A 1 14 ? 6.071   -6.684  -4.478  1.00 1.00 ? 14 A   A "C2'" 1 
ATOM   285  O "O2'" . A   A 1 14 ? 7.234   -7.486  -4.656  1.00 1.00 ? 14 A   A "O2'" 1 
ATOM   286  C "C1'" . A   A 1 14 ? 6.224   -5.703  -3.334  1.00 1.00 ? 14 A   A "C1'" 1 
ATOM   287  N N9    . A   A 1 14 ? 4.916   -5.366  -2.772  1.00 1.00 ? 14 A   A N9    1 
ATOM   288  C C8    . A   A 1 14 ? 4.339   -4.112  -2.799  1.00 1.00 ? 14 A   A C8    1 
ATOM   289  N N7    . A   A 1 14 ? 3.164   -4.064  -2.230  1.00 1.00 ? 14 A   A N7    1 
ATOM   290  C C5    . A   A 1 14 ? 2.947   -5.368  -1.814  1.00 1.00 ? 14 A   A C5    1 
ATOM   291  C C6    . A   A 1 14 ? 1.851   -5.964  -1.136  1.00 1.00 ? 14 A   A C6    1 
ATOM   292  N N6    . A   A 1 14 ? 0.779   -5.287  -0.776  1.00 1.00 ? 14 A   A N6    1 
ATOM   293  N N1    . A   A 1 14 ? 1.990   -7.287  -0.878  1.00 1.00 ? 14 A   A N1    1 
ATOM   294  C C2    . A   A 1 14 ? 3.105   -7.973  -1.250  1.00 1.00 ? 14 A   A C2    1 
ATOM   295  N N3    . A   A 1 14 ? 4.164   -7.485  -1.892  1.00 1.00 ? 14 A   A N3    1 
ATOM   296  C C4    . A   A 1 14 ? 4.021   -6.176  -2.140  1.00 1.00 ? 14 A   A C4    1 
ATOM   297  P P     . A   A 1 15 ? 5.654   -5.652  -8.270  1.00 1.00 ? 15 A   A P     1 
ATOM   298  O OP1   . A   A 1 15 ? 6.591   -5.648  -9.434  1.00 1.00 ? 15 A   A OP1   1 
ATOM   299  O OP2   . A   A 1 15 ? 5.293   -4.261  -7.864  1.00 1.00 ? 15 A   A OP2   1 
ATOM   300  O "O5'" . A   A 1 15 ? 4.394   -6.622  -8.467  1.00 1.00 ? 15 A   A "O5'" 1 
ATOM   301  C "C5'" . A   A 1 15 ? 4.627   -7.999  -8.868  1.00 1.00 ? 15 A   A "C5'" 1 
ATOM   302  C "C4'" . A   A 1 15 ? 3.670   -8.843  -8.060  1.00 1.00 ? 15 A   A "C4'" 1 
ATOM   303  O "O4'" . A   A 1 15 ? 3.576   -8.330  -6.749  1.00 1.00 ? 15 A   A "O4'" 1 
ATOM   304  C "C3'" . A   A 1 15 ? 2.222   -8.824  -8.549  1.00 1.00 ? 15 A   A "C3'" 1 
ATOM   305  O "O3'" . A   A 1 15 ? 1.986   -9.691  -9.640  1.00 1.00 ? 15 A   A "O3'" 1 
ATOM   306  C "C2'" . A   A 1 15 ? 1.466   -9.292  -7.292  1.00 1.00 ? 15 A   A "C2'" 1 
ATOM   307  O "O2'" . A   A 1 15 ? 1.607   -10.706 -7.249  1.00 1.00 ? 15 A   A "O2'" 1 
ATOM   308  C "C1'" . A   A 1 15 ? 2.243   -8.583  -6.214  1.00 1.00 ? 15 A   A "C1'" 1 
ATOM   309  N N9    . A   A 1 15 ? 1.704   -7.299  -5.743  1.00 1.00 ? 15 A   A N9    1 
ATOM   310  C C8    . A   A 1 15 ? 2.100   -6.037  -6.124  1.00 1.00 ? 15 A   A C8    1 
ATOM   311  N N7    . A   A 1 15 ? 1.448   -5.072  -5.515  1.00 1.00 ? 15 A   A N7    1 
ATOM   312  C C5    . A   A 1 15 ? 0.568   -5.757  -4.675  1.00 1.00 ? 15 A   A C5    1 
ATOM   313  C C6    . A   A 1 15 ? -0.391  -5.292  -3.757  1.00 1.00 ? 15 A   A C6    1 
ATOM   314  N N6    . A   A 1 15 ? -0.638  -4.006  -3.547  1.00 1.00 ? 15 A   A N6    1 
ATOM   315  N N1    . A   A 1 15 ? -1.090  -6.253  -3.089  1.00 1.00 ? 15 A   A N1    1 
ATOM   316  C C2    . A   A 1 15 ? -0.853  -7.576  -3.299  1.00 1.00 ? 15 A   A C2    1 
ATOM   317  N N3    . A   A 1 15 ? 0.052   -8.088  -4.141  1.00 1.00 ? 15 A   A N3    1 
ATOM   318  C C4    . A   A 1 15 ? 0.724   -7.123  -4.795  1.00 1.00 ? 15 A   A C4    1 
HETATM 319  P P     . H2U A 1 16 ? 1.553   -9.078  -11.056 1.00 1.00 ? 16 H2U A P     1 
HETATM 320  O OP1   . H2U A 1 16 ? 2.597   -9.473  -12.052 1.00 1.00 ? 16 H2U A OP1   1 
HETATM 321  O OP2   . H2U A 1 16 ? 1.578   -7.610  -10.796 1.00 1.00 ? 16 H2U A OP2   1 
HETATM 322  O "O5'" . H2U A 1 16 ? 0.117   -9.699  -11.323 1.00 1.00 ? 16 H2U A "O5'" 1 
HETATM 323  C "C5'" . H2U A 1 16 ? -0.759  -9.058  -12.283 1.00 1.00 ? 16 H2U A "C5'" 1 
HETATM 324  C "C4'" . H2U A 1 16 ? -1.437  -10.091 -13.167 1.00 1.00 ? 16 H2U A "C4'" 1 
HETATM 325  O "O4'" . H2U A 1 16 ? -0.573  -11.161 -13.508 1.00 1.00 ? 16 H2U A "O4'" 1 
HETATM 326  C "C3'" . H2U A 1 16 ? -2.646  -10.767 -12.483 1.00 1.00 ? 16 H2U A "C3'" 1 
HETATM 327  O "O3'" . H2U A 1 16 ? -3.713  -11.005 -13.437 1.00 1.00 ? 16 H2U A "O3'" 1 
HETATM 328  C "C1'" . H2U A 1 16 ? -1.125  -12.446 -13.122 1.00 1.00 ? 16 H2U A "C1'" 1 
HETATM 329  C "C2'" . H2U A 1 16 ? -2.042  -12.077 -11.976 1.00 1.00 ? 16 H2U A "C2'" 1 
HETATM 330  O "O2'" . H2U A 1 16 ? -3.073  -12.985 -11.714 1.00 1.00 ? 16 H2U A "O2'" 1 
HETATM 331  N N1    . H2U A 1 16 ? -0.035  -13.330 -12.761 1.00 0.70 ? 16 H2U A N1    1 
HETATM 332  C C2    . H2U A 1 16 ? -0.270  -14.475 -12.088 1.00 0.70 ? 16 H2U A C2    1 
HETATM 333  O O2    . H2U A 1 16 ? -1.341  -14.853 -11.640 1.00 0.70 ? 16 H2U A O2    1 
HETATM 334  N N3    . H2U A 1 16 ? 0.838   -15.286 -11.839 1.00 0.70 ? 16 H2U A N3    1 
HETATM 335  C C4    . H2U A 1 16 ? 2.116   -15.057 -12.242 1.00 0.70 ? 16 H2U A C4    1 
HETATM 336  O O4    . H2U A 1 16 ? 3.023   -15.836 -11.959 1.00 0.70 ? 16 H2U A O4    1 
HETATM 337  C C5    . H2U A 1 16 ? 2.328   -13.809 -13.026 1.00 0.70 ? 16 H2U A C5    1 
HETATM 338  C C6    . H2U A 1 16 ? 1.322   -12.747 -12.620 1.00 0.70 ? 16 H2U A C6    1 
ATOM   339  P P     . G   A 1 17 ? -5.159  -10.660 -12.758 1.00 1.00 ? 17 G   A P     1 
ATOM   340  O OP1   . G   A 1 17 ? -6.261  -10.774 -13.744 1.00 1.00 ? 17 G   A OP1   1 
ATOM   341  O OP2   . G   A 1 17 ? -4.960  -9.246  -12.330 1.00 1.00 ? 17 G   A OP2   1 
ATOM   342  O "O5'" . G   A 1 17 ? -5.245  -11.696 -11.559 1.00 1.00 ? 17 G   A "O5'" 1 
ATOM   343  C "C5'" . G   A 1 17 ? -4.486  -11.408 -10.330 1.00 1.00 ? 17 G   A "C5'" 1 
ATOM   344  C "C4'" . G   A 1 17 ? -5.323  -12.098 -9.263  1.00 1.00 ? 17 G   A "C4'" 1 
ATOM   345  O "O4'" . G   A 1 17 ? -6.665  -11.753 -9.484  1.00 1.00 ? 17 G   A "O4'" 1 
ATOM   346  C "C3'" . G   A 1 17 ? -5.227  -13.620 -9.323  1.00 1.00 ? 17 G   A "C3'" 1 
ATOM   347  O "O3'" . G   A 1 17 ? -5.425  -14.223 -8.025  1.00 1.00 ? 17 G   A "O3'" 1 
ATOM   348  C "C2'" . G   A 1 17 ? -6.432  -13.939 -10.225 1.00 1.00 ? 17 G   A "C2'" 1 
ATOM   349  O "O2'" . G   A 1 17 ? -6.767  -15.285 -10.076 1.00 1.00 ? 17 G   A "O2'" 1 
ATOM   350  C "C1'" . G   A 1 17 ? -7.451  -12.952 -9.713  1.00 1.00 ? 17 G   A "C1'" 1 
ATOM   351  N N9    . G   A 1 17 ? -8.534  -12.722 -10.682 1.00 1.00 ? 17 G   A N9    1 
ATOM   352  C C8    . G   A 1 17 ? -8.407  -12.610 -12.047 1.00 1.00 ? 17 G   A C8    1 
ATOM   353  N N7    . G   A 1 17 ? -9.533  -12.403 -12.664 1.00 1.00 ? 17 G   A N7    1 
ATOM   354  C C5    . G   A 1 17 ? -10.480 -12.374 -11.640 1.00 1.00 ? 17 G   A C5    1 
ATOM   355  C C6    . G   A 1 17 ? -11.893 -12.185 -11.666 1.00 1.00 ? 17 G   A C6    1 
ATOM   356  O O6    . G   A 1 17 ? -12.608 -11.999 -12.654 1.00 1.00 ? 17 G   A O6    1 
ATOM   357  N N1    . G   A 1 17 ? -12.483 -12.213 -10.430 1.00 1.00 ? 17 G   A N1    1 
ATOM   358  C C2    . G   A 1 17 ? -11.786 -12.411 -9.286  1.00 1.00 ? 17 G   A C2    1 
ATOM   359  N N2    . G   A 1 17 ? -12.521 -12.413 -8.169  1.00 1.00 ? 17 G   A N2    1 
ATOM   360  N N3    . G   A 1 17 ? -10.458 -12.593 -9.206  1.00 1.00 ? 17 G   A N3    1 
ATOM   361  C C4    . G   A 1 17 ? -9.867  -12.562 -10.415 1.00 1.00 ? 17 G   A C4    1 
ATOM   362  P P     . G   A 1 18 ? -4.664  -15.616 -7.734  1.00 1.00 ? 18 G   A P     1 
ATOM   363  O OP1   . G   A 1 18 ? -3.320  -15.245 -7.118  1.00 1.00 ? 18 G   A OP1   1 
ATOM   364  O OP2   . G   A 1 18 ? -4.476  -16.154 -9.109  1.00 1.00 ? 18 G   A OP2   1 
ATOM   365  O "O5'" . G   A 1 18 ? -5.577  -16.436 -6.739  1.00 1.00 ? 18 G   A "O5'" 1 
ATOM   366  C "C5'" . G   A 1 18 ? -5.262  -17.695 -6.108  1.00 1.00 ? 18 G   A "C5'" 1 
ATOM   367  C "C4'" . G   A 1 18 ? -4.458  -17.426 -4.832  1.00 1.00 ? 18 G   A "C4'" 1 
ATOM   368  O "O4'" . G   A 1 18 ? -5.132  -16.503 -4.025  1.00 1.00 ? 18 G   A "O4'" 1 
ATOM   369  C "C3'" . G   A 1 18 ? -4.279  -18.652 -3.916  1.00 1.00 ? 18 G   A "C3'" 1 
ATOM   370  O "O3'" . G   A 1 18 ? -3.042  -18.513 -3.230  1.00 0.78 ? 18 G   A "O3'" 1 
ATOM   371  C "C2'" . G   A 1 18 ? -5.444  -18.526 -2.938  1.00 1.00 ? 18 G   A "C2'" 1 
ATOM   372  O "O2'" . G   A 1 18 ? -5.221  -19.316 -1.801  1.00 1.00 ? 18 G   A "O2'" 1 
ATOM   373  C "C1'" . G   A 1 18 ? -5.427  -17.062 -2.693  1.00 1.00 ? 18 G   A "C1'" 1 
ATOM   374  N N9    . G   A 1 18 ? -6.670  -16.403 -2.273  1.00 0.78 ? 18 G   A N9    1 
ATOM   375  C C8    . G   A 1 18 ? -7.894  -16.407 -2.872  1.00 0.78 ? 18 G   A C8    1 
ATOM   376  N N7    . G   A 1 18 ? -8.794  -15.685 -2.249  1.00 0.78 ? 18 G   A N7    1 
ATOM   377  C C5    . G   A 1 18 ? -8.098  -15.147 -1.164  1.00 0.78 ? 18 G   A C5    1 
ATOM   378  C C6    . G   A 1 18 ? -8.516  -14.287 -0.117  1.00 0.78 ? 18 G   A C6    1 
ATOM   379  O O6    . G   A 1 18 ? -9.629  -13.795 0.068   1.00 0.78 ? 18 G   A O6    1 
ATOM   380  N N1    . G   A 1 18 ? -7.520  -13.973 0.788   1.00 0.78 ? 18 G   A N1    1 
ATOM   381  C C2    . G   A 1 18 ? -6.255  -14.463 0.672   1.00 0.78 ? 18 G   A C2    1 
ATOM   382  N N2    . G   A 1 18 ? -5.417  -14.057 1.641   1.00 0.78 ? 18 G   A N2    1 
ATOM   383  N N3    . G   A 1 18 ? -5.811  -15.277 -0.281  1.00 0.78 ? 18 G   A N3    1 
ATOM   384  C C4    . G   A 1 18 ? -6.786  -15.574 -1.165  1.00 0.78 ? 18 G   A C4    1 
HETATM 385  P P     . H2U A 1 19 ? -1.833  -19.518 -2.979  1.00 0.70 ? 19 H2U A P     1 
HETATM 386  O OP1   . H2U A 1 19 ? -0.603  -18.759 -2.518  1.00 0.70 ? 19 H2U A OP1   1 
HETATM 387  O OP2   . H2U A 1 19 ? -1.593  -20.179 -4.289  1.00 0.70 ? 19 H2U A OP2   1 
HETATM 388  O "O5'" . H2U A 1 19 ? -2.328  -20.473 -1.792  1.00 0.70 ? 19 H2U A "O5'" 1 
HETATM 389  C "C5'" . H2U A 1 19 ? -1.699  -20.336 -0.478  1.00 0.70 ? 19 H2U A "C5'" 1 
HETATM 390  C "C4'" . H2U A 1 19 ? -2.635  -20.970 0.537   1.00 0.70 ? 19 H2U A "C4'" 1 
HETATM 391  O "O4'" . H2U A 1 19 ? -1.921  -21.879 1.341   1.00 0.70 ? 19 H2U A "O4'" 1 
HETATM 392  C "C3'" . H2U A 1 19 ? -3.277  -19.948 1.501   1.00 0.70 ? 19 H2U A "C3'" 1 
HETATM 393  O "O3'" . H2U A 1 19 ? -4.638  -20.308 1.844   1.00 0.70 ? 19 H2U A "O3'" 1 
HETATM 394  C "C1'" . H2U A 1 19 ? -2.044  -21.533 2.750   1.00 0.70 ? 19 H2U A "C1'" 1 
HETATM 395  C "C2'" . H2U A 1 19 ? -2.333  -20.057 2.706   1.00 0.70 ? 19 H2U A "C2'" 1 
HETATM 396  O "O2'" . H2U A 1 19 ? -2.971  -19.556 3.845   1.00 0.70 ? 19 H2U A "O2'" 1 
HETATM 397  N N1    . H2U A 1 19 ? -0.792  -21.948 3.388   1.00 0.70 ? 19 H2U A N1    1 
HETATM 398  C C2    . H2U A 1 19 ? 0.039   -21.011 3.886   1.00 0.70 ? 19 H2U A C2    1 
HETATM 399  O O2    . H2U A 1 19 ? -0.177  -19.820 4.067   1.00 0.70 ? 19 H2U A O2    1 
HETATM 400  N N3    . H2U A 1 19 ? 1.265   -21.477 4.372   1.00 0.70 ? 19 H2U A N3    1 
HETATM 401  C C4    . H2U A 1 19 ? 1.745   -22.751 4.301   1.00 0.70 ? 19 H2U A C4    1 
HETATM 402  O O4    . H2U A 1 19 ? 2.848   -23.032 4.767   1.00 0.70 ? 19 H2U A O4    1 
HETATM 403  C C5    . H2U A 1 19 ? 0.863   -23.742 3.637   1.00 0.70 ? 19 H2U A C5    1 
HETATM 404  C C6    . H2U A 1 19 ? -0.151  -23.111 2.735   1.00 0.70 ? 19 H2U A C6    1 
ATOM   405  P P     . C   A 1 20 ? -5.614  -19.003 2.041   1.00 0.82 ? 20 C   A P     1 
ATOM   406  O OP1   . C   A 1 20 ? -6.622  -19.294 3.109   1.00 0.82 ? 20 C   A OP1   1 
ATOM   407  O OP2   . C   A 1 20 ? -6.209  -18.802 0.691   1.00 0.82 ? 20 C   A OP2   1 
ATOM   408  O "O5'" . C   A 1 20 ? -4.545  -17.910 2.474   1.00 0.82 ? 20 C   A "O5'" 1 
ATOM   409  C "C5'" . C   A 1 20 ? -4.626  -16.499 2.211   1.00 0.82 ? 20 C   A "C5'" 1 
ATOM   410  C "C4'" . C   A 1 20 ? -4.803  -15.779 3.545   1.00 0.82 ? 20 C   A "C4'" 1 
ATOM   411  O "O4'" . C   A 1 20 ? -4.820  -16.717 4.593   1.00 0.82 ? 20 C   A "O4'" 1 
ATOM   412  C "C3'" . C   A 1 20 ? -3.646  -14.796 3.855   1.00 0.82 ? 20 C   A "C3'" 1 
ATOM   413  O "O3'" . C   A 1 20 ? -4.100  -13.633 4.578   1.00 1.00 ? 20 C   A "O3'" 1 
ATOM   414  C "C2'" . C   A 1 20 ? -2.750  -15.693 4.736   1.00 0.82 ? 20 C   A "C2'" 1 
ATOM   415  O "O2'" . C   A 1 20 ? -1.887  -14.822 5.408   1.00 0.82 ? 20 C   A "O2'" 1 
ATOM   416  C "C1'" . C   A 1 20 ? -3.748  -16.438 5.555   1.00 0.82 ? 20 C   A "C1'" 1 
ATOM   417  N N1    . C   A 1 20 ? -3.321  -17.741 6.096   1.00 0.82 ? 20 C   A N1    1 
ATOM   418  C C2    . C   A 1 20 ? -1.996  -17.986 6.350   1.00 0.82 ? 20 C   A C2    1 
ATOM   419  O O2    . C   A 1 20 ? -1.132  -17.128 6.150   1.00 0.82 ? 20 C   A O2    1 
ATOM   420  N N3    . C   A 1 20 ? -1.641  -19.213 6.841   1.00 0.82 ? 20 C   A N3    1 
ATOM   421  C C4    . C   A 1 20 ? -2.561  -20.191 7.080   1.00 0.82 ? 20 C   A C4    1 
ATOM   422  N N4    . C   A 1 20 ? -2.140  -21.359 7.564   1.00 0.82 ? 20 C   A N4    1 
ATOM   423  C C5    . C   A 1 20 ? -3.933  -19.938 6.817   1.00 0.82 ? 20 C   A C5    1 
ATOM   424  C C6    . C   A 1 20 ? -4.253  -18.729 6.330   1.00 0.82 ? 20 C   A C6    1 
ATOM   425  P P     . A   A 1 21 ? -3.796  -12.144 4.018   1.00 1.00 ? 21 A   A P     1 
ATOM   426  O OP1   . A   A 1 21 ? -3.853  -11.128 5.120   1.00 1.00 ? 21 A   A OP1   1 
ATOM   427  O OP2   . A   A 1 21 ? -4.898  -11.946 3.032   1.00 1.00 ? 21 A   A OP2   1 
ATOM   428  O "O5'" . A   A 1 21 ? -2.362  -12.283 3.361   1.00 1.00 ? 21 A   A "O5'" 1 
ATOM   429  C "C5'" . A   A 1 21 ? -2.179  -12.568 1.952   1.00 1.00 ? 21 A   A "C5'" 1 
ATOM   430  C "C4'" . A   A 1 21 ? -1.138  -11.578 1.469   1.00 1.00 ? 21 A   A "C4'" 1 
ATOM   431  O "O4'" . A   A 1 21 ? -1.744  -10.503 0.793   1.00 1.00 ? 21 A   A "O4'" 1 
ATOM   432  C "C3'" . A   A 1 21 ? -0.374  -10.866 2.598   1.00 1.00 ? 21 A   A "C3'" 1 
ATOM   433  O "O3'" . A   A 1 21 ? 0.622   -11.700 3.166   1.00 1.00 ? 21 A   A "O3'" 1 
ATOM   434  C "C2'" . A   A 1 21 ? 0.183   -9.639  1.857   1.00 1.00 ? 21 A   A "C2'" 1 
ATOM   435  O "O2'" . A   A 1 21 ? 1.294   -10.076 1.090   1.00 1.00 ? 21 A   A "O2'" 1 
ATOM   436  C "C1'" . A   A 1 21 ? -0.993  -9.296  0.989   1.00 1.00 ? 21 A   A "C1'" 1 
ATOM   437  N N9    . A   A 1 21 ? -1.909  -8.319  1.597   1.00 1.00 ? 21 A   A N9    1 
ATOM   438  C C8    . A   A 1 21 ? -2.904  -8.577  2.513   1.00 1.00 ? 21 A   A C8    1 
ATOM   439  N N7    . A   A 1 21 ? -3.576  -7.518  2.887   1.00 1.00 ? 21 A   A N7    1 
ATOM   440  C C5    . A   A 1 21 ? -2.980  -6.487  2.165   1.00 1.00 ? 21 A   A C5    1 
ATOM   441  C C6    . A   A 1 21 ? -3.253  -5.101  2.119   1.00 1.00 ? 21 A   A C6    1 
ATOM   442  N N6    . A   A 1 21 ? -4.200  -4.502  2.830   1.00 1.00 ? 21 A   A N6    1 
ATOM   443  N N1    . A   A 1 21 ? -2.465  -4.383  1.278   1.00 1.00 ? 21 A   A N1    1 
ATOM   444  C C2    . A   A 1 21 ? -1.488  -4.974  0.546   1.00 1.00 ? 21 A   A C2    1 
ATOM   445  N N3    . A   A 1 21 ? -1.164  -6.270  0.538   1.00 1.00 ? 21 A   A N3    1 
ATOM   446  C C4    . A   A 1 21 ? -1.965  -6.972  1.368   1.00 1.00 ? 21 A   A C4    1 
ATOM   447  P P     . G   A 1 22 ? 1.890   -11.257 4.044   1.00 1.00 ? 22 G   A P     1 
ATOM   448  O OP1   . G   A 1 22 ? 2.177   -12.297 5.081   1.00 1.00 ? 22 G   A OP1   1 
ATOM   449  O OP2   . G   A 1 22 ? 1.421   -10.004 4.706   1.00 1.00 ? 22 G   A OP2   1 
ATOM   450  O "O5'" . G   A 1 22 ? 3.072   -11.084 3.011   1.00 1.00 ? 22 G   A "O5'" 1 
ATOM   451  C "C5'" . G   A 1 22 ? 3.883   -12.217 2.568   1.00 1.00 ? 22 G   A "C5'" 1 
ATOM   452  C "C4'" . G   A 1 22 ? 4.990   -11.580 1.769   1.00 1.00 ? 22 G   A "C4'" 1 
ATOM   453  O "O4'" . G   A 1 22 ? 4.431   -10.624 0.895   1.00 1.00 ? 22 G   A "O4'" 1 
ATOM   454  C "C3'" . G   A 1 22 ? 5.977   -10.760 2.605   1.00 1.00 ? 22 G   A "C3'" 1 
ATOM   455  O "O3'" . G   A 1 22 ? 6.949   -11.560 3.264   1.00 1.00 ? 22 G   A "O3'" 1 
ATOM   456  C "C2'" . G   A 1 22 ? 6.586   -9.842  1.530   1.00 1.00 ? 22 G   A "C2'" 1 
ATOM   457  O "O2'" . G   A 1 22 ? 7.527   -10.598 0.816   1.00 1.00 ? 22 G   A "O2'" 1 
ATOM   458  C "C1'" . G   A 1 22 ? 5.341   -9.543  0.702   1.00 1.00 ? 22 G   A "C1'" 1 
ATOM   459  N N9    . G   A 1 22 ? 4.746   -8.268  1.124   1.00 1.00 ? 22 G   A N9    1 
ATOM   460  C C8    . G   A 1 22 ? 3.594   -8.065  1.847   1.00 1.00 ? 22 G   A C8    1 
ATOM   461  N N7    . G   A 1 22 ? 3.327   -6.799  2.065   1.00 1.00 ? 22 G   A N7    1 
ATOM   462  C C5    . G   A 1 22 ? 4.361   -6.121  1.443   1.00 1.00 ? 22 G   A C5    1 
ATOM   463  C C6    . G   A 1 22 ? 4.638   -4.732  1.321   1.00 1.00 ? 22 G   A C6    1 
ATOM   464  O O6    . G   A 1 22 ? 4.003   -3.766  1.749   1.00 1.00 ? 22 G   A O6    1 
ATOM   465  N N1    . G   A 1 22 ? 5.776   -4.470  0.608   1.00 1.00 ? 22 G   A N1    1 
ATOM   466  C C2    . G   A 1 22 ? 6.575   -5.432  0.077   1.00 1.00 ? 22 G   A C2    1 
ATOM   467  N N2    . G   A 1 22 ? 7.654   -4.993  -0.584  1.00 1.00 ? 22 G   A N2    1 
ATOM   468  N N3    . G   A 1 22 ? 6.358   -6.743  0.164   1.00 1.00 ? 22 G   A N3    1 
ATOM   469  C C4    . G   A 1 22 ? 5.232   -7.015  0.859   1.00 1.00 ? 22 G   A C4    1 
ATOM   470  P P     . A   A 1 23 ? 7.496   -11.027 4.697   1.00 1.00 ? 23 A   A P     1 
ATOM   471  O OP1   . A   A 1 23 ? 8.498   -11.925 5.334   1.00 1.00 ? 23 A   A OP1   1 
ATOM   472  O OP2   . A   A 1 23 ? 6.218   -10.972 5.469   1.00 1.00 ? 23 A   A OP2   1 
ATOM   473  O "O5'" . A   A 1 23 ? 8.134   -9.629  4.280   1.00 1.00 ? 23 A   A "O5'" 1 
ATOM   474  C "C5'" . A   A 1 23 ? 9.567   -9.508  4.395   1.00 1.00 ? 23 A   A "C5'" 1 
ATOM   475  C "C4'" . A   A 1 23 ? 10.058  -8.482  3.406   1.00 1.00 ? 23 A   A "C4'" 1 
ATOM   476  O "O4'" . A   A 1 23 ? 9.006   -7.884  2.700   1.00 1.00 ? 23 A   A "O4'" 1 
ATOM   477  C "C3'" . A   A 1 23 ? 10.755  -7.271  4.054   1.00 1.00 ? 23 A   A "C3'" 1 
ATOM   478  O "O3'" . A   A 1 23 ? 12.074  -7.576  4.486   1.00 1.00 ? 23 A   A "O3'" 1 
ATOM   479  C "C2'" . A   A 1 23 ? 10.713  -6.239  2.928   1.00 1.00 ? 23 A   A "C2'" 1 
ATOM   480  O "O2'" . A   A 1 23 ? 11.740  -6.561  2.001   1.00 1.00 ? 23 A   A "O2'" 1 
ATOM   481  C "C1'" . A   A 1 23 ? 9.338   -6.522  2.369   1.00 1.00 ? 23 A   A "C1'" 1 
ATOM   482  N N9    . A   A 1 23 ? 8.332   -5.589  2.903   1.00 1.00 ? 23 A   A N9    1 
ATOM   483  C C8    . A   A 1 23 ? 7.230   -5.887  3.654   1.00 1.00 ? 23 A   A C8    1 
ATOM   484  N N7    . A   A 1 23 ? 6.508   -4.838  3.968   1.00 1.00 ? 23 A   A N7    1 
ATOM   485  C C5    . A   A 1 23 ? 7.183   -3.778  3.374   1.00 1.00 ? 23 A   A C5    1 
ATOM   486  C C6    . A   A 1 23 ? 6.911   -2.387  3.355   1.00 1.00 ? 23 A   A C6    1 
ATOM   487  N N6    . A   A 1 23 ? 5.864   -1.834  3.948   1.00 1.00 ? 23 A   A N6    1 
ATOM   488  N N1    . A   A 1 23 ? 7.816   -1.644  2.665   1.00 1.00 ? 23 A   A N1    1 
ATOM   489  C C2    . A   A 1 23 ? 8.889   -2.194  2.054   1.00 1.00 ? 23 A   A C2    1 
ATOM   490  N N3    . A   A 1 23 ? 9.201   -3.491  2.039   1.00 1.00 ? 23 A   A N3    1 
ATOM   491  C C4    . A   A 1 23 ? 8.315   -4.223  2.723   1.00 1.00 ? 23 A   A C4    1 
ATOM   492  P P     . A   A 1 24 ? 12.403  -7.574  6.055   1.00 1.00 ? 24 A   A P     1 
ATOM   493  O OP1   . A   A 1 24 ? 13.142  -8.826  6.403   1.00 1.00 ? 24 A   A OP1   1 
ATOM   494  O OP2   . A   A 1 24 ? 11.074  -7.496  6.701   1.00 1.00 ? 24 A   A OP2   1 
ATOM   495  O "O5'" . A   A 1 24 ? 13.303  -6.254  6.114   1.00 1.00 ? 24 A   A "O5'" 1 
ATOM   496  C "C5'" . A   A 1 24 ? 14.033  -5.964  4.892   1.00 1.00 ? 24 A   A "C5'" 1 
ATOM   497  C "C4'" . A   A 1 24 ? 14.043  -4.461  4.744   1.00 1.00 ? 24 A   A "C4'" 1 
ATOM   498  O "O4'" . A   A 1 24 ? 12.831  -4.029  4.121   1.00 1.00 ? 24 A   A "O4'" 1 
ATOM   499  C "C3'" . A   A 1 24 ? 14.062  -3.672  6.053   1.00 1.00 ? 24 A   A "C3'" 1 
ATOM   500  O "O3'" . A   A 1 24 ? 15.345  -3.608  6.651   1.00 1.00 ? 24 A   A "O3'" 1 
ATOM   501  C "C2'" . A   A 1 24 ? 13.560  -2.297  5.592   1.00 1.00 ? 24 A   A "C2'" 1 
ATOM   502  O "O2'" . A   A 1 24 ? 14.625  -1.625  4.948   1.00 1.00 ? 24 A   A "O2'" 1 
ATOM   503  C "C1'" . A   A 1 24 ? 12.481  -2.723  4.592   1.00 1.00 ? 24 A   A "C1'" 1 
ATOM   504  N N9    . A   A 1 24 ? 11.160  -2.680  5.233   1.00 1.00 ? 24 A   A N9    1 
ATOM   505  C C8    . A   A 1 24 ? 10.394  -3.692  5.731   1.00 1.00 ? 24 A   A C8    1 
ATOM   506  N N7    . A   A 1 24 ? 9.237   -3.294  6.227   1.00 1.00 ? 24 A   A N7    1 
ATOM   507  C C5    . A   A 1 24 ? 9.252   -1.927  6.022   1.00 1.00 ? 24 A   A C5    1 
ATOM   508  C C6    . A   A 1 24 ? 8.311   -0.927  6.333   1.00 1.00 ? 24 A   A C6    1 
ATOM   509  N N6    . A   A 1 24 ? 7.137   -1.131  6.913   1.00 1.00 ? 24 A   A N6    1 
ATOM   510  N N1    . A   A 1 24 ? 8.691   0.337   5.979   1.00 1.00 ? 24 A   A N1    1 
ATOM   511  C C2    . A   A 1 24 ? 9.869   0.605   5.376   1.00 1.00 ? 24 A   A C2    1 
ATOM   512  N N3    . A   A 1 24 ? 10.810  -0.287  5.062   1.00 1.00 ? 24 A   A N3    1 
ATOM   513  C C4    . A   A 1 24 ? 10.427  -1.528  5.416   1.00 1.00 ? 24 A   A C4    1 
ATOM   514  P P     . U   A 1 25 ? 15.405  -3.023  8.157   1.00 1.00 ? 25 U   A P     1 
ATOM   515  O OP1   . U   A 1 25 ? 16.864  -3.007  8.406   1.00 1.00 ? 25 U   A OP1   1 
ATOM   516  O OP2   . U   A 1 25 ? 14.634  -3.923  9.082   1.00 1.00 ? 25 U   A OP2   1 
ATOM   517  O "O5'" . U   A 1 25 ? 14.749  -1.584  8.003   1.00 1.00 ? 25 U   A "O5'" 1 
ATOM   518  C "C5'" . U   A 1 25 ? 15.560  -0.434  7.631   1.00 1.00 ? 25 U   A "C5'" 1 
ATOM   519  C "C4'" . U   A 1 25 ? 14.755  0.761   8.105   1.00 1.00 ? 25 U   A "C4'" 1 
ATOM   520  O "O4'" . U   A 1 25 ? 13.471  0.723   7.501   1.00 1.00 ? 25 U   A "O4'" 1 
ATOM   521  C "C3'" . U   A 1 25 ? 14.430  0.766   9.598   1.00 1.00 ? 25 U   A "C3'" 1 
ATOM   522  O "O3'" . U   A 1 25 ? 15.514  1.190   10.408  1.00 1.00 ? 25 U   A "O3'" 1 
ATOM   523  C "C2'" . U   A 1 25 ? 13.218  1.719   9.639   1.00 1.00 ? 25 U   A "C2'" 1 
ATOM   524  O "O2'" . U   A 1 25 ? 13.701  3.039   9.514   1.00 1.00 ? 25 U   A "O2'" 1 
ATOM   525  C "C1'" . U   A 1 25 ? 12.505  1.290   8.372   1.00 1.00 ? 25 U   A "C1'" 1 
ATOM   526  N N1    . U   A 1 25 ? 11.493  0.282   8.720   1.00 1.00 ? 25 U   A N1    1 
ATOM   527  C C2    . U   A 1 25 ? 10.250  0.755   9.102   1.00 1.00 ? 25 U   A C2    1 
ATOM   528  O O2    . U   A 1 25 ? 10.028  1.968   9.137   1.00 1.00 ? 25 U   A O2    1 
ATOM   529  N N3    . U   A 1 25 ? 9.303   -0.156  9.431   1.00 1.00 ? 25 U   A N3    1 
ATOM   530  C C4    . U   A 1 25 ? 9.517   -1.500  9.385   1.00 1.00 ? 25 U   A C4    1 
ATOM   531  O O4    . U   A 1 25 ? 8.559   -2.244  9.717   1.00 1.00 ? 25 U   A O4    1 
ATOM   532  C C5    . U   A 1 25 ? 10.801  -1.972  8.992   1.00 1.00 ? 25 U   A C5    1 
ATOM   533  C C6    . U   A 1 25 ? 11.742  -1.062  8.675   1.00 1.00 ? 25 U   A C6    1 
ATOM   534  P P     . G   A 1 26 ? 15.330  1.201   12.017  1.00 1.00 ? 26 G   A P     1 
ATOM   535  O OP1   . G   A 1 26 ? 16.541  1.818   12.613  1.00 1.00 ? 26 G   A OP1   1 
ATOM   536  O OP2   . G   A 1 26 ? 15.147  -0.233  12.381  1.00 1.00 ? 26 G   A OP2   1 
ATOM   537  O "O5'" . G   A 1 26 ? 13.966  2.019   12.209  1.00 1.00 ? 26 G   A "O5'" 1 
ATOM   538  C "C5'" . G   A 1 26 ? 13.853  3.272   12.918  1.00 1.00 ? 26 G   A "C5'" 1 
ATOM   539  C "C4'" . G   A 1 26 ? 12.434  3.388   13.407  1.00 1.00 ? 26 G   A "C4'" 1 
ATOM   540  O "O4'" . G   A 1 26 ? 11.539  2.925   12.402  1.00 1.00 ? 26 G   A "O4'" 1 
ATOM   541  C "C3'" . G   A 1 26 ? 12.086  2.522   14.614  1.00 1.00 ? 26 G   A "C3'" 1 
ATOM   542  O "O3'" . G   A 1 26 ? 12.533  3.055   15.858  1.00 1.00 ? 26 G   A "O3'" 1 
ATOM   543  C "C2'" . G   A 1 26 ? 10.556  2.455   14.534  1.00 1.00 ? 26 G   A "C2'" 1 
ATOM   544  O "O2'" . G   A 1 26 ? 10.047  3.664   15.035  1.00 1.00 ? 26 G   A "O2'" 1 
ATOM   545  C "C1'" . G   A 1 26 ? 10.394  2.343   13.008  1.00 1.00 ? 26 G   A "C1'" 1 
ATOM   546  N N9    . G   A 1 26 ? 10.243  0.908   12.714  1.00 1.00 ? 26 G   A N9    1 
ATOM   547  C C8    . G   A 1 26 ? 11.202  0.012   12.311  1.00 1.00 ? 26 G   A C8    1 
ATOM   548  N N7    . G   A 1 26 ? 10.742  -1.200  12.127  1.00 1.00 ? 26 G   A N7    1 
ATOM   549  C C5    . G   A 1 26 ? 9.392   -1.093  12.436  1.00 1.00 ? 26 G   A C5    1 
ATOM   550  C C6    . G   A 1 26 ? 8.349   -2.053  12.433  1.00 1.00 ? 26 G   A C6    1 
ATOM   551  O O6    . G   A 1 26 ? 8.450   -3.246  12.149  1.00 1.00 ? 26 G   A O6    1 
ATOM   552  N N1    . G   A 1 26 ? 7.128   -1.565  12.804  1.00 1.00 ? 26 G   A N1    1 
ATOM   553  C C2    . G   A 1 26 ? 6.941   -0.259  13.144  1.00 1.00 ? 26 G   A C2    1 
ATOM   554  N N2    . G   A 1 26 ? 5.682   0.057   13.478  1.00 1.00 ? 26 G   A N2    1 
ATOM   555  N N3    . G   A 1 26 ? 7.873   0.684   13.163  1.00 1.00 ? 26 G   A N3    1 
ATOM   556  C C4    . G   A 1 26 ? 9.072   0.199   12.800  1.00 1.00 ? 26 G   A C4    1 
ATOM   557  P P     . G   A 1 27 ? 12.582  2.080   17.139  1.00 1.00 ? 27 G   A P     1 
ATOM   558  O OP1   . G   A 1 27 ? 13.041  2.797   18.369  1.00 1.00 ? 27 G   A OP1   1 
ATOM   559  O OP2   . G   A 1 27 ? 13.540  1.036   16.717  1.00 1.00 ? 27 G   A OP2   1 
ATOM   560  O "O5'" . G   A 1 27 ? 11.068  1.617   17.353  1.00 1.00 ? 27 G   A "O5'" 1 
ATOM   561  C "C5'" . G   A 1 27 ? 10.265  2.501   18.183  1.00 1.00 ? 27 G   A "C5'" 1 
ATOM   562  C "C4'" . G   A 1 27 ? 8.898   1.852   18.229  1.00 1.00 ? 27 G   A "C4'" 1 
ATOM   563  O "O4'" . G   A 1 27 ? 8.568   1.338   16.957  1.00 1.00 ? 27 G   A "O4'" 1 
ATOM   564  C "C3'" . G   A 1 27 ? 8.806   0.625   19.130  1.00 1.00 ? 27 G   A "C3'" 1 
ATOM   565  O "O3'" . G   A 1 27 ? 8.698   0.984   20.509  1.00 1.00 ? 27 G   A "O3'" 1 
ATOM   566  C "C2'" . G   A 1 27 ? 7.552   -0.070  18.602  1.00 1.00 ? 27 G   A "C2'" 1 
ATOM   567  O "O2'" . G   A 1 27 ? 6.453   0.659   19.114  1.00 1.00 ? 27 G   A "O2'" 1 
ATOM   568  C "C1'" . G   A 1 27 ? 7.730   0.151   17.117  1.00 1.00 ? 27 G   A "C1'" 1 
ATOM   569  N N9    . G   A 1 27 ? 8.375   -0.931  16.373  1.00 1.00 ? 27 G   A N9    1 
ATOM   570  C C8    . G   A 1 27 ? 9.495   -0.781  15.571  1.00 1.00 ? 27 G   A C8    1 
ATOM   571  N N7    . G   A 1 27 ? 9.877   -1.893  14.992  1.00 1.00 ? 27 G   A N7    1 
ATOM   572  C C5    . G   A 1 27 ? 8.939   -2.832  15.433  1.00 1.00 ? 27 G   A C5    1 
ATOM   573  C C6    . G   A 1 27 ? 8.816   -4.220  15.169  1.00 1.00 ? 27 G   A C6    1 
ATOM   574  O O6    . G   A 1 27 ? 9.541   -4.895  14.443  1.00 1.00 ? 27 G   A O6    1 
ATOM   575  N N1    . G   A 1 27 ? 7.752   -4.822  15.791  1.00 1.00 ? 27 G   A N1    1 
ATOM   576  C C2    . G   A 1 27 ? 6.917   -4.139  16.615  1.00 1.00 ? 27 G   A C2    1 
ATOM   577  N N2    . G   A 1 27 ? 5.928   -4.873  17.145  1.00 1.00 ? 27 G   A N2    1 
ATOM   578  N N3    . G   A 1 27 ? 6.987   -2.837  16.903  1.00 1.00 ? 27 G   A N3    1 
ATOM   579  C C4    . G   A 1 27 ? 8.019   -2.248  16.280  1.00 1.00 ? 27 G   A C4    1 
ATOM   580  P P     . G   A 1 28 ? 9.827   0.272   21.415  1.00 1.00 ? 28 G   A P     1 
ATOM   581  O OP1   . G   A 1 28 ? 10.107  1.080   22.628  1.00 1.00 ? 28 G   A OP1   1 
ATOM   582  O OP2   . G   A 1 28 ? 10.940  0.158   20.431  1.00 1.00 ? 28 G   A OP2   1 
ATOM   583  O "O5'" . G   A 1 28 ? 8.982   -1.033  21.770  1.00 1.00 ? 28 G   A "O5'" 1 
ATOM   584  C "C5'" . G   A 1 28 ? 7.577   -0.716  22.116  1.00 1.00 ? 28 G   A "C5'" 1 
ATOM   585  C "C4'" . G   A 1 28 ? 6.975   -2.093  22.313  1.00 1.00 ? 28 G   A "C4'" 1 
ATOM   586  O "O4'" . G   A 1 28 ? 6.762   -2.667  21.037  1.00 1.00 ? 28 G   A "O4'" 1 
ATOM   587  C "C3'" . G   A 1 28 ? 7.885   -3.083  23.014  1.00 1.00 ? 28 G   A "C3'" 1 
ATOM   588  O "O3'" . G   A 1 28 ? 7.919   -2.982  24.432  1.00 1.00 ? 28 G   A "O3'" 1 
ATOM   589  C "C2'" . G   A 1 28 ? 7.286   -4.430  22.567  1.00 1.00 ? 28 G   A "C2'" 1 
ATOM   590  O "O2'" . G   A 1 28 ? 6.135   -4.592  23.394  1.00 1.00 ? 28 G   A "O2'" 1 
ATOM   591  C "C1'" . G   A 1 28 ? 6.969   -4.094  21.150  1.00 1.00 ? 28 G   A "C1'" 1 
ATOM   592  N N9    . G   A 1 28 ? 8.057   -4.346  20.190  1.00 1.00 ? 28 G   A N9    1 
ATOM   593  C C8    . G   A 1 28 ? 8.938   -3.383  19.717  1.00 1.00 ? 28 G   A C8    1 
ATOM   594  N N7    . G   A 1 28 ? 9.807   -3.859  18.867  1.00 1.00 ? 28 G   A N7    1 
ATOM   595  C C5    . G   A 1 28 ? 9.487   -5.212  18.782  1.00 1.00 ? 28 G   A C5    1 
ATOM   596  C C6    . G   A 1 28 ? 10.064  -6.272  18.030  1.00 1.00 ? 28 G   A C6    1 
ATOM   597  O O6    . G   A 1 28 ? 11.022  -6.204  17.262  1.00 1.00 ? 28 G   A O6    1 
ATOM   598  N N1    . G   A 1 28 ? 9.458   -7.482  18.216  1.00 1.00 ? 28 G   A N1    1 
ATOM   599  C C2    . G   A 1 28 ? 8.393   -7.656  19.050  1.00 1.00 ? 28 G   A C2    1 
ATOM   600  N N2    . G   A 1 28 ? 7.912   -8.898  19.120  1.00 1.00 ? 28 G   A N2    1 
ATOM   601  N N3    . G   A 1 28 ? 7.814   -6.699  19.775  1.00 1.00 ? 28 G   A N3    1 
ATOM   602  C C4    . G   A 1 28 ? 8.406   -5.512  19.589  1.00 1.00 ? 28 G   A C4    1 
ATOM   603  P P     . C   A 1 29 ? 9.142   -3.702  25.209  1.00 1.00 ? 29 C   A P     1 
ATOM   604  O OP1   . C   A 1 29 ? 8.815   -3.691  26.673  1.00 1.00 ? 29 C   A OP1   1 
ATOM   605  O OP2   . C   A 1 29 ? 10.360  -2.950  24.821  1.00 1.00 ? 29 C   A OP2   1 
ATOM   606  O "O5'" . C   A 1 29 ? 9.095   -5.204  24.637  1.00 1.00 ? 29 C   A "O5'" 1 
ATOM   607  C "C5'" . C   A 1 29 ? 8.052   -6.077  25.179  1.00 1.00 ? 29 C   A "C5'" 1 
ATOM   608  C "C4'" . C   A 1 29 ? 8.340   -7.424  24.556  1.00 1.00 ? 29 C   A "C4'" 1 
ATOM   609  O "O4'" . C   A 1 29 ? 8.369   -7.293  23.143  1.00 1.00 ? 29 C   A "O4'" 1 
ATOM   610  C "C3'" . C   A 1 29 ? 9.720   -8.023  24.877  1.00 1.00 ? 29 C   A "C3'" 1 
ATOM   611  O "O3'" . C   A 1 29 ? 9.806   -8.614  26.163  1.00 1.00 ? 29 C   A "O3'" 1 
ATOM   612  C "C2'" . C   A 1 29 ? 9.872   -9.030  23.729  1.00 1.00 ? 29 C   A "C2'" 1 
ATOM   613  O "O2'" . C   A 1 29 ? 9.068   -10.160 24.054  1.00 1.00 ? 29 C   A "O2'" 1 
ATOM   614  C "C1'" . C   A 1 29 ? 9.259   -8.252  22.576  1.00 1.00 ? 29 C   A "C1'" 1 
ATOM   615  N N1    . C   A 1 29 ? 10.335  -7.600  21.798  1.00 1.00 ? 29 C   A N1    1 
ATOM   616  C C2    . C   A 1 29 ? 11.058  -8.404  20.931  1.00 1.00 ? 29 C   A C2    1 
ATOM   617  O O2    . C   A 1 29 ? 10.810  -9.608  20.829  1.00 1.00 ? 29 C   A O2    1 
ATOM   618  N N3    . C   A 1 29 ? 12.049  -7.820  20.199  1.00 1.00 ? 29 C   A N3    1 
ATOM   619  C C4    . C   A 1 29 ? 12.332  -6.496  20.294  1.00 1.00 ? 29 C   A C4    1 
ATOM   620  N N4    . C   A 1 29 ? 13.321  -5.977  19.554  1.00 1.00 ? 29 C   A N4    1 
ATOM   621  C C5    . C   A 1 29 ? 11.577  -5.688  21.187  1.00 1.00 ? 29 C   A C5    1 
ATOM   622  C C6    . C   A 1 29 ? 10.596  -6.273  21.900  1.00 1.00 ? 29 C   A C6    1 
ATOM   623  P P     . G   A 1 30 ? 11.177  -9.120  26.863  1.00 1.00 ? 30 G   A P     1 
ATOM   624  O OP1   . G   A 1 30 ? 10.908  -9.463  28.297  1.00 1.00 ? 30 G   A OP1   1 
ATOM   625  O OP2   . G   A 1 30 ? 12.114  -7.983  26.697  1.00 1.00 ? 30 G   A OP2   1 
ATOM   626  O "O5'" . G   A 1 30 ? 11.592  -10.404 26.033  1.00 1.00 ? 30 G   A "O5'" 1 
ATOM   627  C "C5'" . G   A 1 30 ? 12.643  -11.279 26.487  1.00 1.00 ? 30 G   A "C5'" 1 
ATOM   628  C "C4'" . G   A 1 30 ? 12.887  -12.228 25.344  1.00 1.00 ? 30 G   A "C4'" 1 
ATOM   629  O "O4'" . G   A 1 30 ? 12.606  -11.580 24.110  1.00 1.00 ? 30 G   A "O4'" 1 
ATOM   630  C "C3'" . G   A 1 30 ? 14.340  -12.683 25.167  1.00 1.00 ? 30 G   A "C3'" 1 
ATOM   631  O "O3'" . G   A 1 30 ? 14.692  -13.699 26.084  1.00 1.00 ? 30 G   A "O3'" 1 
ATOM   632  C "C2'" . G   A 1 30 ? 14.337  -13.181 23.718  1.00 1.00 ? 30 G   A "C2'" 1 
ATOM   633  O "O2'" . G   A 1 30 ? 13.712  -14.444 23.682  1.00 1.00 ? 30 G   A "O2'" 1 
ATOM   634  C "C1'" . G   A 1 30 ? 13.439  -12.140 23.073  1.00 1.00 ? 30 G   A "C1'" 1 
ATOM   635  N N9    . G   A 1 30 ? 14.204  -11.092 22.387  1.00 1.00 ? 30 G   A N9    1 
ATOM   636  C C8    . G   A 1 30 ? 14.275  -9.761  22.665  1.00 1.00 ? 30 G   A C8    1 
ATOM   637  N N7    . G   A 1 30 ? 15.030  -9.087  21.833  1.00 1.00 ? 30 G   A N7    1 
ATOM   638  C C5    . G   A 1 30 ? 15.473  -10.056 20.925  1.00 1.00 ? 30 G   A C5    1 
ATOM   639  C C6    . G   A 1 30 ? 16.322  -9.962  19.794  1.00 1.00 ? 30 G   A C6    1 
ATOM   640  O O6    . G   A 1 30 ? 16.869  -8.950  19.344  1.00 1.00 ? 30 G   A O6    1 
ATOM   641  N N1    . G   A 1 30 ? 16.528  -11.154 19.147  1.00 1.00 ? 30 G   A N1    1 
ATOM   642  C C2    . G   A 1 30 ? 15.960  -12.319 19.558  1.00 1.00 ? 30 G   A C2    1 
ATOM   643  N N2    . G   A 1 30 ? 16.260  -13.390 18.805  1.00 1.00 ? 30 G   A N2    1 
ATOM   644  N N3    . G   A 1 30 ? 15.160  -12.460 20.616  1.00 1.00 ? 30 G   A N3    1 
ATOM   645  C C4    . G   A 1 30 ? 14.965  -11.290 21.250  1.00 1.00 ? 30 G   A C4    1 
ATOM   646  P P     . C   A 1 31 ? 16.121  -13.613 26.789  1.00 1.00 ? 31 C   A P     1 
ATOM   647  O OP1   . C   A 1 31 ? 15.899  -13.946 28.229  1.00 1.00 ? 31 C   A OP1   1 
ATOM   648  O OP2   . C   A 1 31 ? 16.550  -12.210 26.548  1.00 1.00 ? 31 C   A OP2   1 
ATOM   649  O "O5'" . C   A 1 31 ? 17.015  -14.675 26.000  1.00 1.00 ? 31 C   A "O5'" 1 
ATOM   650  C "C5'" . C   A 1 31 ? 16.329  -15.482 25.005  1.00 1.00 ? 31 C   A "C5'" 1 
ATOM   651  C "C4'" . C   A 1 31 ? 17.241  -15.505 23.802  1.00 1.00 ? 31 C   A "C4'" 1 
ATOM   652  O "O4'" . C   A 1 31 ? 16.815  -14.543 22.844  1.00 1.00 ? 31 C   A "O4'" 1 
ATOM   653  C "C3'" . C   A 1 31 ? 18.690  -15.103 24.077  1.00 1.00 ? 31 C   A "C3'" 1 
ATOM   654  O "O3'" . C   A 1 31 ? 19.428  -16.148 24.699  1.00 1.00 ? 31 C   A "O3'" 1 
ATOM   655  C "C2'" . C   A 1 31 ? 19.173  -14.756 22.664  1.00 1.00 ? 31 C   A "C2'" 1 
ATOM   656  O "O2'" . C   A 1 31 ? 19.430  -15.952 21.960  1.00 1.00 ? 31 C   A "O2'" 1 
ATOM   657  C "C1'" . C   A 1 31 ? 17.928  -14.051 22.110  1.00 1.00 ? 31 C   A "C1'" 1 
ATOM   658  N N1    . C   A 1 31 ? 18.145  -12.602 22.223  1.00 1.00 ? 31 C   A N1    1 
ATOM   659  C C2    . C   A 1 31 ? 19.092  -12.052 21.367  1.00 1.00 ? 31 C   A C2    1 
ATOM   660  O O2    . C   A 1 31 ? 19.702  -12.756 20.577  1.00 1.00 ? 31 C   A O2    1 
ATOM   661  N N3    . C   A 1 31 ? 19.308  -10.703 21.449  1.00 1.00 ? 31 C   A N3    1 
ATOM   662  C C4    . C   A 1 31 ? 18.634  -9.915  22.327  1.00 1.00 ? 31 C   A C4    1 
ATOM   663  N N4    . C   A 1 31 ? 18.879  -8.610  22.374  1.00 1.00 ? 31 C   A N4    1 
ATOM   664  C C5    . C   A 1 31 ? 17.668  -10.499 23.197  1.00 1.00 ? 31 C   A C5    1 
ATOM   665  C C6    . C   A 1 31 ? 17.467  -11.822 23.109  1.00 1.00 ? 31 C   A C6    1 
HETATM 666  N N1    . PSU A 1 32 ? 20.771  -11.087 24.968  1.00 1.00 ? 32 PSU A N1    1 
HETATM 667  C C2    . PSU A 1 32 ? 20.941  -9.768  24.690  1.00 1.00 ? 32 PSU A C2    1 
HETATM 668  N N3    . PSU A 1 32 ? 21.867  -9.531  23.719  1.00 1.00 ? 32 PSU A N3    1 
HETATM 669  C C4    . PSU A 1 32 ? 22.618  -10.464 23.020  1.00 1.00 ? 32 PSU A C4    1 
HETATM 670  C C5    . PSU A 1 32 ? 22.371  -11.839 23.388  1.00 1.00 ? 32 PSU A C5    1 
HETATM 671  C C6    . PSU A 1 32 ? 21.458  -12.087 24.341  1.00 1.00 ? 32 PSU A C6    1 
HETATM 672  O O2    . PSU A 1 32 ? 20.326  -8.870  25.253  1.00 1.00 ? 32 PSU A O2    1 
HETATM 673  O O4    . PSU A 1 32 ? 23.426  -10.150 22.168  1.00 1.00 ? 32 PSU A O4    1 
HETATM 674  C "C1'" . PSU A 1 32 ? 23.127  -12.929 22.697  1.00 1.00 ? 32 PSU A "C1'" 1 
HETATM 675  C "C2'" . PSU A 1 32 ? 24.440  -13.280 23.393  1.00 1.00 ? 32 PSU A "C2'" 1 
HETATM 676  O "O2'" . PSU A 1 32 ? 25.412  -13.742 22.482  1.00 1.00 ? 32 PSU A "O2'" 1 
HETATM 677  C "C3'" . PSU A 1 32 ? 24.005  -14.484 24.247  1.00 1.00 ? 32 PSU A "C3'" 1 
HETATM 678  C "C4'" . PSU A 1 32 ? 23.040  -15.180 23.282  1.00 1.00 ? 32 PSU A "C4'" 1 
HETATM 679  O "O3'" . PSU A 1 32 ? 25.082  -15.319 24.647  1.00 1.00 ? 32 PSU A "O3'" 1 
HETATM 680  O "O4'" . PSU A 1 32 ? 22.328  -14.110 22.665  1.00 1.00 ? 32 PSU A "O4'" 1 
HETATM 681  C "C5'" . PSU A 1 32 ? 22.077  -16.129 23.948  1.00 1.00 ? 32 PSU A "C5'" 1 
HETATM 682  O "O5'" . PSU A 1 32 ? 21.826  -15.610 25.288  1.00 1.00 ? 32 PSU A "O5'" 1 
HETATM 683  P P     . PSU A 1 32 ? 20.417  -15.964 25.951  1.00 1.00 ? 32 PSU A P     1 
HETATM 684  O OP1   . PSU A 1 32 ? 20.501  -17.237 26.744  1.00 1.00 ? 32 PSU A OP1   1 
HETATM 685  O OP2   . PSU A 1 32 ? 19.757  -14.875 26.718  1.00 1.00 ? 32 PSU A OP2   1 
ATOM   686  P P     . U   A 1 33 ? 25.571  -15.857 26.064  1.00 1.00 ? 33 U   A P     1 
ATOM   687  O OP1   . U   A 1 33 ? 25.970  -17.311 26.064  1.00 1.00 ? 33 U   A OP1   1 
ATOM   688  O OP2   . U   A 1 33 ? 24.456  -15.594 27.011  1.00 1.00 ? 33 U   A OP2   1 
ATOM   689  O "O5'" . U   A 1 33 ? 26.888  -14.967 26.309  1.00 1.00 ? 33 U   A "O5'" 1 
ATOM   690  C "C5'" . U   A 1 33 ? 27.459  -14.393 25.099  1.00 1.00 ? 33 U   A "C5'" 1 
ATOM   691  C "C4'" . U   A 1 33 ? 27.958  -13.011 25.469  1.00 1.00 ? 33 U   A "C4'" 1 
ATOM   692  O "O4'" . U   A 1 33 ? 27.002  -12.025 25.090  1.00 1.00 ? 33 U   A "O4'" 1 
ATOM   693  C "C3'" . U   A 1 33 ? 28.145  -12.771 26.976  1.00 1.00 ? 33 U   A "C3'" 1 
ATOM   694  O "O3'" . U   A 1 33 ? 29.325  -13.360 27.457  1.00 1.00 ? 33 U   A "O3'" 1 
ATOM   695  C "C2'" . U   A 1 33 ? 28.140  -11.235 27.026  1.00 1.00 ? 33 U   A "C2'" 1 
ATOM   696  O "O2'" . U   A 1 33 ? 29.422  -10.797 26.617  1.00 1.00 ? 33 U   A "O2'" 1 
ATOM   697  C "C1'" . U   A 1 33 ? 27.065  -10.918 25.990  1.00 1.00 ? 33 U   A "C1'" 1 
ATOM   698  N N1    . U   A 1 33 ? 25.769  -10.675 26.650  1.00 0.83 ? 33 U   A N1    1 
ATOM   699  C C2    . U   A 1 33 ? 25.623  -9.443  27.272  1.00 0.83 ? 33 U   A C2    1 
ATOM   700  O O2    . U   A 1 33 ? 26.534  -8.614  27.270  1.00 0.83 ? 33 U   A O2    1 
ATOM   701  N N3    . U   A 1 33 ? 24.434  -9.190  27.894  1.00 0.83 ? 33 U   A N3    1 
ATOM   702  C C4    . U   A 1 33 ? 23.408  -10.093 27.907  1.00 0.83 ? 33 U   A C4    1 
ATOM   703  O O4    . U   A 1 33 ? 22.354  -9.744  28.509  1.00 0.83 ? 33 U   A O4    1 
ATOM   704  C C5    . U   A 1 33 ? 23.589  -11.348 27.261  1.00 0.83 ? 33 U   A C5    1 
ATOM   705  C C6    . U   A 1 33 ? 24.762  -11.584 26.659  1.00 0.83 ? 33 U   A C6    1 
ATOM   706  P P     . G   A 1 34 ? 29.684  -13.849 28.935  1.00 1.00 ? 34 G   A P     1 
ATOM   707  O OP1   . G   A 1 34 ? 31.190  -13.817 29.098  1.00 1.00 ? 34 G   A OP1   1 
ATOM   708  O OP2   . G   A 1 34 ? 29.180  -15.248 29.001  1.00 1.00 ? 34 G   A OP2   1 
ATOM   709  O "O5'" . G   A 1 34 ? 28.973  -12.834 29.932  1.00 1.00 ? 34 G   A "O5'" 1 
ATOM   710  C "C5'" . G   A 1 34 ? 28.608  -13.323 31.243  1.00 1.00 ? 34 G   A "C5'" 1 
ATOM   711  C "C4'" . G   A 1 34 ? 29.023  -12.262 32.241  1.00 1.00 ? 34 G   A "C4'" 1 
ATOM   712  O "O4'" . G   A 1 34 ? 30.441  -12.141 32.260  1.00 1.00 ? 34 G   A "O4'" 1 
ATOM   713  C "C3'" . G   A 1 34 ? 28.562  -10.839 31.935  1.00 1.00 ? 34 G   A "C3'" 1 
ATOM   714  O "O3'" . G   A 1 34 ? 27.198  -10.572 32.257  1.00 1.00 ? 34 G   A "O3'" 1 
ATOM   715  C "C2'" . G   A 1 34 ? 29.515  -10.023 32.800  1.00 1.00 ? 34 G   A "C2'" 1 
ATOM   716  O "O2'" . G   A 1 34 ? 29.022  -10.092 34.122  1.00 1.00 ? 34 G   A "O2'" 1 
ATOM   717  C "C1'" . G   A 1 34 ? 30.821  -10.820 32.612  1.00 1.00 ? 34 G   A "C1'" 1 
ATOM   718  N N9    . G   A 1 34 ? 31.596  -10.103 31.582  1.00 1.00 ? 34 G   A N9    1 
ATOM   719  C C8    . G   A 1 34 ? 32.283  -10.598 30.508  1.00 1.00 ? 34 G   A C8    1 
ATOM   720  N N7    . G   A 1 34 ? 32.861  -9.675  29.788  1.00 1.00 ? 34 G   A N7    1 
ATOM   721  C C5    . G   A 1 34 ? 32.538  -8.483  30.426  1.00 1.00 ? 34 G   A C5    1 
ATOM   722  C C6    . G   A 1 34 ? 32.850  -7.132  30.134  1.00 1.00 ? 34 G   A C6    1 
ATOM   723  O O6    . G   A 1 34 ? 33.532  -6.702  29.197  1.00 1.00 ? 34 G   A O6    1 
ATOM   724  N N1    . G   A 1 34 ? 32.328  -6.218  31.013  1.00 1.00 ? 34 G   A N1    1 
ATOM   725  C C2    . G   A 1 34 ? 31.566  -6.590  32.074  1.00 1.00 ? 34 G   A C2    1 
ATOM   726  N N2    . G   A 1 34 ? 31.131  -5.577  32.834  1.00 1.00 ? 34 G   A N2    1 
ATOM   727  N N3    . G   A 1 34 ? 31.235  -7.836  32.400  1.00 1.00 ? 34 G   A N3    1 
ATOM   728  C C4    . G   A 1 34 ? 31.748  -8.733  31.530  1.00 1.00 ? 34 G   A C4    1 
ATOM   729  P P     . U   A 1 35 ? 26.073  -10.597 31.103  1.00 1.00 ? 35 U   A P     1 
ATOM   730  O OP1   . U   A 1 35 ? 24.891  -11.412 31.567  1.00 1.00 ? 35 U   A OP1   1 
ATOM   731  O OP2   . U   A 1 35 ? 26.772  -11.185 29.914  1.00 1.00 ? 35 U   A OP2   1 
ATOM   732  O "O5'" . U   A 1 35 ? 25.660  -9.070  30.896  1.00 1.00 ? 35 U   A "O5'" 1 
ATOM   733  C "C5'" . U   A 1 35 ? 25.534  -8.254  32.084  1.00 1.00 ? 35 U   A "C5'" 1 
ATOM   734  C "C4'" . U   A 1 35 ? 25.906  -6.846  31.702  1.00 1.00 ? 35 U   A "C4'" 1 
ATOM   735  O "O4'" . U   A 1 35 ? 27.318  -6.692  31.632  1.00 1.00 ? 35 U   A "O4'" 1 
ATOM   736  C "C3'" . U   A 1 35 ? 25.448  -6.391  30.313  1.00 1.00 ? 35 U   A "C3'" 1 
ATOM   737  O "O3'" . U   A 1 35 ? 24.059  -6.096  30.278  1.00 1.00 ? 35 U   A "O3'" 1 
ATOM   738  C "C2'" . U   A 1 35 ? 26.359  -5.193  30.085  1.00 1.00 ? 35 U   A "C2'" 1 
ATOM   739  O "O2'" . U   A 1 35 ? 25.838  -4.117  30.858  1.00 1.00 ? 35 U   A "O2'" 1 
ATOM   740  C "C1'" . U   A 1 35 ? 27.683  -5.677  30.681  1.00 1.00 ? 35 U   A "C1'" 1 
ATOM   741  N N1    . U   A 1 35 ? 28.611  -6.160  29.641  1.00 1.00 ? 35 U   A N1    1 
ATOM   742  C C2    . U   A 1 35 ? 29.392  -5.167  29.032  1.00 1.00 ? 35 U   A C2    1 
ATOM   743  O O2    . U   A 1 35 ? 29.264  -3.982  29.337  1.00 1.00 ? 35 U   A O2    1 
ATOM   744  N N3    . U   A 1 35 ? 30.287  -5.543  28.076  1.00 1.00 ? 35 U   A N3    1 
ATOM   745  C C4    . U   A 1 35 ? 30.437  -6.843  27.708  1.00 1.00 ? 35 U   A C4    1 
ATOM   746  O O4    . U   A 1 35 ? 31.298  -7.080  26.804  1.00 1.00 ? 35 U   A O4    1 
ATOM   747  C C5    . U   A 1 35 ? 29.655  -7.844  28.350  1.00 1.00 ? 35 U   A C5    1 
ATOM   748  C C6    . U   A 1 35 ? 28.773  -7.458  29.280  1.00 1.00 ? 35 U   A C6    1 
ATOM   749  P P     . C   A 1 36 ? 23.276  -5.156  29.250  1.00 1.00 ? 36 C   A P     1 
ATOM   750  O OP1   . C   A 1 36 ? 22.042  -4.624  29.931  1.00 1.00 ? 36 C   A OP1   1 
ATOM   751  O OP2   . C   A 1 36 ? 23.019  -6.041  28.080  1.00 1.00 ? 36 C   A OP2   1 
ATOM   752  O "O5'" . C   A 1 36 ? 24.204  -3.906  28.918  1.00 1.00 ? 36 C   A "O5'" 1 
ATOM   753  C "C5'" . C   A 1 36 ? 23.637  -2.557  29.088  1.00 1.00 ? 36 C   A "C5'" 1 
ATOM   754  C "C4'" . C   A 1 36 ? 24.300  -1.757  27.986  1.00 1.00 ? 36 C   A "C4'" 1 
ATOM   755  O "O4'" . C   A 1 36 ? 25.705  -1.969  28.033  1.00 1.00 ? 36 C   A "O4'" 1 
ATOM   756  C "C3'" . C   A 1 36 ? 23.939  -2.186  26.565  1.00 1.00 ? 36 C   A "C3'" 1 
ATOM   757  O "O3'" . C   A 1 36 ? 22.686  -1.716  26.061  1.00 1.00 ? 36 C   A "O3'" 1 
ATOM   758  C "C2'" . C   A 1 36 ? 25.126  -1.602  25.764  1.00 1.00 ? 36 C   A "C2'" 1 
ATOM   759  O "O2'" . C   A 1 36 ? 24.865  -0.208  25.634  1.00 1.00 ? 36 C   A "O2'" 1 
ATOM   760  C "C1'" . C   A 1 36 ? 26.248  -1.885  26.712  1.00 1.00 ? 36 C   A "C1'" 1 
ATOM   761  N N1    . C   A 1 36 ? 26.894  -3.170  26.386  1.00 1.00 ? 36 C   A N1    1 
ATOM   762  C C2    . C   A 1 36 ? 27.920  -3.153  25.454  1.00 1.00 ? 36 C   A C2    1 
ATOM   763  O O2    . C   A 1 36 ? 28.264  -2.103  24.923  1.00 1.00 ? 36 C   A O2    1 
ATOM   764  N N3    . C   A 1 36 ? 28.508  -4.346  25.143  1.00 1.00 ? 36 C   A N3    1 
ATOM   765  C C4    . C   A 1 36 ? 28.122  -5.514  25.722  1.00 1.00 ? 36 C   A C4    1 
ATOM   766  N N4    . C   A 1 36 ? 28.755  -6.635  25.372  1.00 1.00 ? 36 C   A N4    1 
ATOM   767  C C5    . C   A 1 36 ? 27.077  -5.521  26.683  1.00 1.00 ? 36 C   A C5    1 
ATOM   768  C C6    . C   A 1 36 ? 26.491  -4.346  26.967  1.00 1.00 ? 36 C   A C6    1 
HETATM 769  P P     . 1MG A 1 37 ? 22.243  -2.501  24.702  1.00 1.00 ? 37 1MG A P     1 
HETATM 770  O OP1   . 1MG A 1 37 ? 20.873  -2.103  24.299  1.00 1.00 ? 37 1MG A OP1   1 
HETATM 771  O OP2   . 1MG A 1 37 ? 22.373  -3.918  25.184  1.00 1.00 ? 37 1MG A OP2   1 
HETATM 772  O "O5'" . 1MG A 1 37 ? 23.359  -2.118  23.630  1.00 1.00 ? 37 1MG A "O5'" 1 
HETATM 773  C "C5'" . 1MG A 1 37 ? 23.175  -0.997  22.724  1.00 1.00 ? 37 1MG A "C5'" 1 
HETATM 774  C "C4'" . 1MG A 1 37 ? 24.522  -0.785  22.056  1.00 1.00 ? 37 1MG A "C4'" 1 
HETATM 775  O "O4'" . 1MG A 1 37 ? 25.541  -1.213  22.949  1.00 1.00 ? 37 1MG A "O4'" 1 
HETATM 776  C "C3'" . 1MG A 1 37 ? 24.779  -1.612  20.793  1.00 1.00 ? 37 1MG A "C3'" 1 
HETATM 777  O "O3'" . 1MG A 1 37 ? 24.161  -1.101  19.607  1.00 1.00 ? 37 1MG A "O3'" 1 
HETATM 778  C "C2'" . 1MG A 1 37 ? 26.313  -1.576  20.727  1.00 1.00 ? 37 1MG A "C2'" 1 
HETATM 779  O "O2'" . 1MG A 1 37 ? 26.726  -0.323  20.229  1.00 1.00 ? 37 1MG A "O2'" 1 
HETATM 780  C "C1'" . 1MG A 1 37 ? 26.631  -1.714  22.207  1.00 1.00 ? 37 1MG A "C1'" 1 
HETATM 781  N N9    . 1MG A 1 37 ? 26.843  -3.141  22.489  1.00 1.00 ? 37 1MG A N9    1 
HETATM 782  C C8    . 1MG A 1 37 ? 26.249  -3.902  23.461  1.00 1.00 ? 37 1MG A C8    1 
HETATM 783  N N7    . 1MG A 1 37 ? 26.647  -5.152  23.464  1.00 1.00 ? 37 1MG A N7    1 
HETATM 784  C C5    . 1MG A 1 37 ? 27.561  -5.208  22.414  1.00 1.00 ? 37 1MG A C5    1 
HETATM 785  C C6    . 1MG A 1 37 ? 28.337  -6.278  21.895  1.00 1.00 ? 37 1MG A C6    1 
HETATM 786  O O6    . 1MG A 1 37 ? 28.343  -7.445  22.308  1.00 1.00 ? 37 1MG A O6    1 
HETATM 787  N N1    . 1MG A 1 37 ? 29.138  -5.939  20.837  1.00 1.00 ? 37 1MG A N1    1 
HETATM 788  C CM1   . 1MG A 1 37 ? 29.956  -6.961  20.231  1.00 1.00 ? 37 1MG A CM1   1 
HETATM 789  C C2    . 1MG A 1 37 ? 29.177  -4.683  20.320  1.00 1.00 ? 37 1MG A C2    1 
HETATM 790  N N2    . 1MG A 1 37 ? 30.013  -4.517  19.281  1.00 1.00 ? 37 1MG A N2    1 
HETATM 791  N N3    . 1MG A 1 37 ? 28.469  -3.641  20.762  1.00 1.00 ? 37 1MG A N3    1 
HETATM 792  C C4    . 1MG A 1 37 ? 27.692  -3.979  21.807  1.00 1.00 ? 37 1MG A C4    1 
ATOM   793  P P     . C   A 1 38 ? 24.169  -1.994  18.252  1.00 1.00 ? 38 C   A P     1 
ATOM   794  O OP1   . C   A 1 38 ? 23.782  -1.206  17.037  1.00 1.00 ? 38 C   A OP1   1 
ATOM   795  O OP2   . C   A 1 38 ? 23.185  -3.065  18.538  1.00 1.00 ? 38 C   A OP2   1 
ATOM   796  O "O5'" . C   A 1 38 ? 25.695  -2.456  18.190  1.00 1.00 ? 38 C   A "O5'" 1 
ATOM   797  C "C5'" . C   A 1 38 ? 26.531  -1.835  17.144  1.00 1.00 ? 38 C   A "C5'" 1 
ATOM   798  C "C4'" . C   A 1 38 ? 26.801  -3.004  16.229  1.00 1.00 ? 38 C   A "C4'" 1 
ATOM   799  O "O4'" . C   A 1 38 ? 27.612  -3.934  16.903  1.00 1.00 ? 38 C   A "O4'" 1 
ATOM   800  C "C3'" . C   A 1 38 ? 25.537  -3.803  15.867  1.00 1.00 ? 38 C   A "C3'" 1 
ATOM   801  O "O3'" . C   A 1 38 ? 24.760  -3.194  14.866  1.00 1.00 ? 38 C   A "O3'" 1 
ATOM   802  C "C2'" . C   A 1 38 ? 26.181  -5.145  15.442  1.00 1.00 ? 38 C   A "C2'" 1 
ATOM   803  O "O2'" . C   A 1 38 ? 26.688  -4.967  14.126  1.00 1.00 ? 38 C   A "O2'" 1 
ATOM   804  C "C1'" . C   A 1 38 ? 27.271  -5.232  16.477  1.00 1.00 ? 38 C   A "C1'" 1 
ATOM   805  N N1    . C   A 1 38 ? 26.705  -5.956  17.630  1.00 1.00 ? 38 C   A N1    1 
ATOM   806  C C2    . C   A 1 38 ? 26.868  -7.321  17.680  1.00 1.00 ? 38 C   A C2    1 
ATOM   807  O O2    . C   A 1 38 ? 27.468  -7.912  16.783  1.00 1.00 ? 38 C   A O2    1 
ATOM   808  N N3    . C   A 1 38 ? 26.335  -7.974  18.755  1.00 1.00 ? 38 C   A N3    1 
ATOM   809  C C4    . C   A 1 38 ? 25.667  -7.307  19.747  1.00 1.00 ? 38 C   A C4    1 
ATOM   810  N N4    . C   A 1 38 ? 25.171  -8.001  20.772  1.00 1.00 ? 38 C   A N4    1 
ATOM   811  C C5    . C   A 1 38 ? 25.511  -5.894  19.672  1.00 1.00 ? 38 C   A C5    1 
ATOM   812  C C6    . C   A 1 38 ? 26.041  -5.273  18.610  1.00 1.00 ? 38 C   A C6    1 
ATOM   813  P P     . G   A 1 39 ? 23.847  -3.947  13.765  1.00 1.00 ? 39 G   A P     1 
ATOM   814  O OP1   . G   A 1 39 ? 24.378  -3.612  12.390  1.00 1.00 ? 39 G   A OP1   1 
ATOM   815  O OP2   . G   A 1 39 ? 22.508  -3.355  14.038  1.00 1.00 ? 39 G   A OP2   1 
ATOM   816  O "O5'" . G   A 1 39 ? 24.031  -5.510  14.016  1.00 1.00 ? 39 G   A "O5'" 1 
ATOM   817  C "C5'" . G   A 1 39 ? 24.643  -6.396  13.032  1.00 1.00 ? 39 G   A "C5'" 1 
ATOM   818  C "C4'" . G   A 1 39 ? 24.877  -7.706  13.756  1.00 1.00 ? 39 G   A "C4'" 1 
ATOM   819  O "O4'" . G   A 1 39 ? 25.114  -7.399  15.129  1.00 1.00 ? 39 G   A "O4'" 1 
ATOM   820  C "C3'" . G   A 1 39 ? 23.706  -8.680  13.826  1.00 1.00 ? 39 G   A "C3'" 1 
ATOM   821  O "O3'" . G   A 1 39 ? 23.525  -9.496  12.685  1.00 1.00 ? 39 G   A "O3'" 1 
ATOM   822  C "C2'" . G   A 1 39 ? 24.082  -9.544  15.052  1.00 1.00 ? 39 G   A "C2'" 1 
ATOM   823  O "O2'" . G   A 1 39 ? 25.039  -10.492 14.636  1.00 1.00 ? 39 G   A "O2'" 1 
ATOM   824  C "C1'" . G   A 1 39 ? 24.674  -8.476  15.954  1.00 1.00 ? 39 G   A "C1'" 1 
ATOM   825  N N9    . G   A 1 39 ? 23.648  -7.996  16.892  1.00 1.00 ? 39 G   A N9    1 
ATOM   826  C C8    . G   A 1 39 ? 23.345  -6.699  17.195  1.00 1.00 ? 39 G   A C8    1 
ATOM   827  N N7    . G   A 1 39 ? 22.391  -6.580  18.083  1.00 1.00 ? 39 G   A N7    1 
ATOM   828  C C5    . G   A 1 39 ? 22.040  -7.897  18.373  1.00 1.00 ? 39 G   A C5    1 
ATOM   829  C C6    . G   A 1 39 ? 21.073  -8.433  19.262  1.00 1.00 ? 39 G   A C6    1 
ATOM   830  O O6    . G   A 1 39 ? 20.288  -7.817  19.989  1.00 1.00 ? 39 G   A O6    1 
ATOM   831  N N1    . G   A 1 39 ? 21.027  -9.804  19.282  1.00 1.00 ? 39 G   A N1    1 
ATOM   832  C C2    . G   A 1 39 ? 21.846  -10.571 18.511  1.00 1.00 ? 39 G   A C2    1 
ATOM   833  N N2    . G   A 1 39 ? 21.672  -11.887 18.646  1.00 1.00 ? 39 G   A N2    1 
ATOM   834  N N3    . G   A 1 39 ? 22.768  -10.117 17.662  1.00 1.00 ? 39 G   A N3    1 
ATOM   835  C C4    . G   A 1 39 ? 22.816  -8.772  17.647  1.00 1.00 ? 39 G   A C4    1 
ATOM   836  P P     . U   A 1 40 ? 22.460  -9.256  11.503  1.00 1.00 ? 40 U   A P     1 
ATOM   837  O OP1   . U   A 1 40 ? 23.173  -9.369  10.184  1.00 1.00 ? 40 U   A OP1   1 
ATOM   838  O OP2   . U   A 1 40 ? 21.853  -7.931  11.780  1.00 1.00 ? 40 U   A OP2   1 
ATOM   839  O "O5'" . U   A 1 40 ? 21.476  -10.521 11.665  1.00 1.00 ? 40 U   A "O5'" 1 
ATOM   840  C "C5'" . U   A 1 40 ? 22.167  -11.753 12.030  1.00 1.00 ? 40 U   A "C5'" 1 
ATOM   841  C "C4'" . U   A 1 40 ? 21.361  -12.380 13.149  1.00 1.00 ? 40 U   A "C4'" 1 
ATOM   842  O "O4'" . U   A 1 40 ? 21.633  -11.720 14.388  1.00 1.00 ? 40 U   A "O4'" 1 
ATOM   843  C "C3'" . U   A 1 40 ? 19.850  -12.262 13.011  1.00 1.00 ? 40 U   A "C3'" 1 
ATOM   844  O "O3'" . U   A 1 40 ? 19.292  -13.187 12.070  1.00 1.00 ? 40 U   A "O3'" 1 
ATOM   845  C "C2'" . U   A 1 40 ? 19.388  -12.516 14.453  1.00 1.00 ? 40 U   A "C2'" 1 
ATOM   846  O "O2'" . U   A 1 40 ? 19.430  -13.908 14.658  1.00 1.00 ? 40 U   A "O2'" 1 
ATOM   847  C "C1'" . U   A 1 40 ? 20.479  -11.770 15.220  1.00 1.00 ? 40 U   A "C1'" 1 
ATOM   848  N N1    . U   A 1 40 ? 19.983  -10.437 15.603  1.00 1.00 ? 40 U   A N1    1 
ATOM   849  C C2    . U   A 1 40 ? 19.043  -10.416 16.616  1.00 1.00 ? 40 U   A C2    1 
ATOM   850  O O2    . U   A 1 40 ? 18.656  -11.449 17.157  1.00 1.00 ? 40 U   A O2    1 
ATOM   851  N N3    . U   A 1 40 ? 18.545  -9.204  17.007  1.00 1.00 ? 40 U   A N3    1 
ATOM   852  C C4    . U   A 1 40 ? 18.947  -8.040  16.432  1.00 1.00 ? 40 U   A C4    1 
ATOM   853  O O4    . U   A 1 40 ? 18.405  -6.987  16.887  1.00 1.00 ? 40 U   A O4    1 
ATOM   854  C C5    . U   A 1 40 ? 19.908  -8.077  15.386  1.00 1.00 ? 40 U   A C5    1 
ATOM   855  C C6    . U   A 1 40 ? 20.392  -9.273  15.016  1.00 1.00 ? 40 U   A C6    1 
ATOM   856  P P     . G   A 1 41 ? 17.926  -12.753 11.321  1.00 1.00 ? 41 G   A P     1 
ATOM   857  O OP1   . G   A 1 41 ? 17.791  -13.519 10.057  1.00 1.00 ? 41 G   A OP1   1 
ATOM   858  O OP2   . G   A 1 41 ? 18.126  -11.290 11.129  1.00 1.00 ? 41 G   A OP2   1 
ATOM   859  O "O5'" . G   A 1 41 ? 16.828  -13.124 12.418  1.00 1.00 ? 41 G   A "O5'" 1 
ATOM   860  C "C5'" . G   A 1 41 ? 16.587  -14.554 12.521  1.00 1.00 ? 41 G   A "C5'" 1 
ATOM   861  C "C4'" . G   A 1 41 ? 15.655  -14.732 13.698  1.00 1.00 ? 41 G   A "C4'" 1 
ATOM   862  O "O4'" . G   A 1 41 ? 16.148  -13.975 14.798  1.00 1.00 ? 41 G   A "O4'" 1 
ATOM   863  C "C3'" . G   A 1 41 ? 14.232  -14.208 13.534  1.00 1.00 ? 41 G   A "C3'" 1 
ATOM   864  O "O3'" . G   A 1 41 ? 13.375  -15.073 12.790  1.00 1.00 ? 41 G   A "O3'" 1 
ATOM   865  C "C2'" . G   A 1 41 ? 13.769  -14.081 14.986  1.00 1.00 ? 41 G   A "C2'" 1 
ATOM   866  O "O2'" . G   A 1 41 ? 13.436  -15.370 15.448  1.00 1.00 ? 41 G   A "O2'" 1 
ATOM   867  C "C1'" . G   A 1 41 ? 15.045  -13.571 15.622  1.00 1.00 ? 41 G   A "C1'" 1 
ATOM   868  N N9    . G   A 1 41 ? 15.004  -12.108 15.817  1.00 1.00 ? 41 G   A N9    1 
ATOM   869  C C8    . G   A 1 41 ? 15.668  -11.096 15.192  1.00 1.00 ? 41 G   A C8    1 
ATOM   870  N N7    . G   A 1 41 ? 15.385  -9.906  15.674  1.00 1.00 ? 41 G   A N7    1 
ATOM   871  C C5    . G   A 1 41 ? 14.468  -10.165 16.696  1.00 1.00 ? 41 G   A C5    1 
ATOM   872  C C6    . G   A 1 41 ? 13.785  -9.311  17.600  1.00 1.00 ? 41 G   A C6    1 
ATOM   873  O O6    . G   A 1 41 ? 13.856  -8.078  17.666  1.00 1.00 ? 41 G   A O6    1 
ATOM   874  N N1    . G   A 1 41 ? 12.949  -9.953  18.474  1.00 1.00 ? 41 G   A N1    1 
ATOM   875  C C2    . G   A 1 41 ? 12.806  -11.302 18.474  1.00 1.00 ? 41 G   A C2    1 
ATOM   876  N N2    . G   A 1 41 ? 11.958  -11.803 19.387  1.00 1.00 ? 41 G   A N2    1 
ATOM   877  N N3    . G   A 1 41 ? 13.418  -12.149 17.660  1.00 1.00 ? 41 G   A N3    1 
ATOM   878  C C4    . G   A 1 41 ? 14.233  -11.514 16.795  1.00 1.00 ? 41 G   A C4    1 
ATOM   879  P P     . C   A 1 42 ? 12.025  -14.397 12.214  1.00 1.00 ? 42 C   A P     1 
ATOM   880  O OP1   . C   A 1 42 ? 11.455  -15.223 11.115  1.00 1.00 ? 42 C   A OP1   1 
ATOM   881  O OP2   . C   A 1 42 ? 12.530  -13.088 11.721  1.00 1.00 ? 42 C   A OP2   1 
ATOM   882  O "O5'" . C   A 1 42 ? 11.099  -14.328 13.491  1.00 1.00 ? 42 C   A "O5'" 1 
ATOM   883  C "C5'" . C   A 1 42 ? 10.648  -15.626 13.978  1.00 1.00 ? 42 C   A "C5'" 1 
ATOM   884  C "C4'" . C   A 1 42 ? 9.734   -15.252 15.115  1.00 1.00 ? 42 C   A "C4'" 1 
ATOM   885  O "O4'" . C   A 1 42 ? 10.476  -14.554 16.105  1.00 1.00 ? 42 C   A "O4'" 1 
ATOM   886  C "C3'" . C   A 1 42 ? 8.628   -14.281 14.728  1.00 1.00 ? 42 C   A "C3'" 1 
ATOM   887  O "O3'" . C   A 1 42 ? 7.511   -14.897 14.121  1.00 1.00 ? 42 C   A "O3'" 1 
ATOM   888  C "C2'" . C   A 1 42 ? 8.296   -13.660 16.087  1.00 1.00 ? 42 C   A "C2'" 1 
ATOM   889  O "O2'" . C   A 1 42 ? 7.493   -14.616 16.782  1.00 1.00 ? 42 C   A "O2'" 1 
ATOM   890  C "C1'" . C   A 1 42 ? 9.655   -13.578 16.700  1.00 1.00 ? 42 C   A "C1'" 1 
ATOM   891  N N1    . C   A 1 42 ? 10.145  -12.226 16.373  1.00 1.00 ? 42 C   A N1    1 
ATOM   892  C C2    . C   A 1 42 ? 9.755   -11.184 17.198  1.00 1.00 ? 42 C   A C2    1 
ATOM   893  O O2    . C   A 1 42 ? 9.022   -11.405 18.166  1.00 1.00 ? 42 C   A O2    1 
ATOM   894  N N3    . C   A 1 42 ? 10.215  -9.929  16.889  1.00 1.00 ? 42 C   A N3    1 
ATOM   895  C C4    . C   A 1 42 ? 11.020  -9.700  15.825  1.00 1.00 ? 42 C   A C4    1 
ATOM   896  N N4    . C   A 1 42 ? 11.434  -8.461  15.571  1.00 1.00 ? 42 C   A N4    1 
ATOM   897  C C5    . C   A 1 42 ? 11.413  -10.778 14.975  1.00 1.00 ? 42 C   A C5    1 
ATOM   898  C C6    . C   A 1 42 ? 10.946  -12.004 15.287  1.00 1.00 ? 42 C   A C6    1 
ATOM   899  P P     . C   A 1 43 ? 6.120   -14.125 13.919  1.00 1.00 ? 43 C   A P     1 
ATOM   900  O OP1   . C   A 1 43 ? 5.023   -15.157 13.911  1.00 1.00 ? 43 C   A OP1   1 
ATOM   901  O OP2   . C   A 1 43 ? 6.370   -13.344 12.693  1.00 1.00 ? 43 C   A OP2   1 
ATOM   902  O "O5'" . C   A 1 43 ? 5.879   -13.229 15.223  1.00 1.00 ? 43 C   A "O5'" 1 
ATOM   903  C "C5'" . C   A 1 43 ? 4.819   -13.736 16.114  1.00 1.00 ? 43 C   A "C5'" 1 
ATOM   904  C "C4'" . C   A 1 43 ? 4.232   -12.483 16.738  1.00 1.00 ? 43 C   A "C4'" 1 
ATOM   905  O "O4'" . C   A 1 43 ? 5.284   -11.651 17.216  1.00 1.00 ? 43 C   A "O4'" 1 
ATOM   906  C "C3'" . C   A 1 43 ? 3.482   -11.577 15.756  1.00 1.00 ? 43 C   A "C3'" 1 
ATOM   907  O "O3'" . C   A 1 43 ? 2.189   -12.068 15.475  1.00 1.00 ? 43 C   A "O3'" 1 
ATOM   908  C "C2'" . C   A 1 43 ? 3.496   -10.237 16.523  1.00 1.00 ? 43 C   A "C2'" 1 
ATOM   909  O "O2'" . C   A 1 43 ? 2.495   -10.306 17.515  1.00 1.00 ? 43 C   A "O2'" 1 
ATOM   910  C "C1'" . C   A 1 43 ? 4.889   -10.294 17.117  1.00 1.00 ? 43 C   A "C1'" 1 
ATOM   911  N N1    . C   A 1 43 ? 5.832   -9.572  16.247  1.00 1.00 ? 43 C   A N1    1 
ATOM   912  C C2    . C   A 1 43 ? 6.019   -8.235  16.504  1.00 1.00 ? 43 C   A C2    1 
ATOM   913  O O2    . C   A 1 43 ? 5.423   -7.695  17.438  1.00 1.00 ? 43 C   A O2    1 
ATOM   914  N N3    . C   A 1 43 ? 6.896   -7.562  15.703  1.00 1.00 ? 43 C   A N3    1 
ATOM   915  C C4    . C   A 1 43 ? 7.555   -8.178  14.681  1.00 1.00 ? 43 C   A C4    1 
ATOM   916  N N4    . C   A 1 43 ? 8.401   -7.476  13.926  1.00 1.00 ? 43 C   A N4    1 
ATOM   917  C C5    . C   A 1 43 ? 7.336   -9.559  14.432  1.00 1.00 ? 43 C   A C5    1 
ATOM   918  C C6    . C   A 1 43 ? 6.475   -10.205 15.228  1.00 1.00 ? 43 C   A C6    1 
ATOM   919  P P     . A   A 1 44 ? 1.235   -11.486 14.334  1.00 1.00 ? 44 A   A P     1 
ATOM   920  O OP1   . A   A 1 44 ? -0.086  -12.194 14.375  1.00 1.00 ? 44 A   A OP1   1 
ATOM   921  O OP2   . A   A 1 44 ? 1.987   -11.744 13.080  1.00 1.00 ? 44 A   A OP2   1 
ATOM   922  O "O5'" . A   A 1 44 ? 1.051   -9.940  14.721  1.00 1.00 ? 44 A   A "O5'" 1 
ATOM   923  C "C5'" . A   A 1 44 ? 0.044   -9.581  15.692  1.00 1.00 ? 44 A   A "C5'" 1 
ATOM   924  C "C4'" . A   A 1 44 ? 0.156   -8.097  15.948  1.00 1.00 ? 44 A   A "C4'" 1 
ATOM   925  O "O4'" . A   A 1 44 ? 1.486   -7.716  16.287  1.00 1.00 ? 44 A   A "O4'" 1 
ATOM   926  C "C3'" . A   A 1 44 ? -0.164  -7.229  14.718  1.00 1.00 ? 44 A   A "C3'" 1 
ATOM   927  O "O3'" . A   A 1 44 ? -1.553  -7.138  14.467  1.00 1.00 ? 44 A   A "O3'" 1 
ATOM   928  C "C2'" . A   A 1 44 ? 0.473   -5.897  15.133  1.00 1.00 ? 44 A   A "C2'" 1 
ATOM   929  O "O2'" . A   A 1 44 ? -0.456  -5.278  16.017  1.00 1.00 ? 44 A   A "O2'" 1 
ATOM   930  C "C1'" . A   A 1 44 ? 1.739   -6.383  15.829  1.00 1.00 ? 44 A   A "C1'" 1 
ATOM   931  N N9    . A   A 1 44 ? 2.876   -6.319  14.903  1.00 1.00 ? 44 A   A N9    1 
ATOM   932  C C8    . A   A 1 44 ? 3.375   -7.334  14.124  1.00 1.00 ? 44 A   A C8    1 
ATOM   933  N N7    . A   A 1 44 ? 4.406   -6.987  13.390  1.00 1.00 ? 44 A   A N7    1 
ATOM   934  C C5    . A   A 1 44 ? 4.596   -5.652  13.704  1.00 1.00 ? 44 A   A C5    1 
ATOM   935  C C6    . A   A 1 44 ? 5.547   -4.712  13.239  1.00 1.00 ? 44 A   A C6    1 
ATOM   936  N N6    . A   A 1 44 ? 6.490   -4.986  12.353  1.00 1.00 ? 44 A   A N6    1 
ATOM   937  N N1    . A   A 1 44 ? 5.443   -3.462  13.783  1.00 1.00 ? 44 A   A N1    1 
ATOM   938  C C2    . A   A 1 44 ? 4.479   -3.163  14.699  1.00 1.00 ? 44 A   A C2    1 
ATOM   939  N N3    . A   A 1 44 ? 3.557   -3.997  15.174  1.00 1.00 ? 44 A   A N3    1 
ATOM   940  C C4    . A   A 1 44 ? 3.672   -5.226  14.634  1.00 1.00 ? 44 A   A C4    1 
ATOM   941  P P     . G   A 1 45 ? -2.157  -7.474  13.015  1.00 1.00 ? 45 G   A P     1 
ATOM   942  O OP1   . G   A 1 45 ? -3.552  -8.018  13.107  1.00 1.00 ? 45 G   A OP1   1 
ATOM   943  O OP2   . G   A 1 45 ? -1.198  -8.464  12.457  1.00 1.00 ? 45 G   A OP2   1 
ATOM   944  O "O5'" . G   A 1 45 ? -2.150  -6.035  12.320  1.00 1.00 ? 45 G   A "O5'" 1 
ATOM   945  C "C5'" . G   A 1 45 ? -2.502  -4.947  13.219  1.00 1.00 ? 45 G   A "C5'" 1 
ATOM   946  C "C4'" . G   A 1 45 ? -1.633  -3.788  12.802  1.00 1.00 ? 45 G   A "C4'" 1 
ATOM   947  O "O4'" . G   A 1 45 ? -0.275  -4.033  13.151  1.00 1.00 ? 45 G   A "O4'" 1 
ATOM   948  C "C3'" . G   A 1 45 ? -1.568  -3.535  11.295  1.00 1.00 ? 45 G   A "C3'" 1 
ATOM   949  O "O3'" . G   A 1 45 ? -2.737  -2.884  10.834  1.00 1.00 ? 45 G   A "O3'" 1 
ATOM   950  C "C2'" . G   A 1 45 ? -0.303  -2.691  11.159  1.00 1.00 ? 45 G   A "C2'" 1 
ATOM   951  O "O2'" . G   A 1 45 ? -0.584  -1.364  11.504  1.00 1.00 ? 45 G   A "O2'" 1 
ATOM   952  C "C1'" . G   A 1 45 ? 0.591   -3.394  12.226  1.00 1.00 ? 45 G   A "C1'" 1 
ATOM   953  N N9    . G   A 1 45 ? 1.528   -4.228  11.452  1.00 1.00 ? 45 G   A N9    1 
ATOM   954  C C8    . G   A 1 45 ? 1.512   -5.541  11.102  1.00 1.00 ? 45 G   A C8    1 
ATOM   955  N N7    . G   A 1 45 ? 2.557   -5.907  10.396  1.00 1.00 ? 45 G   A N7    1 
ATOM   956  C C5    . G   A 1 45 ? 3.311   -4.751  10.271  1.00 1.00 ? 45 G   A C5    1 
ATOM   957  C C6    . G   A 1 45 ? 4.549   -4.484  9.625   1.00 1.00 ? 45 G   A C6    1 
ATOM   958  O O6    . G   A 1 45 ? 5.255   -5.285  8.998   1.00 1.00 ? 45 G   A O6    1 
ATOM   959  N N1    . G   A 1 45 ? 4.990   -3.192  9.729   1.00 1.00 ? 45 G   A N1    1 
ATOM   960  C C2    . G   A 1 45 ? 4.284   -2.243  10.405  1.00 1.00 ? 45 G   A C2    1 
ATOM   961  N N2    . G   A 1 45 ? 4.821   -1.021  10.426  1.00 1.00 ? 45 G   A N2    1 
ATOM   962  N N3    . G   A 1 45 ? 3.118   -2.430  11.024  1.00 1.00 ? 45 G   A N3    1 
ATOM   963  C C4    . G   A 1 45 ? 2.694   -3.705  10.916  1.00 1.00 ? 45 G   A C4    1 
ATOM   964  P P     . A   A 1 46 ? -3.696  -3.470  9.704   1.00 1.00 ? 46 A   A P     1 
ATOM   965  O OP1   . A   A 1 46 ? -5.115  -3.444  10.160  1.00 1.00 ? 46 A   A OP1   1 
ATOM   966  O OP2   . A   A 1 46 ? -3.178  -4.853  9.509   1.00 1.00 ? 46 A   A OP2   1 
ATOM   967  O "O5'" . A   A 1 46 ? -3.405  -2.515  8.478   1.00 1.00 ? 46 A   A "O5'" 1 
ATOM   968  C "C5'" . A   A 1 46 ? -4.460  -1.896  7.712   1.00 1.00 ? 46 A   A "C5'" 1 
ATOM   969  C "C4'" . A   A 1 46 ? -3.761  -1.124  6.616   1.00 1.00 ? 46 A   A "C4'" 1 
ATOM   970  O "O4'" . A   A 1 46 ? -2.381  -1.408  6.637   1.00 1.00 ? 46 A   A "O4'" 1 
ATOM   971  C "C3'" . A   A 1 46 ? -4.168  -1.520  5.203   1.00 1.00 ? 46 A   A "C3'" 1 
ATOM   972  O "O3'" . A   A 1 46 ? -5.409  -0.957  4.803   1.00 1.00 ? 46 A   A "O3'" 1 
ATOM   973  C "C2'" . A   A 1 46 ? -2.969  -0.986  4.398   1.00 1.00 ? 46 A   A "C2'" 1 
ATOM   974  O "O2'" . A   A 1 46 ? -3.178  0.425   4.295   1.00 1.00 ? 46 A   A "O2'" 1 
ATOM   975  C "C1'" . A   A 1 46 ? -1.841  -1.338  5.323   1.00 1.00 ? 46 A   A "C1'" 1 
ATOM   976  N N9    . A   A 1 46 ? -1.276  -2.667  5.030   1.00 1.00 ? 46 A   A N9    1 
ATOM   977  C C8    . A   A 1 46 ? -1.736  -3.853  5.562   1.00 1.00 ? 46 A   A C8    1 
ATOM   978  N N7    . A   A 1 46 ? -1.067  -4.897  5.157   1.00 1.00 ? 46 A   A N7    1 
ATOM   979  C C5    . A   A 1 46 ? -0.115  -4.375  4.298   1.00 1.00 ? 46 A   A C5    1 
ATOM   980  C C6    . A   A 1 46 ? 0.911   -4.991  3.548   1.00 1.00 ? 46 A   A C6    1 
ATOM   981  N N6    . A   A 1 46 ? 1.129   -6.298  3.547   1.00 1.00 ? 46 A   A N6    1 
ATOM   982  N N1    . A   A 1 46 ? 1.688   -4.151  2.812   1.00 1.00 ? 46 A   A N1    1 
ATOM   983  C C2    . A   A 1 46 ? 1.466   -2.804  2.810   1.00 1.00 ? 46 A   A C2    1 
ATOM   984  N N3    . A   A 1 46 ? 0.523   -2.160  3.499   1.00 1.00 ? 46 A   A N3    1 
ATOM   985  C C4    . A   A 1 46 ? -0.229  -3.000  4.223   1.00 1.00 ? 46 A   A C4    1 
ATOM   986  P P     . U   A 1 47 ? -6.744  -1.829  4.617   1.00 1.00 ? 47 U   A P     1 
ATOM   987  O OP1   . U   A 1 47 ? -7.933  -0.967  4.914   1.00 1.00 ? 47 U   A OP1   1 
ATOM   988  O OP2   . U   A 1 47 ? -6.686  -2.887  5.662   1.00 1.00 ? 47 U   A OP2   1 
ATOM   989  O "O5'" . U   A 1 47 ? -6.630  -2.300  3.108   1.00 1.00 ? 47 U   A "O5'" 1 
ATOM   990  C "C5'" . U   A 1 47 ? -7.191  -1.593  1.976   1.00 1.00 ? 47 U   A "C5'" 1 
ATOM   991  C "C4'" . U   A 1 47 ? -6.027  -1.148  1.106   1.00 1.00 ? 47 U   A "C4'" 1 
ATOM   992  O "O4'" . U   A 1 47 ? -5.174  -2.248  0.912   1.00 1.00 ? 47 U   A "O4'" 1 
ATOM   993  C "C3'" . U   A 1 47 ? -6.387  -0.668  -0.308  1.00 1.00 ? 47 U   A "C3'" 1 
ATOM   994  O "O3'" . U   A 1 47 ? -5.480  0.343   -0.806  1.00 1.00 ? 47 U   A "O3'" 1 
ATOM   995  C "C2'" . U   A 1 47 ? -6.194  -1.931  -1.152  1.00 1.00 ? 47 U   A "C2'" 1 
ATOM   996  O "O2'" . U   A 1 47 ? -6.005  -1.578  -2.484  1.00 1.00 ? 47 U   A "O2'" 1 
ATOM   997  C "C1'" . U   A 1 47 ? -4.972  -2.472  -0.517  1.00 1.00 ? 47 U   A "C1'" 1 
ATOM   998  N N1    . U   A 1 47 ? -4.733  -3.910  -0.697  1.00 1.00 ? 47 U   A N1    1 
ATOM   999  C C2    . U   A 1 47 ? -3.673  -4.231  -1.530  1.00 1.00 ? 47 U   A C2    1 
ATOM   1000 O O2    . U   A 1 47 ? -3.031  -3.349  -2.076  1.00 1.00 ? 47 U   A O2    1 
ATOM   1001 N N3    . U   A 1 47 ? -3.396  -5.553  -1.721  1.00 1.00 ? 47 U   A N3    1 
ATOM   1002 C C4    . U   A 1 47 ? -4.115  -6.530  -1.103  1.00 1.00 ? 47 U   A C4    1 
ATOM   1003 O O4    . U   A 1 47 ? -3.777  -7.727  -1.344  1.00 1.00 ? 47 U   A O4    1 
ATOM   1004 C C5    . U   A 1 47 ? -5.195  -6.173  -0.246  1.00 1.00 ? 47 U   A C5    1 
ATOM   1005 C C6    . U   A 1 47 ? -5.460  -4.869  -0.072  1.00 1.00 ? 47 U   A C6    1 
HETATM 1006 P P     . 5MC A 1 48 ? -6.195  1.344   -1.877  1.00 1.00 ? 48 5MC A P     1 
HETATM 1007 O OP1   . 5MC A 1 48 ? -7.637  0.917   -1.946  1.00 1.00 ? 48 5MC A OP1   1 
HETATM 1008 O OP2   . 5MC A 1 48 ? -5.483  1.172   -3.145  1.00 1.00 ? 48 5MC A OP2   1 
HETATM 1009 O "O5'" . 5MC A 1 48 ? -6.100  2.748   -1.148  1.00 1.00 ? 48 5MC A "O5'" 1 
HETATM 1010 C "C5'" . 5MC A 1 48 ? -6.584  2.765   0.224   1.00 1.00 ? 48 5MC A "C5'" 1 
HETATM 1011 C "C4'" . 5MC A 1 48 ? -7.210  4.126   0.432   1.00 1.00 ? 48 5MC A "C4'" 1 
HETATM 1012 O "O4'" . 5MC A 1 48 ? -6.789  5.005   -0.606  1.00 1.00 ? 48 5MC A "O4'" 1 
HETATM 1013 C "C3'" . 5MC A 1 48 ? -8.742  4.151   0.329   1.00 1.00 ? 48 5MC A "C3'" 1 
HETATM 1014 O "O3'" . 5MC A 1 48 ? -9.386  3.718   1.503   1.00 1.00 ? 48 5MC A "O3'" 1 
HETATM 1015 C "C2'" . 5MC A 1 48 ? -8.977  5.640   0.066   1.00 1.00 ? 48 5MC A "C2'" 1 
HETATM 1016 O "O2'" . 5MC A 1 48 ? -8.815  6.275   1.322   1.00 1.00 ? 48 5MC A "O2'" 1 
HETATM 1017 C "C1'" . 5MC A 1 48 ? -7.826  5.940   -0.860  1.00 1.00 ? 48 5MC A "C1'" 1 
HETATM 1018 N N1    . 5MC A 1 48 ? -8.271  5.806   -2.253  1.00 1.00 ? 48 5MC A N1    1 
HETATM 1019 C C2    . 5MC A 1 48 ? -9.308  6.637   -2.660  1.00 1.00 ? 48 5MC A C2    1 
HETATM 1020 O O2    . 5MC A 1 48 ? -9.786  7.434   -1.852  1.00 1.00 ? 48 5MC A O2    1 
HETATM 1021 N N3    . 5MC A 1 48 ? -9.745  6.528   -3.953  1.00 1.00 ? 48 5MC A N3    1 
HETATM 1022 C C4    . 5MC A 1 48 ? -9.186  5.638   -4.812  1.00 1.00 ? 48 5MC A C4    1 
HETATM 1023 N N4    . 5MC A 1 48 ? -9.629  5.549   -6.070  1.00 1.00 ? 48 5MC A N4    1 
HETATM 1024 C C5    . 5MC A 1 48 ? -8.130  4.791   -4.376  1.00 1.00 ? 48 5MC A C5    1 
HETATM 1025 C C6    . 5MC A 1 48 ? -7.713  4.902   -3.107  1.00 1.00 ? 48 5MC A C6    1 
HETATM 1026 C CM5   . 5MC A 1 48 ? -7.503  3.794   -5.321  1.00 1.00 ? 48 5MC A CM5   1 
ATOM   1027 P P     . G   A 1 49 ? -10.398 2.502   1.610   1.00 1.00 ? 49 G   A P     1 
ATOM   1028 O OP1   . G   A 1 49 ? -10.229 1.687   2.846   1.00 1.00 ? 49 G   A OP1   1 
ATOM   1029 O OP2   . G   A 1 49 ? -10.165 1.754   0.367   1.00 1.00 ? 49 G   A OP2   1 
ATOM   1030 O "O5'" . G   A 1 49 ? -11.773 3.261   1.746   1.00 1.00 ? 49 G   A "O5'" 1 
ATOM   1031 C "C5'" . G   A 1 49 ? -11.684 4.572   2.391   1.00 1.00 ? 49 G   A "C5'" 1 
ATOM   1032 C "C4'" . G   A 1 49 ? -12.943 5.248   1.929   1.00 1.00 ? 49 G   A "C4'" 1 
ATOM   1033 O "O4'" . G   A 1 49 ? -12.688 6.091   0.828   1.00 1.00 ? 49 G   A "O4'" 1 
ATOM   1034 C "C3'" . G   A 1 49 ? -13.984 4.251   1.393   1.00 1.00 ? 49 G   A "C3'" 1 
ATOM   1035 O "O3'" . G   A 1 49 ? -14.653 3.606   2.460   1.00 1.00 ? 49 G   A "O3'" 1 
ATOM   1036 C "C2'" . G   A 1 49 ? -14.879 5.173   0.563   1.00 1.00 ? 49 G   A "C2'" 1 
ATOM   1037 O "O2'" . G   A 1 49 ? -15.702 5.851   1.490   1.00 1.00 ? 49 G   A "O2'" 1 
ATOM   1038 C "C1'" . G   A 1 49 ? -13.839 6.095   -0.047  1.00 1.00 ? 49 G   A "C1'" 1 
ATOM   1039 N N9    . G   A 1 49 ? -13.423 5.713   -1.410  1.00 1.00 ? 49 G   A N9    1 
ATOM   1040 C C8    . G   A 1 49 ? -12.312 5.039   -1.839  1.00 1.00 ? 49 G   A C8    1 
ATOM   1041 N N7    . G   A 1 49 ? -12.250 4.889   -3.137  1.00 1.00 ? 49 G   A N7    1 
ATOM   1042 C C5    . G   A 1 49 ? -13.397 5.517   -3.596  1.00 1.00 ? 49 G   A C5    1 
ATOM   1043 C C6    . G   A 1 49 ? -13.908 5.705   -4.909  1.00 1.00 ? 49 G   A C6    1 
ATOM   1044 O O6    . G   A 1 49 ? -13.417 5.324   -5.976  1.00 1.00 ? 49 G   A O6    1 
ATOM   1045 N N1    . G   A 1 49 ? -15.091 6.390   -4.958  1.00 1.00 ? 49 G   A N1    1 
ATOM   1046 C C2    . G   A 1 49 ? -15.712 6.850   -3.840  1.00 1.00 ? 49 G   A C2    1 
ATOM   1047 N N2    . G   A 1 49 ? -16.862 7.504   -4.029  1.00 1.00 ? 49 G   A N2    1 
ATOM   1048 N N3    . G   A 1 49 ? -15.277 6.709   -2.591  1.00 1.00 ? 49 G   A N3    1 
ATOM   1049 C C4    . G   A 1 49 ? -14.124 6.032   -2.550  1.00 1.00 ? 49 G   A C4    1 
ATOM   1050 P P     . G   A 1 50 ? -15.567 2.330   2.173   1.00 1.00 ? 50 G   A P     1 
ATOM   1051 O OP1   . G   A 1 50 ? -15.798 1.492   3.383   1.00 1.00 ? 50 G   A OP1   1 
ATOM   1052 O OP2   . G   A 1 50 ? -14.773 1.633   1.124   1.00 1.00 ? 50 G   A OP2   1 
ATOM   1053 O "O5'" . G   A 1 50 ? -16.918 2.966   1.640   1.00 1.00 ? 50 G   A "O5'" 1 
ATOM   1054 C "C5'" . G   A 1 50 ? -17.999 2.076   1.233   1.00 1.00 ? 50 G   A "C5'" 1 
ATOM   1055 C "C4'" . G   A 1 50 ? -18.786 2.905   0.244   1.00 1.00 ? 50 G   A "C4'" 1 
ATOM   1056 O "O4'" . G   A 1 50 ? -17.892 3.715   -0.507  1.00 1.00 ? 50 G   A "O4'" 1 
ATOM   1057 C "C3'" . G   A 1 50 ? -19.538 2.118   -0.824  1.00 1.00 ? 50 G   A "C3'" 1 
ATOM   1058 O "O3'" . G   A 1 50 ? -20.750 1.617   -0.307  1.00 1.00 ? 50 G   A "O3'" 1 
ATOM   1059 C "C2'" . G   A 1 50 ? -19.746 3.191   -1.886  1.00 1.00 ? 50 G   A "C2'" 1 
ATOM   1060 O "O2'" . G   A 1 50 ? -20.815 3.996   -1.417  1.00 1.00 ? 50 G   A "O2'" 1 
ATOM   1061 C "C1'" . G   A 1 50 ? -18.420 3.951   -1.831  1.00 1.00 ? 50 G   A "C1'" 1 
ATOM   1062 N N9    . G   A 1 50 ? -17.458 3.555   -2.866  1.00 1.00 ? 50 G   A N9    1 
ATOM   1063 C C8    . G   A 1 50 ? -16.152 3.159   -2.657  1.00 1.00 ? 50 G   A C8    1 
ATOM   1064 N N7    . G   A 1 50 ? -15.490 2.886   -3.750  1.00 1.00 ? 50 G   A N7    1 
ATOM   1065 C C5    . G   A 1 50 ? -16.430 3.134   -4.758  1.00 1.00 ? 50 G   A C5    1 
ATOM   1066 C C6    . G   A 1 50 ? -16.329 3.026   -6.166  1.00 1.00 ? 50 G   A C6    1 
ATOM   1067 O O6    . G   A 1 50 ? -15.349 2.670   -6.823  1.00 1.00 ? 50 G   A O6    1 
ATOM   1068 N N1    . G   A 1 50 ? -17.474 3.355   -6.847  1.00 1.00 ? 50 G   A N1    1 
ATOM   1069 C C2    . G   A 1 50 ? -18.605 3.761   -6.215  1.00 1.00 ? 50 G   A C2    1 
ATOM   1070 N N2    . G   A 1 50 ? -19.632 4.053   -7.027  1.00 1.00 ? 50 G   A N2    1 
ATOM   1071 N N3    . G   A 1 50 ? -18.749 3.883   -4.889  1.00 1.00 ? 50 G   A N3    1 
ATOM   1072 C C4    . G   A 1 50 ? -17.630 3.550   -4.223  1.00 1.00 ? 50 G   A C4    1 
ATOM   1073 P P     . G   A 1 51 ? -21.036 0.059   -0.119  1.00 1.00 ? 51 G   A P     1 
ATOM   1074 O OP1   . G   A 1 51 ? -22.105 -0.209  0.897   1.00 1.00 ? 51 G   A OP1   1 
ATOM   1075 O OP2   . G   A 1 51 ? -19.711 -0.430  0.294   1.00 1.00 ? 51 G   A OP2   1 
ATOM   1076 O "O5'" . G   A 1 51 ? -21.596 -0.311  -1.576  1.00 1.00 ? 51 G   A "O5'" 1 
ATOM   1077 C "C5'" . G   A 1 51 ? -22.684 0.529   -2.079  1.00 1.00 ? 51 G   A "C5'" 1 
ATOM   1078 C "C4'" . G   A 1 51 ? -22.756 0.392   -3.572  1.00 1.00 ? 51 G   A "C4'" 1 
ATOM   1079 O "O4'" . G   A 1 51 ? -21.806 1.243   -4.219  1.00 1.00 ? 51 G   A "O4'" 1 
ATOM   1080 C "C3'" . G   A 1 51 ? -22.404 -1.009  -4.109  1.00 1.00 ? 51 G   A "C3'" 1 
ATOM   1081 O "O3'" . G   A 1 51 ? -23.433 -1.956  -3.899  1.00 1.00 ? 51 G   A "O3'" 1 
ATOM   1082 C "C2'" . G   A 1 51 ? -22.098 -0.685  -5.573  1.00 1.00 ? 51 G   A "C2'" 1 
ATOM   1083 O "O2'" . G   A 1 51 ? -23.356 -0.523  -6.220  1.00 1.00 ? 51 G   A "O2'" 1 
ATOM   1084 C "C1'" . G   A 1 51 ? -21.372 0.635   -5.427  1.00 1.00 ? 51 G   A "C1'" 1 
ATOM   1085 N N9    . G   A 1 51 ? -19.928 0.344   -5.365  1.00 1.00 ? 51 G   A N9    1 
ATOM   1086 C C8    . G   A 1 51 ? -19.173 0.300   -4.216  1.00 1.00 ? 51 G   A C8    1 
ATOM   1087 N N7    . G   A 1 51 ? -17.923 0.005   -4.421  1.00 1.00 ? 51 G   A N7    1 
ATOM   1088 C C5    . G   A 1 51 ? -17.845 -0.162  -5.802  1.00 1.00 ? 51 G   A C5    1 
ATOM   1089 C C6    . G   A 1 51 ? -16.748 -0.489  -6.638  1.00 1.00 ? 51 G   A C6    1 
ATOM   1090 O O6    . G   A 1 51 ? -15.574 -0.697  -6.284  1.00 1.00 ? 51 G   A O6    1 
ATOM   1091 N N1    . G   A 1 51 ? -17.062 -0.562  -7.973  1.00 1.00 ? 51 G   A N1    1 
ATOM   1092 C C2    . G   A 1 51 ? -18.312 -0.340  -8.439  1.00 1.00 ? 51 G   A C2    1 
ATOM   1093 N N2    . G   A 1 51 ? -18.434 -0.453  -9.764  1.00 1.00 ? 51 G   A N2    1 
ATOM   1094 N N3    . G   A 1 51 ? -19.371 -0.031  -7.695  1.00 1.00 ? 51 G   A N3    1 
ATOM   1095 C C4    . G   A 1 51 ? -19.074 0.041   -6.390  1.00 1.00 ? 51 G   A C4    1 
ATOM   1096 P P     . G   A 1 52 ? -23.372 -3.488  -4.380  1.00 1.00 ? 52 G   A P     1 
ATOM   1097 O OP1   . G   A 1 52 ? -24.386 -4.333  -3.654  1.00 1.00 ? 52 G   A OP1   1 
ATOM   1098 O OP2   . G   A 1 52 ? -21.979 -3.898  -4.014  1.00 1.00 ? 52 G   A OP2   1 
ATOM   1099 O "O5'" . G   A 1 52 ? -23.676 -3.387  -5.934  1.00 1.00 ? 52 G   A "O5'" 1 
ATOM   1100 C "C5'" . G   A 1 52 ? -23.632 -4.522  -6.828  1.00 1.00 ? 52 G   A "C5'" 1 
ATOM   1101 C "C4'" . G   A 1 52 ? -23.004 -4.080  -8.130  1.00 1.00 ? 52 G   A "C4'" 1 
ATOM   1102 O "O4'" . G   A 1 52 ? -21.987 -3.107  -7.932  1.00 1.00 ? 52 G   A "O4'" 1 
ATOM   1103 C "C3'" . G   A 1 52 ? -22.253 -5.203  -8.862  1.00 1.00 ? 52 G   A "C3'" 1 
ATOM   1104 O "O3'" . G   A 1 52 ? -23.163 -6.101  -9.505  1.00 1.00 ? 52 G   A "O3'" 1 
ATOM   1105 C "C2'" . G   A 1 52 ? -21.371 -4.402  -9.830  1.00 1.00 ? 52 G   A "C2'" 1 
ATOM   1106 O "O2'" . G   A 1 52 ? -22.192 -3.988  -10.911 1.00 1.00 ? 52 G   A "O2'" 1 
ATOM   1107 C "C1'" . G   A 1 52 ? -20.977 -3.237  -8.944  1.00 1.00 ? 52 G   A "C1'" 1 
ATOM   1108 N N9    . G   A 1 52 ? -19.644 -3.480  -8.344  1.00 1.00 ? 52 G   A N9    1 
ATOM   1109 C C8    . G   A 1 52 ? -19.294 -3.340  -7.030  1.00 1.00 ? 52 G   A C8    1 
ATOM   1110 N N7    . G   A 1 52 ? -18.041 -3.626  -6.791  1.00 1.00 ? 52 G   A N7    1 
ATOM   1111 C C5    . G   A 1 52 ? -17.536 -3.985  -8.040  1.00 1.00 ? 52 G   A C5    1 
ATOM   1112 C C6    . G   A 1 52 ? -16.240 -4.407  -8.441  1.00 1.00 ? 52 G   A C6    1 
ATOM   1113 O O6    . G   A 1 52 ? -15.247 -4.546  -7.734  1.00 1.00 ? 52 G   A O6    1 
ATOM   1114 N N1    . G   A 1 52 ? -16.118 -4.673  -9.778  1.00 1.00 ? 52 G   A N1    1 
ATOM   1115 C C2    . G   A 1 52 ? -17.174 -4.549  -10.643 1.00 1.00 ? 52 G   A C2    1 
ATOM   1116 N N2    . G   A 1 52 ? -16.877 -4.853  -11.910 1.00 1.00 ? 52 G   A N2    1 
ATOM   1117 N N3    . G   A 1 52 ? -18.404 -4.164  -10.318 1.00 1.00 ? 52 G   A N3    1 
ATOM   1118 C C4    . G   A 1 52 ? -18.513 -3.899  -9.001  1.00 1.00 ? 52 G   A C4    1 
HETATM 1119 N N1    . 5MU A 1 53 ? -18.322 -8.086  -10.573 1.00 1.00 ? 53 5MU A N1    1 
HETATM 1120 C C2    . 5MU A 1 53 ? -16.951 -8.215  -10.491 1.00 1.00 ? 53 5MU A C2    1 
HETATM 1121 N N3    . 5MU A 1 53 ? -16.380 -8.139  -9.240  1.00 1.00 ? 53 5MU A N3    1 
HETATM 1122 C C4    . 5MU A 1 53 ? -17.116 -7.958  -8.113  1.00 1.00 ? 53 5MU A C4    1 
HETATM 1123 C C5    . 5MU A 1 53 ? -18.538 -7.828  -8.224  1.00 1.00 ? 53 5MU A C5    1 
HETATM 1124 C C5M   . 5MU A 1 53 ? -19.372 -7.628  -6.994  1.00 1.00 ? 53 5MU A C5M   1 
HETATM 1125 C C6    . 5MU A 1 53 ? -19.073 -7.901  -9.450  1.00 1.00 ? 53 5MU A C6    1 
HETATM 1126 O O2    . 5MU A 1 53 ? -16.256 -8.380  -11.492 1.00 1.00 ? 53 5MU A O2    1 
HETATM 1127 O O4    . 5MU A 1 53 ? -16.489 -7.905  -7.010  1.00 1.00 ? 53 5MU A O4    1 
HETATM 1128 C "C1'" . 5MU A 1 53 ? -18.950 -8.154  -11.908 1.00 1.00 ? 53 5MU A "C1'" 1 
HETATM 1129 C "C2'" . 5MU A 1 53 ? -19.283 -9.582  -12.250 1.00 1.00 ? 53 5MU A "C2'" 1 
HETATM 1130 O "O2'" . 5MU A 1 53 ? -19.360 -9.790  -13.653 1.00 1.00 ? 53 5MU A "O2'" 1 
HETATM 1131 C "C3'" . 5MU A 1 53 ? -20.721 -9.642  -11.738 1.00 1.00 ? 53 5MU A "C3'" 1 
HETATM 1132 C "C4'" . 5MU A 1 53 ? -21.245 -8.270  -12.163 1.00 1.00 ? 53 5MU A "C4'" 1 
HETATM 1133 O "O3'" . 5MU A 1 53 ? -21.456 -10.752 -12.292 1.00 1.00 ? 53 5MU A "O3'" 1 
HETATM 1134 O "O4'" . 5MU A 1 53 ? -20.158 -7.407  -11.876 1.00 1.00 ? 53 5MU A "O4'" 1 
HETATM 1135 C "C5'" . 5MU A 1 53 ? -22.484 -7.831  -11.415 1.00 1.00 ? 53 5MU A "C5'" 1 
HETATM 1136 O "O5'" . 5MU A 1 53 ? -22.297 -8.358  -10.051 1.00 1.00 ? 53 5MU A "O5'" 1 
HETATM 1137 P P     . 5MU A 1 53 ? -23.171 -7.617  -8.936  1.00 1.00 ? 53 5MU A P     1 
HETATM 1138 O OP1   . 5MU A 1 53 ? -24.595 -8.116  -8.928  1.00 1.00 ? 53 5MU A OP1   1 
HETATM 1139 O OP2   . 5MU A 1 53 ? -22.580 -7.474  -7.588  1.00 1.00 ? 53 5MU A OP2   1 
HETATM 1140 N N1    . PSU A 1 54 ? -18.643 -11.150 -7.455  1.00 1.00 ? 54 PSU A N1    1 
HETATM 1141 C C2    . PSU A 1 54 ? -17.758 -10.994 -6.437  1.00 1.00 ? 54 PSU A C2    1 
HETATM 1142 N N3    . PSU A 1 54 ? -16.538 -11.564 -6.662  1.00 1.00 ? 54 PSU A N3    1 
HETATM 1143 C C4    . PSU A 1 54 ? -16.149 -12.254 -7.798  1.00 1.00 ? 54 PSU A C4    1 
HETATM 1144 C C5    . PSU A 1 54 ? -17.154 -12.366 -8.832  1.00 1.00 ? 54 PSU A C5    1 
HETATM 1145 C C6    . PSU A 1 54 ? -18.353 -11.811 -8.608  1.00 1.00 ? 54 PSU A C6    1 
HETATM 1146 O O2    . PSU A 1 54 ? -18.041 -10.388 -5.398  1.00 1.00 ? 54 PSU A O2    1 
HETATM 1147 O O4    . PSU A 1 54 ? -15.024 -12.734 -7.915  1.00 1.00 ? 54 PSU A O4    1 
HETATM 1148 C "C1'" . PSU A 1 54 ? -16.841 -13.099 -10.097 1.00 1.00 ? 54 PSU A "C1'" 1 
HETATM 1149 C "C2'" . PSU A 1 54 ? -17.276 -14.559 -10.043 1.00 1.00 ? 54 PSU A "C2'" 1 
HETATM 1150 O "O2'" . PSU A 1 54 ? -16.448 -15.382 -10.842 1.00 1.00 ? 54 PSU A "O2'" 1 
HETATM 1151 C "C3'" . PSU A 1 54 ? -18.643 -14.455 -10.726 1.00 1.00 ? 54 PSU A "C3'" 1 
HETATM 1152 C "C4'" . PSU A 1 54 ? -18.358 -13.445 -11.836 1.00 1.00 ? 54 PSU A "C4'" 1 
HETATM 1153 O "O3'" . PSU A 1 54 ? -19.106 -15.725 -11.189 1.00 1.00 ? 54 PSU A "O3'" 1 
HETATM 1154 O "O4'" . PSU A 1 54 ? -17.530 -12.487 -11.190 1.00 1.00 ? 54 PSU A "O4'" 1 
HETATM 1155 C "C5'" . PSU A 1 54 ? -19.602 -12.789 -12.408 1.00 1.00 ? 54 PSU A "C5'" 1 
HETATM 1156 O "O5'" . PSU A 1 54 ? -20.645 -12.997 -11.424 1.00 1.00 ? 54 PSU A "O5'" 1 
HETATM 1157 P P     . PSU A 1 54 ? -21.786 -11.908 -11.211 1.00 1.00 ? 54 PSU A P     1 
HETATM 1158 O OP1   . PSU A 1 54 ? -23.145 -12.486 -11.444 1.00 1.00 ? 54 PSU A OP1   1 
HETATM 1159 O OP2   . PSU A 1 54 ? -21.713 -11.155 -9.927  1.00 1.00 ? 54 PSU A OP2   1 
ATOM   1160 P P     . C   A 1 55 ? -20.134 -16.443 -10.174 1.00 1.00 ? 55 C   A P     1 
ATOM   1161 O OP1   . C   A 1 55 ? -21.027 -17.415 -10.884 1.00 1.00 ? 55 C   A OP1   1 
ATOM   1162 O OP2   . C   A 1 55 ? -20.906 -15.269 -9.661  1.00 1.00 ? 55 C   A OP2   1 
ATOM   1163 O "O5'" . C   A 1 55 ? -19.205 -17.146 -9.076  1.00 1.00 ? 55 C   A "O5'" 1 
ATOM   1164 C "C5'" . C   A 1 55 ? -19.937 -17.729 -7.977  1.00 1.00 ? 55 C   A "C5'" 1 
ATOM   1165 C "C4'" . C   A 1 55 ? -19.024 -18.315 -6.946  1.00 1.00 ? 55 C   A "C4'" 1 
ATOM   1166 O "O4'" . C   A 1 55 ? -18.401 -19.508 -7.440  1.00 1.00 ? 55 C   A "O4'" 1 
ATOM   1167 C "C3'" . C   A 1 55 ? -17.820 -17.456 -6.529  1.00 1.00 ? 55 C   A "C3'" 1 
ATOM   1168 O "O3'" . C   A 1 55 ? -18.164 -16.402 -5.635  1.00 1.00 ? 55 C   A "O3'" 1 
ATOM   1169 C "C2'" . C   A 1 55 ? -16.911 -18.519 -5.895  1.00 1.00 ? 55 C   A "C2'" 1 
ATOM   1170 O "O2'" . C   A 1 55 ? -17.409 -18.783 -4.597  1.00 1.00 ? 55 C   A "O2'" 1 
ATOM   1171 C "C1'" . C   A 1 55 ? -17.127 -19.695 -6.842  1.00 1.00 ? 55 C   A "C1'" 1 
ATOM   1172 N N1    . C   A 1 55 ? -15.984 -19.659 -7.770  1.00 1.00 ? 55 C   A N1    1 
ATOM   1173 C C2    . C   A 1 55 ? -14.731 -19.842 -7.197  1.00 1.00 ? 55 C   A C2    1 
ATOM   1174 O O2    . C   A 1 55 ? -14.614 -20.035 -5.990  1.00 1.00 ? 55 C   A O2    1 
ATOM   1175 N N3    . C   A 1 55 ? -13.646 -19.800 -8.028  1.00 1.00 ? 55 C   A N3    1 
ATOM   1176 C C4    . C   A 1 55 ? -13.777 -19.588 -9.369  1.00 1.00 ? 55 C   A C4    1 
ATOM   1177 N N4    . C   A 1 55 ? -12.669 -19.562 -10.113 1.00 1.00 ? 55 C   A N4    1 
ATOM   1178 C C5    . C   A 1 55 ? -15.064 -19.404 -9.942  1.00 1.00 ? 55 C   A C5    1 
ATOM   1179 C C6    . C   A 1 55 ? -16.116 -19.441 -9.109  1.00 1.00 ? 55 C   A C6    1 
ATOM   1180 P P     . A   A 1 56 ? -18.057 -14.829 -5.967  1.00 1.00 ? 56 A   A P     1 
ATOM   1181 O OP1   . A   A 1 56 ? -19.206 -14.093 -5.369  1.00 1.00 ? 56 A   A OP1   1 
ATOM   1182 O OP2   . A   A 1 56 ? -18.070 -14.750 -7.443  1.00 1.00 ? 56 A   A OP2   1 
ATOM   1183 O "O5'" . A   A 1 56 ? -16.668 -14.439 -5.284  1.00 1.00 ? 56 A   A "O5'" 1 
ATOM   1184 C "C5'" . A   A 1 56 ? -16.214 -15.337 -4.213  1.00 1.00 ? 56 A   A "C5'" 1 
ATOM   1185 C "C4'" . A   A 1 56 ? -14.700 -15.383 -4.282  1.00 1.00 ? 56 A   A "C4'" 1 
ATOM   1186 O "O4'" . A   A 1 56 ? -14.287 -16.380 -5.192  1.00 1.00 ? 56 A   A "O4'" 1 
ATOM   1187 C "C3'" . A   A 1 56 ? -14.057 -14.090 -4.828  1.00 1.00 ? 56 A   A "C3'" 1 
ATOM   1188 O "O3'" . A   A 1 56 ? -14.004 -13.095 -3.848  1.00 1.00 ? 56 A   A "O3'" 1 
ATOM   1189 C "C2'" . A   A 1 56 ? -12.684 -14.633 -5.264  1.00 1.00 ? 56 A   A "C2'" 1 
ATOM   1190 O "O2'" . A   A 1 56 ? -11.913 -14.724 -4.069  1.00 1.00 ? 56 A   A "O2'" 1 
ATOM   1191 C "C1'" . A   A 1 56 ? -13.059 -15.985 -5.825  1.00 1.00 ? 56 A   A "C1'" 1 
ATOM   1192 N N9    . A   A 1 56 ? -13.248 -15.973 -7.280  1.00 1.00 ? 56 A   A N9    1 
ATOM   1193 C C8    . A   A 1 56 ? -14.428 -16.064 -7.960  1.00 1.00 ? 56 A   A C8    1 
ATOM   1194 N N7    . A   A 1 56 ? -14.302 -16.030 -9.270  1.00 1.00 ? 56 A   A N7    1 
ATOM   1195 C C5    . A   A 1 56 ? -12.925 -15.918 -9.450  1.00 1.00 ? 56 A   A C5    1 
ATOM   1196 C C6    . A   A 1 56 ? -12.134 -15.837 -10.626 1.00 1.00 ? 56 A   A C6    1 
ATOM   1197 N N6    . A   A 1 56 ? -12.620 -15.857 -11.861 1.00 1.00 ? 56 A   A N6    1 
ATOM   1198 N N1    . A   A 1 56 ? -10.791 -15.731 -10.414 1.00 1.00 ? 56 A   A N1    1 
ATOM   1199 C C2    . A   A 1 56 ? -10.265 -15.711 -9.159  1.00 1.00 ? 56 A   A C2    1 
ATOM   1200 N N3    . A   A 1 56 ? -10.948 -15.782 -8.021  1.00 1.00 ? 56 A   A N3    1 
ATOM   1201 C C4    . A   A 1 56 ? -12.272 -15.883 -8.237  1.00 1.00 ? 56 A   A C4    1 
ATOM   1202 P P     . A   A 1 57 ? -13.696 -11.532 -3.863  1.00 1.00 ? 57 A   A P     1 
ATOM   1203 O OP1   . A   A 1 57 ? -13.230 -11.079 -2.510  1.00 1.00 ? 57 A   A OP1   1 
ATOM   1204 O OP2   . A   A 1 57 ? -15.017 -10.924 -4.198  1.00 1.00 ? 57 A   A OP2   1 
ATOM   1205 O "O5'" . A   A 1 57 ? -12.543 -11.331 -4.946  1.00 1.00 ? 57 A   A "O5'" 1 
ATOM   1206 C "C5'" . A   A 1 57 ? -11.209 -11.845 -4.690  1.00 1.00 ? 57 A   A "C5'" 1 
ATOM   1207 C "C4'" . A   A 1 57 ? -10.250 -10.711 -5.044  1.00 1.00 ? 57 A   A "C4'" 1 
ATOM   1208 O "O4'" . A   A 1 57 ? -10.441 -10.395 -6.401  1.00 1.00 ? 57 A   A "O4'" 1 
ATOM   1209 C "C3'" . A   A 1 57 ? -10.504 -9.424  -4.250  1.00 1.00 ? 57 A   A "C3'" 1 
ATOM   1210 O "O3'" . A   A 1 57 ? -9.297  -8.670  -4.049  1.00 1.00 ? 57 A   A "O3'" 1 
ATOM   1211 C "C2'" . A   A 1 57 ? -11.435 -8.669  -5.209  1.00 1.00 ? 57 A   A "C2'" 1 
ATOM   1212 O "O2'" . A   A 1 57 ? -11.465 -7.323  -4.823  1.00 1.00 ? 57 A   A "O2'" 1 
ATOM   1213 C "C1'" . A   A 1 57 ? -10.805 -8.996  -6.536  1.00 1.00 ? 57 A   A "C1'" 1 
ATOM   1214 N N9    . A   A 1 57 ? -11.712 -8.815  -7.672  1.00 1.00 ? 57 A   A N9    1 
ATOM   1215 C C8    . A   A 1 57 ? -13.074 -8.588  -7.647  1.00 1.00 ? 57 A   A C8    1 
ATOM   1216 N N7    . A   A 1 57 ? -13.614 -8.471  -8.826  1.00 1.00 ? 57 A   A N7    1 
ATOM   1217 C C5    . A   A 1 57 ? -12.540 -8.635  -9.699  1.00 1.00 ? 57 A   A C5    1 
ATOM   1218 C C6    . A   A 1 57 ? -12.490 -8.623  -11.115 1.00 1.00 ? 57 A   A C6    1 
ATOM   1219 N N6    . A   A 1 57 ? -13.533 -8.427  -11.899 1.00 1.00 ? 57 A   A N6    1 
ATOM   1220 N N1    . A   A 1 57 ? -11.245 -8.828  -11.636 1.00 1.00 ? 57 A   A N1    1 
ATOM   1221 C C2    . A   A 1 57 ? -10.151 -9.028  -10.847 1.00 1.00 ? 57 A   A C2    1 
ATOM   1222 N N3    . A   A 1 57 ? -10.135 -9.052  -9.512  1.00 1.00 ? 57 A   A N3    1 
ATOM   1223 C C4    . A   A 1 57 ? -11.370 -8.852  -9.005  1.00 1.00 ? 57 A   A C4    1 
ATOM   1224 P P     . U   A 1 58 ? -8.873  -7.870  -2.720  1.00 1.00 ? 58 U   A P     1 
ATOM   1225 O OP1   . U   A 1 58 ? -8.231  -8.799  -1.726  1.00 1.00 ? 58 U   A OP1   1 
ATOM   1226 O OP2   . U   A 1 58 ? -10.153 -7.276  -2.221  1.00 1.00 ? 58 U   A OP2   1 
ATOM   1227 O "O5'" . U   A 1 58 ? -7.789  -6.798  -3.211  1.00 1.00 ? 58 U   A "O5'" 1 
ATOM   1228 C "C5'" . U   A 1 58 ? -8.297  -5.431  -3.268  1.00 1.00 ? 58 U   A "C5'" 1 
ATOM   1229 C "C4'" . U   A 1 58 ? -7.183  -4.563  -3.782  1.00 1.00 ? 58 U   A "C4'" 1 
ATOM   1230 O "O4'" . U   A 1 58 ? -5.931  -5.076  -3.325  1.00 1.00 ? 58 U   A "O4'" 1 
ATOM   1231 C "C3'" . U   A 1 58 ? -7.021  -4.547  -5.302  1.00 1.00 ? 58 U   A "C3'" 1 
ATOM   1232 O "O3'" . U   A 1 58 ? -7.979  -3.715  -5.933  1.00 1.00 ? 58 U   A "O3'" 1 
ATOM   1233 C "C2'" . U   A 1 58 ? -5.572  -4.051  -5.443  1.00 1.00 ? 58 U   A "C2'" 1 
ATOM   1234 O "O2'" . U   A 1 58 ? -5.558  -2.643  -5.238  1.00 1.00 ? 58 U   A "O2'" 1 
ATOM   1235 C "C1'" . U   A 1 58 ? -4.913  -4.791  -4.290  1.00 1.00 ? 58 U   A "C1'" 1 
ATOM   1236 N N1    . U   A 1 58 ? -4.258  -6.036  -4.734  1.00 1.00 ? 58 U   A N1    1 
ATOM   1237 C C2    . U   A 1 58 ? -3.340  -5.942  -5.771  1.00 1.00 ? 58 U   A C2    1 
ATOM   1238 O O2    . U   A 1 58 ? -3.089  -4.861  -6.301  1.00 1.00 ? 58 U   A O2    1 
ATOM   1239 N N3    . U   A 1 58 ? -2.716  -7.083  -6.188  1.00 1.00 ? 58 U   A N3    1 
ATOM   1240 C C4    . U   A 1 58 ? -2.977  -8.292  -5.605  1.00 1.00 ? 58 U   A C4    1 
ATOM   1241 O O4    . U   A 1 58 ? -2.348  -9.290  -6.074  1.00 1.00 ? 58 U   A O4    1 
ATOM   1242 C C5    . U   A 1 58 ? -3.925  -8.380  -4.545  1.00 1.00 ? 58 U   A C5    1 
ATOM   1243 C C6    . U   A 1 58 ? -4.533  -7.242  -4.155  1.00 1.00 ? 58 U   A C6    1 
ATOM   1244 P P     . U   A 1 59 ? -9.217  -4.395  -6.736  1.00 1.00 ? 59 U   A P     1 
ATOM   1245 O OP1   . U   A 1 59 ? -10.264 -3.380  -7.057  1.00 1.00 ? 59 U   A OP1   1 
ATOM   1246 O OP2   . U   A 1 59 ? -9.703  -5.448  -5.837  1.00 1.00 ? 59 U   A OP2   1 
ATOM   1247 O "O5'" . U   A 1 59 ? -8.471  -4.891  -8.061  1.00 1.00 ? 59 U   A "O5'" 1 
ATOM   1248 C "C5'" . U   A 1 59 ? -7.783  -3.825  -8.771  1.00 1.00 ? 59 U   A "C5'" 1 
ATOM   1249 C "C4'" . U   A 1 59 ? -6.697  -4.455  -9.621  1.00 1.00 ? 59 U   A "C4'" 1 
ATOM   1250 O "O4'" . U   A 1 59 ? -5.889  -5.328  -8.867  1.00 1.00 ? 59 U   A "O4'" 1 
ATOM   1251 C "C3'" . U   A 1 59 ? -7.276  -5.328  -10.782 1.00 1.00 ? 59 U   A "C3'" 1 
ATOM   1252 O "O3'" . U   A 1 59 ? -6.427  -5.129  -11.942 1.00 1.00 ? 59 U   A "O3'" 1 
ATOM   1253 C "C2'" . U   A 1 59 ? -7.205  -6.719  -10.175 1.00 1.00 ? 59 U   A "C2'" 1 
ATOM   1254 O "O2'" . U   A 1 59 ? -7.234  -7.687  -11.172 1.00 1.00 ? 59 U   A "O2'" 1 
ATOM   1255 C "C1'" . U   A 1 59 ? -5.885  -6.656  -9.427  1.00 1.00 ? 59 U   A "C1'" 1 
ATOM   1256 N N1    . U   A 1 59 ? -5.824  -7.712  -8.418  1.00 1.00 ? 59 U   A N1    1 
ATOM   1257 C C2    . U   A 1 59 ? -4.894  -8.724  -8.618  1.00 1.00 ? 59 U   A C2    1 
ATOM   1258 O O2    . U   A 1 59 ? -4.164  -8.704  -9.612  1.00 1.00 ? 59 U   A O2    1 
ATOM   1259 N N3    . U   A 1 59 ? -4.810  -9.725  -7.695  1.00 1.00 ? 59 U   A N3    1 
ATOM   1260 C C4    . U   A 1 59 ? -5.615  -9.768  -6.593  1.00 1.00 ? 59 U   A C4    1 
ATOM   1261 O O4    . U   A 1 59 ? -5.459  -10.744 -5.802  1.00 1.00 ? 59 U   A O4    1 
ATOM   1262 C C5    . U   A 1 59 ? -6.566  -8.722  -6.396  1.00 1.00 ? 59 U   A C5    1 
ATOM   1263 C C6    . U   A 1 59 ? -6.632  -7.749  -7.314  1.00 1.00 ? 59 U   A C6    1 
ATOM   1264 P P     . C   A 1 60 ? -6.917  -3.768  -12.691 1.00 1.00 ? 60 C   A P     1 
ATOM   1265 O OP1   . C   A 1 60 ? -5.986  -3.372  -13.776 1.00 1.00 ? 60 C   A OP1   1 
ATOM   1266 O OP2   . C   A 1 60 ? -7.043  -2.800  -11.575 1.00 1.00 ? 60 C   A OP2   1 
ATOM   1267 O "O5'" . C   A 1 60 ? -8.321  -4.238  -13.295 1.00 1.00 ? 60 C   A "O5'" 1 
ATOM   1268 C "C5'" . C   A 1 60 ? -8.347  -4.894  -14.598 1.00 1.00 ? 60 C   A "C5'" 1 
ATOM   1269 C "C4'" . C   A 1 60 ? -9.804  -5.067  -14.958 1.00 1.00 ? 60 C   A "C4'" 1 
ATOM   1270 O "O4'" . C   A 1 60 ? -10.392 -6.080  -14.165 1.00 1.00 ? 60 C   A "O4'" 1 
ATOM   1271 C "C3'" . C   A 1 60 ? -10.667 -3.833  -14.665 1.00 1.00 ? 60 C   A "C3'" 1 
ATOM   1272 O "O3'" . C   A 1 60 ? -10.490 -2.838  -15.646 1.00 1.00 ? 60 C   A "O3'" 1 
ATOM   1273 C "C2'" . C   A 1 60 ? -12.061 -4.476  -14.636 1.00 1.00 ? 60 C   A "C2'" 1 
ATOM   1274 O "O2'" . C   A 1 60 ? -12.417 -4.688  -15.980 1.00 1.00 ? 60 C   A "O2'" 1 
ATOM   1275 C "C1'" . C   A 1 60 ? -11.761 -5.776  -13.938 1.00 1.00 ? 60 C   A "C1'" 1 
ATOM   1276 N N1    . C   A 1 60 ? -11.962 -5.625  -12.491 1.00 1.00 ? 60 C   A N1    1 
ATOM   1277 C C2    . C   A 1 60 ? -13.240 -5.365  -12.046 1.00 1.00 ? 60 C   A C2    1 
ATOM   1278 O O2    . C   A 1 60 ? -14.153 -5.265  -12.847 1.00 1.00 ? 60 C   A O2    1 
ATOM   1279 N N3    . C   A 1 60 ? -13.420 -5.224  -10.691 1.00 1.00 ? 60 C   A N3    1 
ATOM   1280 C C4    . C   A 1 60 ? -12.374 -5.335  -9.815  1.00 1.00 ? 60 C   A C4    1 
ATOM   1281 N N4    . C   A 1 60 ? -12.580 -5.190  -8.507  1.00 1.00 ? 60 C   A N4    1 
ATOM   1282 C C5    . C   A 1 60 ? -11.070 -5.605  -10.300 1.00 1.00 ? 60 C   A C5    1 
ATOM   1283 C C6    . C   A 1 60 ? -10.912 -5.739  -11.620 1.00 1.00 ? 60 C   A C6    1 
ATOM   1284 P P     . C   A 1 61 ? -11.056 -1.356  -15.576 1.00 1.00 ? 61 C   A P     1 
ATOM   1285 O OP1   . C   A 1 61 ? -10.769 -0.585  -16.834 1.00 1.00 ? 61 C   A OP1   1 
ATOM   1286 O OP2   . C   A 1 61 ? -10.367 -0.729  -14.415 1.00 1.00 ? 61 C   A OP2   1 
ATOM   1287 O "O5'" . C   A 1 61 ? -12.613 -1.577  -15.328 1.00 1.00 ? 61 C   A "O5'" 1 
ATOM   1288 C "C5'" . C   A 1 61 ? -13.534 -1.359  -16.420 1.00 1.00 ? 61 C   A "C5'" 1 
ATOM   1289 C "C4'" . C   A 1 61 ? -14.905 -1.786  -15.950 1.00 1.00 ? 61 C   A "C4'" 1 
ATOM   1290 O "O4'" . C   A 1 61 ? -14.843 -2.793  -14.955 1.00 1.00 ? 61 C   A "O4'" 1 
ATOM   1291 C "C3'" . C   A 1 61 ? -15.702 -0.667  -15.257 1.00 1.00 ? 61 C   A "C3'" 1 
ATOM   1292 O "O3'" . C   A 1 61 ? -16.216 0.296   -16.183 1.00 1.00 ? 61 C   A "O3'" 1 
ATOM   1293 C "C2'" . C   A 1 61 ? -16.759 -1.486  -14.524 1.00 1.00 ? 61 C   A "C2'" 1 
ATOM   1294 O "O2'" . C   A 1 61 ? -17.705 -1.914  -15.481 1.00 1.00 ? 61 C   A "O2'" 1 
ATOM   1295 C "C1'" . C   A 1 61 ? -15.912 -2.667  -14.052 1.00 1.00 ? 61 C   A "C1'" 1 
ATOM   1296 N N1    . C   A 1 61 ? -15.485 -2.328  -12.686 1.00 1.00 ? 61 C   A N1    1 
ATOM   1297 C C2    . C   A 1 61 ? -16.471 -1.950  -11.787 1.00 1.00 ? 61 C   A C2    1 
ATOM   1298 O O2    . C   A 1 61 ? -17.655 -1.914  -12.133 1.00 1.00 ? 61 C   A O2    1 
ATOM   1299 N N3    . C   A 1 61 ? -16.092 -1.616  -10.519 1.00 1.00 ? 61 C   A N3    1 
ATOM   1300 C C4    . C   A 1 61 ? -14.786 -1.653  -10.140 1.00 1.00 ? 61 C   A C4    1 
ATOM   1301 N N4    . C   A 1 61 ? -14.470 -1.318  -8.885  1.00 1.00 ? 61 C   A N4    1 
ATOM   1302 C C5    . C   A 1 61 ? -13.781 -2.041  -11.071 1.00 1.00 ? 61 C   A C5    1 
ATOM   1303 C C6    . C   A 1 61 ? -14.177 -2.362  -12.314 1.00 1.00 ? 61 C   A C6    1 
ATOM   1304 P P     . C   A 1 62 ? -15.495 1.758   -16.128 1.00 1.00 ? 62 C   A P     1 
ATOM   1305 O OP1   . C   A 1 62 ? -15.482 2.443   -17.461 1.00 1.00 ? 62 C   A OP1   1 
ATOM   1306 O OP2   . C   A 1 62 ? -14.111 1.413   -15.736 1.00 1.00 ? 62 C   A OP2   1 
ATOM   1307 O "O5'" . C   A 1 62 ? -16.434 2.516   -15.087 1.00 1.00 ? 62 C   A "O5'" 1 
ATOM   1308 C "C5'" . C   A 1 62 ? -17.767 2.943   -15.499 1.00 1.00 ? 62 C   A "C5'" 1 
ATOM   1309 C "C4'" . C   A 1 62 ? -18.662 3.079   -14.295 1.00 1.00 ? 62 C   A "C4'" 1 
ATOM   1310 O "O4'" . C   A 1 62 ? -18.425 1.997   -13.400 1.00 1.00 ? 62 C   A "O4'" 1 
ATOM   1311 C "C3'" . C   A 1 62 ? -18.436 4.316   -13.443 1.00 1.00 ? 62 C   A "C3'" 1 
ATOM   1312 O "O3'" . C   A 1 62 ? -19.026 5.494   -13.966 1.00 1.00 ? 62 C   A "O3'" 1 
ATOM   1313 C "C2'" . C   A 1 62 ? -19.059 3.897   -12.097 1.00 1.00 ? 62 C   A "C2'" 1 
ATOM   1314 O "O2'" . C   A 1 62 ? -20.465 4.062   -12.249 1.00 1.00 ? 62 C   A "O2'" 1 
ATOM   1315 C "C1'" . C   A 1 62 ? -18.636 2.439   -12.050 1.00 1.00 ? 62 C   A "C1'" 1 
ATOM   1316 N N1    . C   A 1 62 ? -17.384 2.263   -11.297 1.00 1.00 ? 62 C   A N1    1 
ATOM   1317 C C2    . C   A 1 62 ? -17.373 2.553   -9.954  1.00 1.00 ? 62 C   A C2    1 
ATOM   1318 O O2    . C   A 1 62 ? -18.401 2.943   -9.405  1.00 1.00 ? 62 C   A O2    1 
ATOM   1319 N N3    . C   A 1 62 ? -16.201 2.388   -9.278  1.00 1.00 ? 62 C   A N3    1 
ATOM   1320 C C4    . C   A 1 62 ? -15.062 1.956   -9.884  1.00 1.00 ? 62 C   A C4    1 
ATOM   1321 N N4    . C   A 1 62 ? -13.940 1.807   -9.188  1.00 1.00 ? 62 C   A N4    1 
ATOM   1322 C C5    . C   A 1 62 ? -15.093 1.658   -11.281 1.00 1.00 ? 62 C   A C5    1 
ATOM   1323 C C6    . C   A 1 62 ? -16.248 1.824   -11.925 1.00 1.00 ? 62 C   A C6    1 
ATOM   1324 P P     . C   A 1 63 ? -18.137 6.831   -13.986 1.00 1.00 ? 63 C   A P     1 
ATOM   1325 O OP1   . C   A 1 63 ? -18.114 7.572   -15.290 1.00 1.00 ? 63 C   A OP1   1 
ATOM   1326 O OP2   . C   A 1 63 ? -16.773 6.280   -13.711 1.00 1.00 ? 63 C   A OP2   1 
ATOM   1327 O "O5'" . C   A 1 63 ? -18.752 7.714   -12.816 1.00 1.00 ? 63 C   A "O5'" 1 
ATOM   1328 C "C5'" . C   A 1 63 ? -20.134 7.586   -12.382 1.00 1.00 ? 63 C   A "C5'" 1 
ATOM   1329 C "C4'" . C   A 1 63 ? -20.072 7.979   -10.916 1.00 1.00 ? 63 C   A "C4'" 1 
ATOM   1330 O "O4'" . C   A 1 63 ? -19.726 6.838   -10.132 1.00 1.00 ? 63 C   A "O4'" 1 
ATOM   1331 C "C3'" . C   A 1 63 ? -18.985 8.990   -10.579 1.00 1.00 ? 63 C   A "C3'" 1 
ATOM   1332 O "O3'" . C   A 1 63 ? -19.287 10.353  -10.901 1.00 1.00 ? 63 C   A "O3'" 1 
ATOM   1333 C "C2'" . C   A 1 63 ? -18.835 8.771   -9.060  1.00 1.00 ? 63 C   A "C2'" 1 
ATOM   1334 O "O2'" . C   A 1 63 ? -19.884 9.452   -8.409  1.00 1.00 ? 63 C   A "O2'" 1 
ATOM   1335 C "C1'" . C   A 1 63 ? -18.979 7.259   -9.012  1.00 1.00 ? 63 C   A "C1'" 1 
ATOM   1336 N N1    . C   A 1 63 ? -17.607 6.726   -9.028  1.00 1.00 ? 63 C   A N1    1 
ATOM   1337 C C2    . C   A 1 63 ? -16.928 6.695   -7.811  1.00 1.00 ? 63 C   A C2    1 
ATOM   1338 O O2    . C   A 1 63 ? -17.510 7.098   -6.802  1.00 1.00 ? 63 C   A O2    1 
ATOM   1339 N N3    . C   A 1 63 ? -15.656 6.214   -7.789  1.00 1.00 ? 63 C   A N3    1 
ATOM   1340 C C4    . C   A 1 63 ? -15.048 5.773   -8.924  1.00 1.00 ? 63 C   A C4    1 
ATOM   1341 N N4    . C   A 1 63 ? -13.793 5.313   -8.848  1.00 1.00 ? 63 C   A N4    1 
ATOM   1342 C C5    . C   A 1 63 ? -15.735 5.817   -10.160 1.00 1.00 ? 63 C   A C5    1 
ATOM   1343 C C6    . C   A 1 63 ? -16.985 6.295   -10.157 1.00 1.00 ? 63 C   A C6    1 
ATOM   1344 P P     . G   A 1 64 ? -17.966 11.306  -10.712 1.00 1.00 ? 64 G   A P     1 
ATOM   1345 O OP1   . G   A 1 64 ? -18.212 12.698  -11.168 1.00 1.00 ? 64 G   A OP1   1 
ATOM   1346 O OP2   . G   A 1 64 ? -16.936 10.615  -11.537 1.00 1.00 ? 64 G   A OP2   1 
ATOM   1347 O "O5'" . G   A 1 64 ? -17.727 11.198  -9.135  1.00 1.00 ? 64 G   A "O5'" 1 
ATOM   1348 C "C5'" . G   A 1 64 ? -18.441 12.032  -8.203  1.00 1.00 ? 64 G   A "C5'" 1 
ATOM   1349 C "C4'" . G   A 1 64 ? -17.651 12.113  -6.911  1.00 1.00 ? 64 G   A "C4'" 1 
ATOM   1350 O "O4'" . G   A 1 64 ? -17.345 10.790  -6.487  1.00 1.00 ? 64 G   A "O4'" 1 
ATOM   1351 C "C3'" . G   A 1 64 ? -16.278 12.777  -6.999  1.00 1.00 ? 64 G   A "C3'" 1 
ATOM   1352 O "O3'" . G   A 1 64 ? -16.314 14.199  -6.981  1.00 1.00 ? 64 G   A "O3'" 1 
ATOM   1353 C "C2'" . G   A 1 64 ? -15.598 12.204  -5.748  1.00 1.00 ? 64 G   A "C2'" 1 
ATOM   1354 O "O2'" . G   A 1 64 ? -16.100 12.938  -4.640  1.00 1.00 ? 64 G   A "O2'" 1 
ATOM   1355 C "C1'" . G   A 1 64 ? -16.103 10.780  -5.764  1.00 1.00 ? 64 G   A "C1'" 1 
ATOM   1356 N N9    . G   A 1 64 ? -15.164 9.857   -6.426  1.00 1.00 ? 64 G   A N9    1 
ATOM   1357 C C8    . G   A 1 64 ? -15.176 9.497   -7.749  1.00 1.00 ? 64 G   A C8    1 
ATOM   1358 N N7    . G   A 1 64 ? -14.232 8.659   -8.085  1.00 1.00 ? 64 G   A N7    1 
ATOM   1359 C C5    . G   A 1 64 ? -13.560 8.441   -6.894  1.00 1.00 ? 64 G   A C5    1 
ATOM   1360 C C6    . G   A 1 64 ? -12.427 7.627   -6.597  1.00 1.00 ? 64 G   A C6    1 
ATOM   1361 O O6    . G   A 1 64 ? -11.800 6.901   -7.380  1.00 1.00 ? 64 G   A O6    1 
ATOM   1362 N N1    . G   A 1 64 ? -12.038 7.674   -5.292  1.00 1.00 ? 64 G   A N1    1 
ATOM   1363 C C2    . G   A 1 64 ? -12.667 8.443   -4.368  1.00 1.00 ? 64 G   A C2    1 
ATOM   1364 N N2    . G   A 1 64 ? -12.151 8.378   -3.131  1.00 1.00 ? 64 G   A N2    1 
ATOM   1365 N N3    . G   A 1 64 ? -13.730 9.222   -4.594  1.00 1.00 ? 64 G   A N3    1 
ATOM   1366 C C4    . G   A 1 64 ? -14.114 9.172   -5.875  1.00 1.00 ? 64 G   A C4    1 
ATOM   1367 P P     . U   A 1 65 ? -15.000 15.120  -6.833  1.00 1.00 ? 65 U   A P     1 
ATOM   1368 O OP1   . U   A 1 65 ? -15.338 16.582  -6.728  1.00 1.00 ? 65 U   A OP1   1 
ATOM   1369 O OP2   . U   A 1 65 ? -14.307 14.867  -8.135  1.00 1.00 ? 65 U   A OP2   1 
ATOM   1370 O "O5'" . U   A 1 65 ? -14.283 14.563  -5.531  1.00 1.00 ? 65 U   A "O5'" 1 
ATOM   1371 C "C5'" . U   A 1 65 ? -14.519 15.018  -4.168  1.00 1.00 ? 65 U   A "C5'" 1 
ATOM   1372 C "C4'" . U   A 1 65 ? -13.156 14.838  -3.517  1.00 1.00 ? 65 U   A "C4'" 1 
ATOM   1373 O "O4'" . U   A 1 65 ? -12.826 13.466  -3.513  1.00 1.00 ? 65 U   A "O4'" 1 
ATOM   1374 C "C3'" . U   A 1 65 ? -12.021 15.483  -4.306  1.00 1.00 ? 65 U   A "C3'" 1 
ATOM   1375 O "O3'" . U   A 1 65 ? -11.851 16.886  -4.096  1.00 1.00 ? 65 U   A "O3'" 1 
ATOM   1376 C "C2'" . U   A 1 65 ? -10.819 14.688  -3.773  1.00 1.00 ? 65 U   A "C2'" 1 
ATOM   1377 O "O2'" . U   A 1 65 ? -10.580 15.219  -2.469  1.00 1.00 ? 65 U   A "O2'" 1 
ATOM   1378 C "C1'" . U   A 1 65 ? -11.377 13.317  -3.680  1.00 1.00 ? 65 U   A "C1'" 1 
ATOM   1379 N N1    . U   A 1 65 ? -11.231 12.429  -4.856  1.00 1.00 ? 65 U   A N1    1 
ATOM   1380 C C2    . U   A 1 65 ? -10.193 11.504  -4.784  1.00 1.00 ? 65 U   A C2    1 
ATOM   1381 O O2    . U   A 1 65 ? -9.452  11.456  -3.820  1.00 1.00 ? 65 U   A O2    1 
ATOM   1382 N N3    . U   A 1 65 ? -10.032 10.652  -5.840  1.00 1.00 ? 65 U   A N3    1 
ATOM   1383 C C4    . U   A 1 65 ? -10.852 10.680  -6.935  1.00 1.00 ? 65 U   A C4    1 
ATOM   1384 O O4    . U   A 1 65 ? -10.615 9.846   -7.857  1.00 1.00 ? 65 U   A O4    1 
ATOM   1385 C C5    . U   A 1 65 ? -11.909 11.633  -6.980  1.00 1.00 ? 65 U   A C5    1 
ATOM   1386 C C6    . U   A 1 65 ? -12.057 12.465  -5.939  1.00 1.00 ? 65 U   A C6    1 
ATOM   1387 P P     . C   A 1 66 ? -10.693 17.612  -4.975  1.00 1.00 ? 66 C   A P     1 
ATOM   1388 O OP1   . C   A 1 66 ? -10.632 19.082  -4.720  1.00 1.00 ? 66 C   A OP1   1 
ATOM   1389 O OP2   . C   A 1 66 ? -11.190 17.303  -6.350  1.00 1.00 ? 66 C   A OP2   1 
ATOM   1390 O "O5'" . C   A 1 66 ? -9.334  16.905  -4.559  1.00 1.00 ? 66 C   A "O5'" 1 
ATOM   1391 C "C5'" . C   A 1 66 ? -8.629  17.261  -3.347  1.00 1.00 ? 66 C   A "C5'" 1 
ATOM   1392 C "C4'" . C   A 1 66 ? -7.356  16.445  -3.382  1.00 1.00 ? 66 C   A "C4'" 1 
ATOM   1393 O "O4'" . C   A 1 66 ? -7.682  15.074  -3.451  1.00 1.00 ? 66 C   A "O4'" 1 
ATOM   1394 C "C3'" . C   A 1 66 ? -6.499  16.675  -4.627  1.00 1.00 ? 66 C   A "C3'" 1 
ATOM   1395 O "O3'" . C   A 1 66 ? -5.745  17.860  -4.549  1.00 1.00 ? 66 C   A "O3'" 1 
ATOM   1396 C "C2'" . C   A 1 66 ? -5.658  15.386  -4.653  1.00 1.00 ? 66 C   A "C2'" 1 
ATOM   1397 O "O2'" . C   A 1 66 ? -4.637  15.552  -3.692  1.00 1.00 ? 66 C   A "O2'" 1 
ATOM   1398 C "C1'" . C   A 1 66 ? -6.705  14.374  -4.213  1.00 1.00 ? 66 C   A "C1'" 1 
ATOM   1399 N N1    . C   A 1 66 ? -7.313  13.762  -5.398  1.00 1.00 ? 66 C   A N1    1 
ATOM   1400 C C2    . C   A 1 66 ? -6.610  12.771  -6.058  1.00 1.00 ? 66 C   A C2    1 
ATOM   1401 O O2    . C   A 1 66 ? -5.515  12.425  -5.649  1.00 1.00 ? 66 C   A O2    1 
ATOM   1402 N N3    . C   A 1 66 ? -7.202  12.220  -7.167  1.00 1.00 ? 66 C   A N3    1 
ATOM   1403 C C4    . C   A 1 66 ? -8.415  12.600  -7.622  1.00 1.00 ? 66 C   A C4    1 
ATOM   1404 N N4    . C   A 1 66 ? -8.931  12.023  -8.707  1.00 1.00 ? 66 C   A N4    1 
ATOM   1405 C C5    . C   A 1 66 ? -9.125  13.623  -6.933  1.00 1.00 ? 66 C   A C5    1 
ATOM   1406 C C6    . C   A 1 66 ? -8.546  14.161  -5.855  1.00 1.00 ? 66 C   A C6    1 
ATOM   1407 P P     . G   A 1 67 ? -5.039  18.517  -5.835  1.00 1.00 ? 67 G   A P     1 
ATOM   1408 O OP1   . G   A 1 67 ? -4.441  19.855  -5.531  1.00 1.00 ? 67 G   A OP1   1 
ATOM   1409 O OP2   . G   A 1 67 ? -6.143  18.625  -6.822  1.00 1.00 ? 67 G   A OP2   1 
ATOM   1410 O "O5'" . G   A 1 67 ? -3.907  17.438  -6.124  1.00 1.00 ? 67 G   A "O5'" 1 
ATOM   1411 C "C5'" . G   A 1 67 ? -2.703  17.606  -5.298  1.00 1.00 ? 67 G   A "C5'" 1 
ATOM   1412 C "C4'" . G   A 1 67 ? -1.703  16.704  -5.980  1.00 1.00 ? 67 G   A "C4'" 1 
ATOM   1413 O "O4'" . G   A 1 67 ? -2.158  15.370  -5.868  1.00 1.00 ? 67 G   A "O4'" 1 
ATOM   1414 C "C3'" . G   A 1 67 ? -1.579  16.931  -7.494  1.00 1.00 ? 67 G   A "C3'" 1 
ATOM   1415 O "O3'" . G   A 1 67 ? -0.774  18.036  -7.814  1.00 1.00 ? 67 G   A "O3'" 1 
ATOM   1416 C "C2'" . G   A 1 67 ? -0.992  15.582  -7.909  1.00 1.00 ? 67 G   A "C2'" 1 
ATOM   1417 O "O2'" . G   A 1 67 ? 0.380   15.637  -7.553  1.00 1.00 ? 67 G   A "O2'" 1 
ATOM   1418 C "C1'" . G   A 1 67 ? -1.773  14.636  -7.014  1.00 1.00 ? 67 G   A "C1'" 1 
ATOM   1419 N N9    . G   A 1 67 ? -2.962  14.155  -7.747  1.00 1.00 ? 67 G   A N9    1 
ATOM   1420 C C8    . G   A 1 67 ? -4.274  14.504  -7.541  1.00 1.00 ? 67 G   A C8    1 
ATOM   1421 N N7    . G   A 1 67 ? -5.118  13.910  -8.355  1.00 1.00 ? 67 G   A N7    1 
ATOM   1422 C C5    . G   A 1 67 ? -4.298  13.117  -9.153  1.00 1.00 ? 67 G   A C5    1 
ATOM   1423 C C6    . G   A 1 67 ? -4.597  12.235  -10.221 1.00 1.00 ? 67 G   A C6    1 
ATOM   1424 O O6    . G   A 1 67 ? -5.688  11.947  -10.724 1.00 1.00 ? 67 G   A O6    1 
ATOM   1425 N N1    . G   A 1 67 ? -3.490  11.636  -10.755 1.00 1.00 ? 67 G   A N1    1 
ATOM   1426 C C2    . G   A 1 67 ? -2.228  11.851  -10.312 1.00 1.00 ? 67 G   A C2    1 
ATOM   1427 N N2    . G   A 1 67 ? -1.276  11.164  -10.973 1.00 1.00 ? 67 G   A N2    1 
ATOM   1428 N N3    . G   A 1 67 ? -1.890  12.666  -9.321  1.00 1.00 ? 67 G   A N3    1 
ATOM   1429 C C4    . G   A 1 67 ? -2.979  13.264  -8.787  1.00 1.00 ? 67 G   A C4    1 
ATOM   1430 P P     . C   A 1 68 ? -0.020  18.426  -9.165  1.00 1.00 ? 68 C   A P     1 
ATOM   1431 O OP1   . C   A 1 68 ? 1.272   19.142  -8.889  1.00 1.00 ? 68 C   A OP1   1 
ATOM   1432 O OP2   . C   A 1 68 ? -0.983  19.318  -9.868  1.00 1.00 ? 68 C   A OP2   1 
ATOM   1433 O "O5'" . C   A 1 68 ? 0.240   17.029  -9.877  1.00 1.00 ? 68 C   A "O5'" 1 
ATOM   1434 C "C5'" . C   A 1 68 ? 1.550   16.398  -9.850  1.00 1.00 ? 68 C   A "C5'" 1 
ATOM   1435 C "C4'" . C   A 1 68 ? 1.608   15.522  -11.082 1.00 1.00 ? 68 C   A "C4'" 1 
ATOM   1436 O "O4'" . C   A 1 68 ? 0.554   14.566  -11.040 1.00 1.00 ? 68 C   A "O4'" 1 
ATOM   1437 C "C3'" . C   A 1 68 ? 1.377   16.252  -12.400 1.00 1.00 ? 68 C   A "C3'" 1 
ATOM   1438 O "O3'" . C   A 1 68 ? 2.498   16.977  -12.885 1.00 1.00 ? 68 C   A "O3'" 1 
ATOM   1439 C "C2'" . C   A 1 68 ? 0.983   15.084  -13.314 1.00 1.00 ? 68 C   A "C2'" 1 
ATOM   1440 O "O2'" . C   A 1 68 ? 2.187   14.432  -13.667 1.00 1.00 ? 68 C   A "O2'" 1 
ATOM   1441 C "C1'" . C   A 1 68 ? 0.133   14.259  -12.364 1.00 1.00 ? 68 C   A "C1'" 1 
ATOM   1442 N N1    . C   A 1 68 ? -1.292  14.594  -12.560 1.00 1.00 ? 68 C   A N1    1 
ATOM   1443 C C2    . C   A 1 68 ? -1.983  13.915  -13.553 1.00 1.00 ? 68 C   A C2    1 
ATOM   1444 O O2    . C   A 1 68 ? -1.412  13.061  -14.233 1.00 1.00 ? 68 C   A O2    1 
ATOM   1445 N N3    . C   A 1 68 ? -3.299  14.216  -13.748 1.00 1.00 ? 68 C   A N3    1 
ATOM   1446 C C4    . C   A 1 68 ? -3.937  15.155  -13.007 1.00 1.00 ? 68 C   A C4    1 
ATOM   1447 N N4    . C   A 1 68 ? -5.223  15.415  -13.241 1.00 1.00 ? 68 C   A N4    1 
ATOM   1448 C C5    . C   A 1 68 ? -3.226  15.850  -11.993 1.00 1.00 ? 68 C   A C5    1 
ATOM   1449 C C6    . C   A 1 68 ? -1.933  15.539  -11.816 1.00 1.00 ? 68 C   A C6    1 
ATOM   1450 P P     . G   A 1 69 ? 2.222   18.326  -13.727 1.00 1.00 ? 69 G   A P     1 
ATOM   1451 O OP1   . G   A 1 69 ? 3.311   19.350  -13.642 1.00 1.00 ? 69 G   A OP1   1 
ATOM   1452 O OP2   . G   A 1 69 ? 0.967   18.822  -13.090 1.00 1.00 ? 69 G   A OP2   1 
ATOM   1453 O "O5'" . G   A 1 69 ? 2.131   17.778  -15.221 1.00 1.00 ? 69 G   A "O5'" 1 
ATOM   1454 C "C5'" . G   A 1 69 ? 3.086   16.767  -15.677 1.00 1.00 ? 69 G   A "C5'" 1 
ATOM   1455 C "C4'" . G   A 1 69 ? 2.446   16.198  -16.909 1.00 1.00 ? 69 G   A "C4'" 1 
ATOM   1456 O "O4'" . G   A 1 69 ? 1.498   15.199  -16.554 1.00 1.00 ? 69 G   A "O4'" 1 
ATOM   1457 C "C3'" . G   A 1 69 ? 1.599   17.217  -17.695 1.00 1.00 ? 69 G   A "C3'" 1 
ATOM   1458 O "O3'" . G   A 1 69 ? 2.395   18.099  -18.479 1.00 1.00 ? 69 G   A "O3'" 1 
ATOM   1459 C "C2'" . G   A 1 69 ? 0.709   16.295  -18.518 1.00 1.00 ? 69 G   A "C2'" 1 
ATOM   1460 O "O2'" . G   A 1 69 ? 1.475   15.813  -19.610 1.00 1.00 ? 69 G   A "O2'" 1 
ATOM   1461 C "C1'" . G   A 1 69 ? 0.426   15.204  -17.505 1.00 1.00 ? 69 G   A "C1'" 1 
ATOM   1462 N N9    . G   A 1 69 ? -0.850  15.471  -16.827 1.00 1.00 ? 69 G   A N9    1 
ATOM   1463 C C8    . G   A 1 69 ? -1.033  16.011  -15.583 1.00 1.00 ? 69 G   A C8    1 
ATOM   1464 N N7    . G   A 1 69 ? -2.285  16.125  -15.232 1.00 1.00 ? 69 G   A N7    1 
ATOM   1465 C C5    . G   A 1 69 ? -2.978  15.621  -16.332 1.00 1.00 ? 69 G   A C5    1 
ATOM   1466 C C6    . G   A 1 69 ? -4.361  15.467  -16.581 1.00 1.00 ? 69 G   A C6    1 
ATOM   1467 O O6    . G   A 1 69 ? -5.300  15.771  -15.832 1.00 1.00 ? 69 G   A O6    1 
ATOM   1468 N N1    . G   A 1 69 ? -4.659  14.919  -17.807 1.00 1.00 ? 69 G   A N1    1 
ATOM   1469 C C2    . G   A 1 69 ? -3.712  14.556  -18.705 1.00 1.00 ? 69 G   A C2    1 
ATOM   1470 N N2    . G   A 1 69 ? -4.152  14.040  -19.847 1.00 1.00 ? 69 G   A N2    1 
ATOM   1471 N N3    . G   A 1 69 ? -2.392  14.677  -18.517 1.00 1.00 ? 69 G   A N3    1 
ATOM   1472 C C4    . G   A 1 69 ? -2.097  15.219  -17.313 1.00 1.00 ? 69 G   A C4    1 
ATOM   1473 P P     . G   A 1 70 ? 1.781   19.131  -19.553 1.00 1.00 ? 70 G   A P     1 
ATOM   1474 O OP1   . G   A 1 70 ? 2.887   19.817  -20.302 1.00 1.00 ? 70 G   A OP1   1 
ATOM   1475 O OP2   . G   A 1 70 ? 0.997   20.075  -18.710 1.00 1.00 ? 70 G   A OP2   1 
ATOM   1476 O "O5'" . G   A 1 70 ? 0.867   18.210  -20.482 1.00 1.00 ? 70 G   A "O5'" 1 
ATOM   1477 C "C5'" . G   A 1 70 ? 1.237   17.907  -21.848 1.00 1.00 ? 70 G   A "C5'" 1 
ATOM   1478 C "C4'" . G   A 1 70 ? -0.035  17.544  -22.592 1.00 1.00 ? 70 G   A "C4'" 1 
ATOM   1479 O "O4'" . G   A 1 70 ? -0.890  16.760  -21.765 1.00 1.00 ? 70 G   A "O4'" 1 
ATOM   1480 C "C3'" . G   A 1 70 ? -0.930  18.728  -22.982 1.00 1.00 ? 70 G   A "C3'" 1 
ATOM   1481 O "O3'" . G   A 1 70 ? -0.458  19.443  -24.122 1.00 1.00 ? 70 G   A "O3'" 1 
ATOM   1482 C "C2'" . G   A 1 70 ? -2.262  18.016  -23.219 1.00 1.00 ? 70 G   A "C2'" 1 
ATOM   1483 O "O2'" . G   A 1 70 ? -2.152  17.403  -24.500 1.00 1.00 ? 70 G   A "O2'" 1 
ATOM   1484 C "C1'" . G   A 1 70 ? -2.269  16.999  -22.104 1.00 1.00 ? 70 G   A "C1'" 1 
ATOM   1485 N N9    . G   A 1 70 ? -3.016  17.458  -20.917 1.00 1.00 ? 70 G   A N9    1 
ATOM   1486 C C8    . G   A 1 70 ? -2.512  17.820  -19.690 1.00 1.00 ? 70 G   A C8    1 
ATOM   1487 N N7    . G   A 1 70 ? -3.424  18.184  -18.824 1.00 1.00 ? 70 G   A N7    1 
ATOM   1488 C C5    . G   A 1 70 ? -4.616  18.052  -19.531 1.00 1.00 ? 70 G   A C5    1 
ATOM   1489 C C6    . G   A 1 70 ? -5.962  18.295  -19.147 1.00 1.00 ? 70 G   A C6    1 
ATOM   1490 O O6    . G   A 1 70 ? -6.351  18.691  -18.047 1.00 1.00 ? 70 G   A O6    1 
ATOM   1491 N N1    . G   A 1 70 ? -6.884  18.050  -20.135 1.00 1.00 ? 70 G   A N1    1 
ATOM   1492 C C2    . G   A 1 70 ? -6.529  17.612  -21.376 1.00 1.00 ? 70 G   A C2    1 
ATOM   1493 N N2    . G   A 1 70 ? -7.536  17.417  -22.233 1.00 1.00 ? 70 G   A N2    1 
ATOM   1494 N N3    . G   A 1 70 ? -5.277  17.368  -21.779 1.00 1.00 ? 70 G   A N3    1 
ATOM   1495 C C4    . G   A 1 70 ? -4.377  17.613  -20.811 1.00 1.00 ? 70 G   A C4    1 
ATOM   1496 P P     . A   A 1 71 ? -1.381  20.630  -24.706 1.00 1.00 ? 71 A   A P     1 
ATOM   1497 O OP1   . A   A 1 71 ? -0.773  21.306  -25.888 1.00 1.00 ? 71 A   A OP1   1 
ATOM   1498 O OP2   . A   A 1 71 ? -1.512  21.544  -23.536 1.00 1.00 ? 71 A   A OP2   1 
ATOM   1499 O "O5'" . A   A 1 71 ? -2.734  19.867  -25.075 1.00 1.00 ? 71 A   A "O5'" 1 
ATOM   1500 C "C5'" . A   A 1 71 ? -3.090  19.519  -26.438 1.00 1.00 ? 71 A   A "C5'" 1 
ATOM   1501 C "C4'" . A   A 1 71 ? -4.609  19.610  -26.463 1.00 1.00 ? 71 A   A "C4'" 1 
ATOM   1502 O "O4'" . A   A 1 71 ? -5.131  18.959  -25.317 1.00 1.00 ? 71 A   A "O4'" 1 
ATOM   1503 C "C3'" . A   A 1 71 ? -5.172  21.022  -26.348 1.00 1.00 ? 71 A   A "C3'" 1 
ATOM   1504 O "O3'" . A   A 1 71 ? -5.145  21.754  -27.569 1.00 1.00 ? 71 A   A "O3'" 1 
ATOM   1505 C "C2'" . A   A 1 71 ? -6.606  20.733  -25.871 1.00 1.00 ? 71 A   A "C2'" 1 
ATOM   1506 O "O2'" . A   A 1 71 ? -7.342  20.303  -27.008 1.00 1.00 ? 71 A   A "O2'" 1 
ATOM   1507 C "C1'" . A   A 1 71 ? -6.360  19.602  -24.918 1.00 1.00 ? 71 A   A "C1'" 1 
ATOM   1508 N N9    . A   A 1 71 ? -6.213  20.053  -23.524 1.00 1.00 ? 71 A   A N9    1 
ATOM   1509 C C8    . A   A 1 71 ? -5.050  20.139  -22.783 1.00 1.00 ? 71 A   A C8    1 
ATOM   1510 N N7    . A   A 1 71 ? -5.239  20.562  -21.555 1.00 1.00 ? 71 A   A N7    1 
ATOM   1511 C C5    . A   A 1 71 ? -6.606  20.770  -21.483 1.00 1.00 ? 71 A   A C5    1 
ATOM   1512 C C6    . A   A 1 71 ? -7.433  21.228  -20.430 1.00 1.00 ? 71 A   A C6    1 
ATOM   1513 N N6    . A   A 1 71 ? -6.997  21.563  -19.229 1.00 1.00 ? 71 A   A N6    1 
ATOM   1514 N N1    . A   A 1 71 ? -8.761  21.310  -20.722 1.00 1.00 ? 71 A   A N1    1 
ATOM   1515 C C2    . A   A 1 71 ? -9.243  20.973  -21.961 1.00 1.00 ? 71 A   A C2    1 
ATOM   1516 N N3    . A   A 1 71 ? -8.522  20.538  -22.991 1.00 1.00 ? 71 A   A N3    1 
ATOM   1517 C C4    . A   A 1 71 ? -7.218  20.455  -22.687 1.00 1.00 ? 71 A   A C4    1 
ATOM   1518 P P     . G   A 1 72 ? -5.629  23.295  -27.476 1.00 1.00 ? 72 G   A P     1 
ATOM   1519 O OP1   . G   A 1 72 ? -5.372  23.986  -28.780 1.00 1.00 ? 72 G   A OP1   1 
ATOM   1520 O OP2   . G   A 1 72 ? -4.718  23.810  -26.395 1.00 1.00 ? 72 G   A OP2   1 
ATOM   1521 O "O5'" . G   A 1 72 ? -7.145  23.201  -27.032 1.00 1.00 ? 72 G   A "O5'" 1 
ATOM   1522 C "C5'" . G   A 1 72 ? -8.238  22.682  -27.828 1.00 1.00 ? 72 G   A "C5'" 1 
ATOM   1523 C "C4'" . G   A 1 72 ? -9.494  22.873  -27.012 1.00 1.00 ? 72 G   A "C4'" 1 
ATOM   1524 O "O4'" . G   A 1 72 ? -9.316  22.269  -25.731 1.00 1.00 ? 72 G   A "O4'" 1 
ATOM   1525 C "C3'" . G   A 1 72 ? -9.846  24.323  -26.669 1.00 1.00 ? 72 G   A "C3'" 1 
ATOM   1526 O "O3'" . G   A 1 72 ? -10.452 25.048  -27.729 1.00 1.00 ? 72 G   A "O3'" 1 
ATOM   1527 C "C2'" . G   A 1 72 ? -10.774 24.112  -25.459 1.00 1.00 ? 72 G   A "C2'" 1 
ATOM   1528 O "O2'" . G   A 1 72 ? -12.042 23.728  -25.994 1.00 1.00 ? 72 G   A "O2'" 1 
ATOM   1529 C "C1'" . G   A 1 72 ? -10.088 22.958  -24.747 1.00 1.00 ? 72 G   A "C1'" 1 
ATOM   1530 N N9    . G   A 1 72 ? -9.250  23.506  -23.669 1.00 1.00 ? 72 G   A N9    1 
ATOM   1531 C C8    . G   A 1 72 ? -7.873  23.627  -23.668 1.00 1.00 ? 72 G   A C8    1 
ATOM   1532 N N7    . G   A 1 72 ? -7.387  24.158  -22.582 1.00 1.00 ? 72 G   A N7    1 
ATOM   1533 C C5    . G   A 1 72 ? -8.511  24.409  -21.798 1.00 1.00 ? 72 G   A C5    1 
ATOM   1534 C C6    . G   A 1 72 ? -8.642  24.978  -20.501 1.00 1.00 ? 72 G   A C6    1 
ATOM   1535 O O6    . G   A 1 72 ? -7.744  25.385  -19.757 1.00 1.00 ? 72 G   A O6    1 
ATOM   1536 N N1    . G   A 1 72 ? -9.933  25.072  -20.048 1.00 1.00 ? 72 G   A N1    1 
ATOM   1537 C C2    . G   A 1 72 ? -10.998 24.652  -20.800 1.00 1.00 ? 72 G   A C2    1 
ATOM   1538 N N2    . G   A 1 72 ? -12.181 24.816  -20.192 1.00 1.00 ? 72 G   A N2    1 
ATOM   1539 N N3    . G   A 1 72 ? -10.931 24.105  -22.023 1.00 1.00 ? 72 G   A N3    1 
ATOM   1540 C C4    . G   A 1 72 ? -9.654  24.017  -22.454 1.00 1.00 ? 72 G   A C4    1 
ATOM   1541 P P     . C   A 1 73 ? -10.156 26.553  -27.887 1.00 1.00 ? 73 C   A P     1 
ATOM   1542 O OP1   . C   A 1 73 ? -10.667 27.092  -29.177 1.00 1.00 ? 73 C   A OP1   1 
ATOM   1543 O OP2   . C   A 1 73 ? -8.630  26.831  -27.768 1.00 1.00 ? 73 C   A OP2   1 
ATOM   1544 O "O5'" . C   A 1 73 ? -10.875 27.150  -26.605 1.00 1.00 ? 73 C   A "O5'" 1 
ATOM   1545 C "C5'" . C   A 1 73 ? -12.395 27.328  -26.656 1.00 1.00 ? 73 C   A "C5'" 1 
ATOM   1546 C "C4'" . C   A 1 73 ? -12.871 27.793  -25.365 1.00 1.00 ? 73 C   A "C4'" 1 
ATOM   1547 O "O4'" . C   A 1 73 ? -12.302 27.044  -24.324 1.00 1.00 ? 73 C   A "O4'" 1 
ATOM   1548 C "C3'" . C   A 1 73 ? -12.476 29.263  -25.051 1.00 1.00 ? 73 C   A "C3'" 1 
ATOM   1549 O "O3'" . C   A 1 73 ? -13.353 30.262  -25.661 1.00 1.00 ? 73 C   A "O3'" 1 
ATOM   1550 C "C2'" . C   A 1 73 ? -12.574 29.286  -23.504 1.00 1.00 ? 73 C   A "C2'" 1 
ATOM   1551 O "O2'" . C   A 1 73 ? -13.930 29.527  -23.040 1.00 1.00 ? 73 C   A "O2'" 1 
ATOM   1552 C "C1'" . C   A 1 73 ? -12.091 27.866  -23.117 1.00 1.00 ? 73 C   A "C1'" 1 
ATOM   1553 N N1    . C   A 1 73 ? -10.594 27.810  -22.853 1.00 1.00 ? 73 C   A N1    1 
ATOM   1554 C C2    . C   A 1 73 ? -10.102 28.412  -21.674 1.00 1.00 ? 73 C   A C2    1 
ATOM   1555 O O2    . C   A 1 73 ? -10.859 28.883  -20.896 1.00 1.00 ? 73 C   A O2    1 
ATOM   1556 N N3    . C   A 1 73 ? -8.728  28.289  -21.390 1.00 1.00 ? 73 C   A N3    1 
ATOM   1557 C C4    . C   A 1 73 ? -7.922  27.742  -22.201 1.00 1.00 ? 73 C   A C4    1 
ATOM   1558 N N4    . C   A 1 73 ? -6.677  27.688  -21.926 1.00 1.00 ? 73 C   A N4    1 
ATOM   1559 C C5    . C   A 1 73 ? -8.352  27.109  -23.508 1.00 1.00 ? 73 C   A C5    1 
ATOM   1560 C C6    . C   A 1 73 ? -9.762  27.176  -23.714 1.00 1.00 ? 73 C   A C6    1 
ATOM   1561 P P     . C   A 1 74 ? -12.687 31.538  -26.151 1.00 1.00 ? 74 C   A P     1 
ATOM   1562 O OP1   . C   A 1 74 ? -13.838 32.476  -26.662 1.00 1.00 ? 74 C   A OP1   1 
ATOM   1563 O OP2   . C   A 1 74 ? -11.703 31.294  -27.177 1.00 1.00 ? 74 C   A OP2   1 
ATOM   1564 O "O5'" . C   A 1 74 ? -12.018 32.166  -24.864 1.00 1.00 ? 74 C   A "O5'" 1 
ATOM   1565 C "C5'" . C   A 1 74 ? -12.841 32.708  -23.812 1.00 1.00 ? 74 C   A "C5'" 1 
ATOM   1566 C "C4'" . C   A 1 74 ? -12.058 33.223  -22.688 1.00 1.00 ? 74 C   A "C4'" 1 
ATOM   1567 O "O4'" . C   A 1 74 ? -11.199 32.052  -22.209 1.00 1.00 ? 74 C   A "O4'" 1 
ATOM   1568 C "C3'" . C   A 1 74 ? -10.982 34.252  -23.032 1.00 1.00 ? 74 C   A "C3'" 1 
ATOM   1569 O "O3'" . C   A 1 74 ? -11.556 35.560  -23.019 1.00 1.00 ? 74 C   A "O3'" 1 
ATOM   1570 C "C2'" . C   A 1 74 ? -9.955  34.044  -21.914 1.00 1.00 ? 74 C   A "C2'" 1 
ATOM   1571 O "O2'" . C   A 1 74 ? -10.307 34.710  -20.683 1.00 1.00 ? 74 C   A "O2'" 1 
ATOM   1572 C "C1'" . C   A 1 74 ? -9.941  32.489  -21.705 1.00 1.00 ? 74 C   A "C1'" 1 
ATOM   1573 N N1    . C   A 1 74 ? -8.982  31.786  -22.556 1.00 1.00 ? 74 C   A N1    1 
ATOM   1574 C C2    . C   A 1 74 ? -7.595  31.846  -22.135 1.00 1.00 ? 74 C   A C2    1 
ATOM   1575 O O2    . C   A 1 74 ? -7.359  32.406  -21.104 1.00 1.00 ? 74 C   A O2    1 
ATOM   1576 N N3    . C   A 1 74 ? -6.708  31.165  -22.868 1.00 1.00 ? 74 C   A N3    1 
ATOM   1577 C C4    . C   A 1 74 ? -7.031  30.460  -23.917 1.00 1.00 ? 74 C   A C4    1 
ATOM   1578 N N4    . C   A 1 74 ? -6.022  29.853  -24.669 1.00 1.00 ? 74 C   A N4    1 
ATOM   1579 C C5    . C   A 1 74 ? -8.383  30.452  -24.411 1.00 1.00 ? 74 C   A C5    1 
ATOM   1580 C C6    . C   A 1 74 ? -9.305  31.080  -23.604 1.00 1.00 ? 74 C   A C6    1 
ATOM   1581 P P     . A   A 1 75 ? -10.927 36.567  -23.971 1.00 1.00 ? 75 A   A P     1 
ATOM   1582 O OP1   . A   A 1 75 ? -11.622 37.984  -23.810 1.00 1.00 ? 75 A   A OP1   1 
ATOM   1583 O OP2   . A   A 1 75 ? -10.869 36.077  -25.347 1.00 1.00 ? 75 A   A OP2   1 
ATOM   1584 O "O5'" . A   A 1 75 ? -9.410  36.742  -23.416 1.00 1.00 ? 75 A   A "O5'" 1 
ATOM   1585 C "C5'" . A   A 1 75 ? -9.158  37.340  -22.216 1.00 1.00 ? 75 A   A "C5'" 1 
ATOM   1586 C "C4'" . A   A 1 75 ? -7.656  37.329  -21.793 1.00 1.00 ? 75 A   A "C4'" 1 
ATOM   1587 O "O4'" . A   A 1 75 ? -7.248  35.857  -21.864 1.00 1.00 ? 75 A   A "O4'" 1 
ATOM   1588 C "C3'" . A   A 1 75 ? -6.744  37.985  -22.740 1.00 1.00 ? 75 A   A "C3'" 1 
ATOM   1589 O "O3'" . A   A 1 75 ? -6.638  39.359  -22.501 1.00 1.00 ? 75 A   A "O3'" 1 
ATOM   1590 C "C2'" . A   A 1 75 ? -5.428  37.172  -22.578 1.00 1.00 ? 75 A   A "C2'" 1 
ATOM   1591 O "O2'" . A   A 1 75 ? -4.683  37.776  -21.417 1.00 1.00 ? 75 A   A "O2'" 1 
ATOM   1592 C "C1'" . A   A 1 75 ? -5.933  35.842  -22.321 1.00 1.00 ? 75 A   A "C1'" 1 
ATOM   1593 N N9    . A   A 1 75 ? -5.905  35.025  -23.548 1.00 1.00 ? 75 A   A N9    1 
ATOM   1594 C C8    . A   A 1 75 ? -6.983  34.714  -24.402 1.00 1.00 ? 75 A   A C8    1 
ATOM   1595 N N7    . A   A 1 75 ? -6.664  34.033  -25.390 1.00 1.00 ? 75 A   A N7    1 
ATOM   1596 C C5    . A   A 1 75 ? -5.292  33.869  -25.271 1.00 1.00 ? 75 A   A C5    1 
ATOM   1597 C C6    . A   A 1 75 ? -4.369  33.109  -26.043 1.00 1.00 ? 75 A   A C6    1 
ATOM   1598 N N6    . A   A 1 75 ? -4.658  32.456  -27.166 1.00 1.00 ? 75 A   A N6    1 
ATOM   1599 N N1    . A   A 1 75 ? -3.072  33.155  -25.674 1.00 1.00 ? 75 A   A N1    1 
ATOM   1600 C C2    . A   A 1 75 ? -2.783  33.808  -24.552 1.00 1.00 ? 75 A   A C2    1 
ATOM   1601 N N3    . A   A 1 75 ? -3.504  34.517  -23.722 1.00 1.00 ? 75 A   A N3    1 
ATOM   1602 C C4    . A   A 1 75 ? -4.877  34.458  -24.136 1.00 1.00 ? 75 A   A C4    1 
# 
